data_1IIO
#
_entry.id   1IIO
#
_cell.length_a   1
_cell.length_b   1
_cell.length_c   1
_cell.angle_alpha   90
_cell.angle_beta   90
_cell.angle_gamma   90
#
_entity_poly.entity_id   1
_entity_poly.type   'polypeptide(L)'
_entity_poly.pdbx_seq_one_letter_code
;GSHMKMGVKEDIRGQIIGALAGADFPINSPEELMAALPNGPDTTCKSGDVELKASDAGQVLTADDFPFKSAEEVADTIVN
KAGL
;
_entity_poly.pdbx_strand_id   A
#
# COMPACT_ATOMS: atom_id res chain seq x y z
N GLY A 1 -13.82 -16.40 0.05
CA GLY A 1 -12.64 -16.47 0.96
C GLY A 1 -11.48 -17.21 0.35
N SER A 2 -11.77 -18.35 -0.28
CA SER A 2 -10.73 -19.15 -0.91
C SER A 2 -10.01 -18.36 -2.00
N HIS A 3 -8.68 -18.49 -2.04
CA HIS A 3 -7.87 -17.79 -3.02
C HIS A 3 -6.52 -18.48 -3.21
N MET A 4 -6.13 -18.69 -4.47
CA MET A 4 -4.87 -19.35 -4.77
C MET A 4 -3.68 -18.49 -4.35
N LYS A 5 -3.71 -17.21 -4.71
CA LYS A 5 -2.64 -16.28 -4.36
C LYS A 5 -1.32 -16.72 -4.99
N MET A 6 -0.66 -15.81 -5.68
CA MET A 6 0.61 -16.11 -6.32
C MET A 6 1.70 -16.34 -5.29
N GLY A 7 1.88 -15.37 -4.39
CA GLY A 7 2.90 -15.51 -3.37
C GLY A 7 3.44 -14.16 -2.92
N VAL A 8 3.60 -13.24 -3.86
CA VAL A 8 4.12 -11.92 -3.58
C VAL A 8 3.17 -11.10 -2.71
N LYS A 9 1.97 -11.61 -2.43
CA LYS A 9 1.03 -10.84 -1.62
C LYS A 9 1.77 -10.24 -0.44
N GLU A 10 2.56 -11.08 0.23
CA GLU A 10 3.36 -10.62 1.35
C GLU A 10 4.60 -9.86 0.86
N ASP A 11 5.13 -10.26 -0.30
CA ASP A 11 6.33 -9.63 -0.86
C ASP A 11 6.10 -8.16 -1.24
N ILE A 12 5.06 -7.90 -2.02
CA ILE A 12 4.72 -6.55 -2.42
C ILE A 12 4.29 -5.77 -1.19
N ARG A 13 3.45 -6.39 -0.37
CA ARG A 13 3.00 -5.77 0.87
C ARG A 13 4.22 -5.41 1.70
N GLY A 14 5.27 -6.20 1.54
CA GLY A 14 6.50 -5.93 2.26
C GLY A 14 7.08 -4.61 1.79
N GLN A 15 6.98 -4.41 0.49
CA GLN A 15 7.44 -3.17 -0.13
C GLN A 15 6.54 -2.02 0.29
N ILE A 16 5.27 -2.34 0.52
CA ILE A 16 4.29 -1.33 0.92
C ILE A 16 4.53 -0.86 2.36
N ILE A 17 4.77 -1.81 3.26
CA ILE A 17 5.03 -1.48 4.65
C ILE A 17 6.22 -0.55 4.77
N GLY A 18 7.34 -0.95 4.18
CA GLY A 18 8.53 -0.11 4.20
C GLY A 18 8.30 1.18 3.45
N ALA A 19 7.55 1.07 2.36
CA ALA A 19 7.22 2.22 1.52
C ALA A 19 6.41 3.24 2.30
N LEU A 20 5.63 2.77 3.25
CA LEU A 20 4.79 3.62 4.08
C LEU A 20 5.60 4.27 5.19
N ALA A 21 6.64 3.57 5.62
CA ALA A 21 7.50 4.06 6.69
C ALA A 21 8.07 5.43 6.32
N GLY A 22 7.98 6.38 7.26
CA GLY A 22 8.50 7.71 7.01
C GLY A 22 7.41 8.77 7.01
N ALA A 23 6.23 8.40 6.52
CA ALA A 23 5.10 9.33 6.45
C ALA A 23 4.86 10.01 7.79
N ASP A 24 3.84 10.86 7.82
CA ASP A 24 3.45 11.55 9.05
C ASP A 24 3.10 10.50 10.10
N PHE A 25 1.87 10.51 10.61
CA PHE A 25 1.50 9.47 11.56
C PHE A 25 1.64 8.14 10.83
N PRO A 26 1.39 7.00 11.46
CA PRO A 26 1.51 5.73 10.78
C PRO A 26 0.49 5.57 9.65
N ILE A 27 0.61 6.41 8.60
CA ILE A 27 -0.26 6.36 7.40
C ILE A 27 -1.28 7.52 7.28
N ASN A 28 -0.79 8.74 7.20
CA ASN A 28 -1.64 9.93 7.04
C ASN A 28 -2.40 9.93 5.73
N SER A 29 -3.30 8.97 5.55
CA SER A 29 -4.05 8.88 4.32
C SER A 29 -3.10 8.76 3.14
N PRO A 30 -3.54 8.21 2.02
CA PRO A 30 -2.68 8.04 0.86
C PRO A 30 -1.95 9.31 0.49
N GLU A 31 -2.56 10.47 0.72
CA GLU A 31 -1.90 11.72 0.39
C GLU A 31 -0.51 11.77 1.04
N GLU A 32 -0.49 11.63 2.36
CA GLU A 32 0.74 11.68 3.12
C GLU A 32 1.56 10.40 3.01
N LEU A 33 0.95 9.28 3.40
CA LEU A 33 1.66 8.01 3.36
C LEU A 33 2.29 7.81 1.99
N MET A 34 1.53 8.10 0.94
CA MET A 34 2.04 8.01 -0.41
C MET A 34 3.13 9.04 -0.58
N ALA A 35 3.01 10.16 0.14
CA ALA A 35 4.01 11.22 0.08
C ALA A 35 5.32 10.76 0.69
N ALA A 36 5.22 9.90 1.71
CA ALA A 36 6.40 9.39 2.41
C ALA A 36 7.22 8.45 1.54
N LEU A 37 6.55 7.62 0.75
CA LEU A 37 7.22 6.65 -0.12
C LEU A 37 8.63 7.11 -0.50
N PRO A 38 9.64 6.23 -0.33
CA PRO A 38 11.05 6.52 -0.61
C PRO A 38 11.32 6.98 -2.04
N ASN A 39 10.50 6.55 -2.98
CA ASN A 39 10.67 6.91 -4.38
C ASN A 39 10.32 8.37 -4.65
N GLY A 40 9.43 8.93 -3.84
CA GLY A 40 9.04 10.32 -4.02
C GLY A 40 7.70 10.47 -4.73
N PRO A 41 7.65 10.23 -6.06
CA PRO A 41 6.42 10.34 -6.83
C PRO A 41 5.57 9.07 -6.76
N ASP A 42 5.39 8.55 -5.55
CA ASP A 42 4.61 7.35 -5.32
C ASP A 42 5.26 6.12 -5.96
N THR A 43 6.03 5.39 -5.16
CA THR A 43 6.72 4.19 -5.64
C THR A 43 5.73 3.09 -5.99
N THR A 44 6.06 2.32 -7.02
CA THR A 44 5.22 1.21 -7.44
C THR A 44 5.84 -0.13 -7.05
N CYS A 45 5.11 -0.90 -6.26
CA CYS A 45 5.59 -2.21 -5.81
C CYS A 45 5.26 -3.30 -6.84
N LYS A 46 5.52 -3.00 -8.11
CA LYS A 46 5.23 -3.93 -9.18
C LYS A 46 6.28 -5.05 -9.22
N SER A 47 5.86 -6.23 -9.68
CA SER A 47 6.75 -7.38 -9.77
C SER A 47 6.30 -8.30 -10.89
N GLY A 48 7.22 -8.63 -11.80
CA GLY A 48 6.90 -9.51 -12.92
C GLY A 48 6.00 -8.85 -13.94
N ASP A 49 4.89 -8.28 -13.48
CA ASP A 49 3.94 -7.61 -14.36
C ASP A 49 2.88 -6.87 -13.54
N VAL A 50 2.44 -7.50 -12.45
CA VAL A 50 1.45 -6.91 -11.56
C VAL A 50 2.01 -5.69 -10.85
N GLU A 51 1.21 -4.63 -10.74
CA GLU A 51 1.66 -3.41 -10.08
C GLU A 51 0.69 -3.01 -8.97
N LEU A 52 1.26 -2.69 -7.80
CA LEU A 52 0.45 -2.28 -6.64
C LEU A 52 1.15 -1.18 -5.86
N LYS A 53 0.37 -0.21 -5.41
CA LYS A 53 0.89 0.90 -4.64
C LYS A 53 -0.24 1.79 -4.10
N ALA A 54 0.12 2.88 -3.46
CA ALA A 54 -0.86 3.80 -2.90
C ALA A 54 -1.67 4.49 -3.99
N SER A 55 -1.01 4.92 -5.05
CA SER A 55 -1.70 5.61 -6.14
C SER A 55 -2.63 4.68 -6.90
N ASP A 56 -2.12 3.54 -7.35
CA ASP A 56 -2.91 2.58 -8.10
C ASP A 56 -3.96 1.87 -7.24
N ALA A 57 -3.52 1.34 -6.10
CA ALA A 57 -4.42 0.62 -5.19
C ALA A 57 -5.12 1.55 -4.21
N GLY A 58 -4.35 2.43 -3.57
CA GLY A 58 -4.93 3.35 -2.59
C GLY A 58 -6.21 4.01 -3.07
N GLN A 59 -6.36 4.14 -4.39
CA GLN A 59 -7.56 4.75 -4.97
C GLN A 59 -8.83 4.30 -4.26
N VAL A 60 -8.85 3.05 -3.86
CA VAL A 60 -10.01 2.46 -3.20
C VAL A 60 -10.26 3.09 -1.83
N LEU A 61 -9.19 3.50 -1.15
CA LEU A 61 -9.30 4.12 0.17
C LEU A 61 -9.96 5.50 0.04
N THR A 62 -11.05 5.70 0.79
CA THR A 62 -11.76 6.98 0.75
C THR A 62 -11.13 8.00 1.70
N ALA A 63 -11.78 9.15 1.84
CA ALA A 63 -11.29 10.22 2.71
C ALA A 63 -11.28 9.78 4.17
N ASP A 64 -12.36 9.14 4.61
CA ASP A 64 -12.45 8.67 6.00
C ASP A 64 -11.28 7.77 6.36
N ASP A 65 -10.68 7.16 5.34
CA ASP A 65 -9.54 6.26 5.54
C ASP A 65 -8.32 6.96 6.11
N PHE A 66 -8.34 8.30 6.17
CA PHE A 66 -7.19 9.05 6.67
C PHE A 66 -6.56 8.37 7.89
N PRO A 67 -7.23 8.38 9.05
CA PRO A 67 -6.70 7.74 10.26
C PRO A 67 -6.64 6.23 10.13
N PHE A 68 -5.68 5.75 9.35
CA PHE A 68 -5.50 4.32 9.13
C PHE A 68 -4.84 3.65 10.34
N LYS A 69 -5.26 2.43 10.63
CA LYS A 69 -4.69 1.66 11.73
C LYS A 69 -3.25 1.27 11.44
N SER A 70 -2.39 2.28 11.40
CA SER A 70 -0.98 2.07 11.14
C SER A 70 -0.73 1.42 9.78
N ALA A 71 0.50 1.55 9.30
CA ALA A 71 0.90 1.00 8.00
C ALA A 71 0.53 -0.47 7.88
N GLU A 72 0.52 -1.17 9.00
CA GLU A 72 0.19 -2.59 9.00
C GLU A 72 -1.20 -2.83 8.42
N GLU A 73 -2.20 -2.08 8.87
CA GLU A 73 -3.56 -2.28 8.35
C GLU A 73 -3.65 -1.78 6.92
N VAL A 74 -2.91 -0.74 6.59
CA VAL A 74 -2.92 -0.19 5.25
C VAL A 74 -2.37 -1.20 4.24
N ALA A 75 -1.30 -1.87 4.62
CA ALA A 75 -0.68 -2.88 3.75
C ALA A 75 -1.68 -4.00 3.43
N ASP A 76 -2.30 -4.54 4.47
CA ASP A 76 -3.27 -5.62 4.30
C ASP A 76 -4.54 -5.12 3.61
N THR A 77 -4.94 -3.90 3.94
CA THR A 77 -6.15 -3.31 3.37
C THR A 77 -6.01 -3.03 1.88
N ILE A 78 -4.93 -2.35 1.49
CA ILE A 78 -4.70 -2.01 0.10
C ILE A 78 -4.63 -3.26 -0.77
N VAL A 79 -3.79 -4.22 -0.37
CA VAL A 79 -3.64 -5.46 -1.13
C VAL A 79 -4.98 -6.17 -1.32
N ASN A 80 -5.81 -6.16 -0.28
CA ASN A 80 -7.11 -6.83 -0.36
C ASN A 80 -7.99 -6.21 -1.44
N LYS A 81 -8.16 -4.89 -1.39
CA LYS A 81 -8.98 -4.18 -2.36
C LYS A 81 -8.34 -4.18 -3.74
N ALA A 82 -7.02 -3.99 -3.78
CA ALA A 82 -6.29 -3.95 -5.05
C ALA A 82 -6.29 -5.32 -5.74
N GLY A 83 -6.35 -6.39 -4.95
CA GLY A 83 -6.37 -7.72 -5.54
C GLY A 83 -5.82 -8.77 -4.60
N LEU A 84 -4.61 -8.55 -4.12
CA LEU A 84 -3.95 -9.48 -3.23
C LEU A 84 -4.60 -9.45 -1.84
N GLY A 1 -7.69 -20.94 -2.91
CA GLY A 1 -6.61 -19.90 -2.91
C GLY A 1 -7.04 -18.62 -2.20
N SER A 2 -6.16 -18.10 -1.35
CA SER A 2 -6.45 -16.87 -0.61
C SER A 2 -5.26 -16.47 0.24
N HIS A 3 -4.69 -17.43 0.96
CA HIS A 3 -3.55 -17.18 1.82
C HIS A 3 -2.36 -16.67 1.02
N MET A 4 -2.16 -17.24 -0.17
CA MET A 4 -1.06 -16.85 -1.04
C MET A 4 -1.36 -17.23 -2.49
N LYS A 5 -2.39 -16.62 -3.07
CA LYS A 5 -2.79 -16.90 -4.44
C LYS A 5 -1.58 -16.95 -5.36
N MET A 6 -0.65 -16.02 -5.17
CA MET A 6 0.56 -15.97 -5.98
C MET A 6 1.80 -16.16 -5.11
N GLY A 7 1.87 -15.41 -4.02
CA GLY A 7 3.01 -15.52 -3.12
C GLY A 7 3.57 -14.17 -2.73
N VAL A 8 3.69 -13.26 -3.70
CA VAL A 8 4.22 -11.94 -3.44
C VAL A 8 3.27 -11.09 -2.62
N LYS A 9 2.07 -11.59 -2.32
CA LYS A 9 1.13 -10.79 -1.55
C LYS A 9 1.85 -10.17 -0.37
N GLU A 10 2.61 -10.99 0.33
CA GLU A 10 3.40 -10.52 1.46
C GLU A 10 4.67 -9.81 0.98
N ASP A 11 5.21 -10.24 -0.17
CA ASP A 11 6.43 -9.66 -0.73
C ASP A 11 6.25 -8.19 -1.14
N ILE A 12 5.22 -7.91 -1.94
CA ILE A 12 4.93 -6.56 -2.36
C ILE A 12 4.48 -5.75 -1.16
N ARG A 13 3.58 -6.34 -0.37
CA ARG A 13 3.11 -5.69 0.85
C ARG A 13 4.30 -5.36 1.73
N GLY A 14 5.35 -6.17 1.59
CA GLY A 14 6.56 -5.94 2.35
C GLY A 14 7.20 -4.64 1.92
N GLN A 15 7.22 -4.43 0.61
CA GLN A 15 7.76 -3.22 0.04
C GLN A 15 6.88 -2.03 0.41
N ILE A 16 5.57 -2.30 0.54
CA ILE A 16 4.61 -1.27 0.89
C ILE A 16 4.78 -0.83 2.34
N ILE A 17 4.98 -1.81 3.23
CA ILE A 17 5.17 -1.52 4.65
C ILE A 17 6.37 -0.60 4.84
N GLY A 18 7.52 -1.00 4.30
CA GLY A 18 8.70 -0.18 4.41
C GLY A 18 8.51 1.13 3.67
N ALA A 19 7.82 1.03 2.53
CA ALA A 19 7.52 2.20 1.70
C ALA A 19 6.70 3.23 2.48
N LEU A 20 5.91 2.74 3.43
CA LEU A 20 5.06 3.59 4.25
C LEU A 20 5.81 4.11 5.47
N ALA A 21 6.77 3.33 5.94
CA ALA A 21 7.56 3.72 7.11
C ALA A 21 8.30 5.03 6.89
N GLY A 22 7.62 6.15 7.16
CA GLY A 22 8.24 7.45 7.00
C GLY A 22 7.25 8.60 7.08
N ALA A 23 6.04 8.38 6.57
CA ALA A 23 5.01 9.41 6.57
C ALA A 23 4.76 10.00 7.95
N ASP A 24 3.75 10.84 8.03
CA ASP A 24 3.36 11.45 9.30
C ASP A 24 2.98 10.34 10.27
N PHE A 25 1.75 10.30 10.76
CA PHE A 25 1.37 9.19 11.62
C PHE A 25 1.58 7.92 10.80
N PRO A 26 1.41 6.74 11.38
CA PRO A 26 1.59 5.50 10.61
C PRO A 26 0.57 5.37 9.47
N ILE A 27 0.67 6.27 8.46
CA ILE A 27 -0.19 6.27 7.27
C ILE A 27 -1.20 7.43 7.20
N ASN A 28 -0.70 8.66 7.18
CA ASN A 28 -1.56 9.85 7.08
C ASN A 28 -2.31 9.89 5.76
N SER A 29 -3.23 8.96 5.55
CA SER A 29 -3.99 8.92 4.31
C SER A 29 -3.01 8.84 3.14
N PRO A 30 -3.44 8.28 2.02
CA PRO A 30 -2.57 8.13 0.86
C PRO A 30 -1.81 9.40 0.52
N GLU A 31 -2.41 10.55 0.77
CA GLU A 31 -1.75 11.81 0.47
C GLU A 31 -0.37 11.85 1.15
N GLU A 32 -0.38 11.68 2.47
CA GLU A 32 0.85 11.71 3.25
C GLU A 32 1.65 10.43 3.13
N LEU A 33 1.03 9.30 3.47
CA LEU A 33 1.73 8.02 3.42
C LEU A 33 2.41 7.87 2.06
N MET A 34 1.70 8.25 0.99
CA MET A 34 2.29 8.20 -0.34
C MET A 34 3.38 9.27 -0.44
N ALA A 35 3.22 10.35 0.31
CA ALA A 35 4.20 11.42 0.29
C ALA A 35 5.52 10.96 0.91
N ALA A 36 5.41 10.06 1.88
CA ALA A 36 6.58 9.54 2.57
C ALA A 36 7.37 8.56 1.72
N LEU A 37 6.65 7.73 0.96
CA LEU A 37 7.29 6.73 0.10
C LEU A 37 8.61 7.22 -0.49
N PRO A 38 9.61 6.31 -0.55
CA PRO A 38 10.95 6.63 -1.07
C PRO A 38 10.93 7.38 -2.40
N ASN A 39 9.95 7.04 -3.23
CA ASN A 39 9.81 7.68 -4.54
C ASN A 39 9.32 9.12 -4.42
N GLY A 40 8.62 9.41 -3.33
CA GLY A 40 8.10 10.75 -3.12
C GLY A 40 6.60 10.83 -3.24
N PRO A 41 6.05 10.74 -4.46
CA PRO A 41 4.60 10.79 -4.68
C PRO A 41 3.93 9.48 -4.27
N ASP A 42 4.56 8.37 -4.64
CA ASP A 42 4.07 7.04 -4.33
C ASP A 42 4.81 5.96 -5.10
N THR A 43 5.93 5.50 -4.55
CA THR A 43 6.75 4.48 -5.19
C THR A 43 5.92 3.24 -5.52
N THR A 44 6.09 2.72 -6.73
CA THR A 44 5.36 1.55 -7.16
C THR A 44 6.08 0.27 -6.74
N CYS A 45 5.43 -0.54 -5.90
CA CYS A 45 6.00 -1.80 -5.46
C CYS A 45 5.56 -2.93 -6.37
N LYS A 46 5.61 -2.68 -7.67
CA LYS A 46 5.19 -3.65 -8.67
C LYS A 46 6.21 -4.75 -8.85
N SER A 47 5.76 -6.00 -8.72
CA SER A 47 6.61 -7.15 -8.90
C SER A 47 6.32 -7.77 -10.27
N GLY A 48 7.33 -7.80 -11.13
CA GLY A 48 7.15 -8.35 -12.46
C GLY A 48 6.12 -7.56 -13.25
N ASP A 49 5.14 -8.27 -13.82
CA ASP A 49 4.09 -7.62 -14.60
C ASP A 49 3.07 -6.93 -13.70
N VAL A 50 2.74 -7.56 -12.58
CA VAL A 50 1.77 -7.01 -11.64
C VAL A 50 2.27 -5.73 -10.98
N GLU A 51 1.37 -4.77 -10.79
CA GLU A 51 1.73 -3.50 -10.17
C GLU A 51 0.73 -3.12 -9.08
N LEU A 52 1.26 -2.76 -7.91
CA LEU A 52 0.42 -2.36 -6.78
C LEU A 52 1.06 -1.20 -6.03
N LYS A 53 0.23 -0.23 -5.63
CA LYS A 53 0.72 0.94 -4.92
C LYS A 53 -0.44 1.82 -4.47
N ALA A 54 -0.23 2.57 -3.41
CA ALA A 54 -1.26 3.45 -2.87
C ALA A 54 -1.91 4.29 -3.97
N SER A 55 -1.17 4.56 -5.03
CA SER A 55 -1.70 5.35 -6.13
C SER A 55 -2.74 4.57 -6.92
N ASP A 56 -2.36 3.39 -7.40
CA ASP A 56 -3.26 2.55 -8.18
C ASP A 56 -4.34 1.91 -7.32
N ALA A 57 -3.92 1.21 -6.26
CA ALA A 57 -4.85 0.52 -5.37
C ALA A 57 -5.45 1.46 -4.32
N GLY A 58 -4.61 2.33 -3.74
CA GLY A 58 -5.07 3.25 -2.72
C GLY A 58 -6.39 3.93 -3.07
N GLN A 59 -6.66 4.06 -4.37
CA GLN A 59 -7.90 4.70 -4.85
C GLN A 59 -9.10 4.28 -4.01
N VAL A 60 -9.11 3.03 -3.59
CA VAL A 60 -10.20 2.47 -2.81
C VAL A 60 -10.30 3.12 -1.44
N LEU A 61 -9.17 3.51 -0.86
CA LEU A 61 -9.17 4.15 0.46
C LEU A 61 -9.80 5.54 0.36
N THR A 62 -10.88 5.75 1.10
CA THR A 62 -11.58 7.04 1.10
C THR A 62 -10.95 8.02 2.10
N ALA A 63 -11.58 9.18 2.24
CA ALA A 63 -11.10 10.22 3.14
C ALA A 63 -11.22 9.78 4.60
N ASP A 64 -12.35 9.15 4.94
CA ASP A 64 -12.58 8.68 6.29
C ASP A 64 -11.42 7.82 6.77
N ASP A 65 -10.72 7.20 5.82
CA ASP A 65 -9.57 6.36 6.12
C ASP A 65 -8.35 7.20 6.55
N PHE A 66 -8.52 8.51 6.65
CA PHE A 66 -7.42 9.40 7.02
C PHE A 66 -6.59 8.80 8.16
N PRO A 67 -7.24 8.40 9.27
CA PRO A 67 -6.58 7.80 10.42
C PRO A 67 -6.50 6.29 10.27
N PHE A 68 -5.56 5.83 9.46
CA PHE A 68 -5.39 4.41 9.20
C PHE A 68 -4.71 3.69 10.35
N LYS A 69 -5.14 2.47 10.61
CA LYS A 69 -4.59 1.64 11.67
C LYS A 69 -3.17 1.19 11.33
N SER A 70 -2.27 2.15 11.26
CA SER A 70 -0.88 1.88 10.96
C SER A 70 -0.67 1.28 9.57
N ALA A 71 0.56 1.39 9.08
CA ALA A 71 0.94 0.88 7.77
C ALA A 71 0.54 -0.58 7.60
N GLU A 72 0.47 -1.31 8.70
CA GLU A 72 0.09 -2.72 8.65
C GLU A 72 -1.36 -2.85 8.18
N GLU A 73 -2.20 -1.93 8.63
CA GLU A 73 -3.59 -1.92 8.26
C GLU A 73 -3.75 -1.56 6.79
N VAL A 74 -3.04 -0.53 6.37
CA VAL A 74 -3.11 -0.07 4.99
C VAL A 74 -2.55 -1.10 4.03
N ALA A 75 -1.44 -1.72 4.40
CA ALA A 75 -0.84 -2.74 3.54
C ALA A 75 -1.83 -3.85 3.26
N ASP A 76 -2.53 -4.28 4.31
CA ASP A 76 -3.53 -5.33 4.19
C ASP A 76 -4.76 -4.83 3.44
N THR A 77 -5.16 -3.60 3.72
CA THR A 77 -6.34 -3.00 3.09
C THR A 77 -6.16 -2.84 1.58
N ILE A 78 -5.04 -2.27 1.16
CA ILE A 78 -4.77 -2.04 -0.25
C ILE A 78 -4.71 -3.36 -1.02
N VAL A 79 -3.88 -4.29 -0.54
CA VAL A 79 -3.73 -5.59 -1.20
C VAL A 79 -5.06 -6.33 -1.31
N ASN A 80 -5.89 -6.24 -0.27
CA ASN A 80 -7.18 -6.93 -0.27
C ASN A 80 -8.09 -6.40 -1.38
N LYS A 81 -8.34 -5.10 -1.39
CA LYS A 81 -9.20 -4.48 -2.39
C LYS A 81 -8.55 -4.49 -3.77
N ALA A 82 -7.25 -4.25 -3.80
CA ALA A 82 -6.52 -4.20 -5.06
C ALA A 82 -6.47 -5.56 -5.75
N GLY A 83 -6.49 -6.64 -4.96
CA GLY A 83 -6.45 -7.96 -5.55
C GLY A 83 -5.87 -9.01 -4.61
N LEU A 84 -4.66 -8.75 -4.15
CA LEU A 84 -3.96 -9.68 -3.27
C LEU A 84 -4.65 -9.77 -1.90
N GLY A 1 -5.55 -11.31 -18.62
CA GLY A 1 -5.57 -10.00 -17.93
C GLY A 1 -5.62 -10.14 -16.41
N SER A 2 -6.48 -11.02 -15.93
CA SER A 2 -6.62 -11.25 -14.49
C SER A 2 -5.31 -11.73 -13.90
N HIS A 3 -4.68 -12.69 -14.55
CA HIS A 3 -3.41 -13.24 -14.09
C HIS A 3 -3.56 -13.92 -12.72
N MET A 4 -2.99 -15.10 -12.60
CA MET A 4 -3.06 -15.85 -11.34
C MET A 4 -2.44 -15.08 -10.20
N LYS A 5 -3.04 -15.16 -9.02
CA LYS A 5 -2.53 -14.45 -7.85
C LYS A 5 -1.13 -14.92 -7.52
N MET A 6 -0.19 -13.98 -7.47
CA MET A 6 1.20 -14.30 -7.17
C MET A 6 1.45 -14.32 -5.66
N GLY A 7 2.32 -15.23 -5.23
CA GLY A 7 2.65 -15.33 -3.82
C GLY A 7 3.20 -14.03 -3.25
N VAL A 8 3.65 -13.15 -4.15
CA VAL A 8 4.20 -11.86 -3.75
C VAL A 8 3.25 -11.05 -2.88
N LYS A 9 2.01 -11.52 -2.68
CA LYS A 9 1.07 -10.74 -1.89
C LYS A 9 1.76 -10.22 -0.64
N GLU A 10 2.53 -11.08 0.00
CA GLU A 10 3.29 -10.69 1.17
C GLU A 10 4.53 -9.90 0.76
N ASP A 11 5.14 -10.27 -0.37
CA ASP A 11 6.35 -9.60 -0.86
C ASP A 11 6.12 -8.13 -1.21
N ILE A 12 5.10 -7.86 -2.04
CA ILE A 12 4.75 -6.51 -2.41
C ILE A 12 4.28 -5.75 -1.18
N ARG A 13 3.41 -6.41 -0.41
CA ARG A 13 2.93 -5.82 0.84
C ARG A 13 4.11 -5.44 1.70
N GLY A 14 5.18 -6.21 1.57
CA GLY A 14 6.39 -5.92 2.32
C GLY A 14 6.95 -4.59 1.88
N GLN A 15 6.90 -4.36 0.57
CA GLN A 15 7.36 -3.11 0.00
C GLN A 15 6.45 -1.98 0.44
N ILE A 16 5.18 -2.32 0.68
CA ILE A 16 4.18 -1.34 1.09
C ILE A 16 4.44 -0.87 2.52
N ILE A 17 4.72 -1.82 3.41
CA ILE A 17 5.00 -1.49 4.80
C ILE A 17 6.17 -0.51 4.89
N GLY A 18 7.29 -0.86 4.26
CA GLY A 18 8.44 0.02 4.27
C GLY A 18 8.16 1.30 3.49
N ALA A 19 7.42 1.14 2.41
CA ALA A 19 7.04 2.26 1.56
C ALA A 19 6.23 3.30 2.33
N LEU A 20 5.48 2.82 3.31
CA LEU A 20 4.65 3.69 4.14
C LEU A 20 5.45 4.33 5.25
N ALA A 21 6.50 3.63 5.68
CA ALA A 21 7.36 4.14 6.74
C ALA A 21 7.95 5.49 6.37
N GLY A 22 7.90 6.45 7.30
CA GLY A 22 8.44 7.76 7.04
C GLY A 22 7.36 8.85 7.00
N ALA A 23 6.18 8.49 6.52
CA ALA A 23 5.06 9.43 6.42
C ALA A 23 4.82 10.14 7.74
N ASP A 24 3.78 10.97 7.77
CA ASP A 24 3.38 11.68 8.98
C ASP A 24 3.02 10.63 10.03
N PHE A 25 1.80 10.64 10.56
CA PHE A 25 1.41 9.61 11.50
C PHE A 25 1.57 8.29 10.76
N PRO A 26 1.34 7.14 11.39
CA PRO A 26 1.46 5.87 10.70
C PRO A 26 0.42 5.71 9.59
N ILE A 27 0.55 6.51 8.51
CA ILE A 27 -0.34 6.47 7.32
C ILE A 27 -1.33 7.63 7.20
N ASN A 28 -0.81 8.84 7.07
CA ASN A 28 -1.65 10.04 6.91
C ASN A 28 -2.42 10.01 5.59
N SER A 29 -3.33 9.05 5.44
CA SER A 29 -4.09 8.94 4.21
C SER A 29 -3.12 8.79 3.05
N PRO A 30 -3.56 8.23 1.93
CA PRO A 30 -2.70 8.04 0.78
C PRO A 30 -1.95 9.30 0.39
N GLU A 31 -2.56 10.46 0.58
CA GLU A 31 -1.89 11.70 0.24
C GLU A 31 -0.51 11.76 0.89
N GLU A 32 -0.49 11.66 2.20
CA GLU A 32 0.76 11.72 2.96
C GLU A 32 1.57 10.44 2.88
N LEU A 33 0.97 9.32 3.30
CA LEU A 33 1.69 8.04 3.27
C LEU A 33 2.31 7.83 1.90
N MET A 34 1.55 8.14 0.85
CA MET A 34 2.06 8.04 -0.50
C MET A 34 3.21 9.03 -0.65
N ALA A 35 3.09 10.16 0.06
CA ALA A 35 4.14 11.18 0.02
C ALA A 35 5.41 10.68 0.71
N ALA A 36 5.24 9.78 1.68
CA ALA A 36 6.36 9.23 2.43
C ALA A 36 7.22 8.29 1.60
N LEU A 37 6.57 7.51 0.72
CA LEU A 37 7.27 6.54 -0.12
C LEU A 37 8.73 6.95 -0.40
N PRO A 38 9.66 5.99 -0.32
CA PRO A 38 11.11 6.21 -0.50
C PRO A 38 11.50 6.99 -1.76
N ASN A 39 10.86 6.71 -2.89
CA ASN A 39 11.23 7.38 -4.13
C ASN A 39 10.79 8.85 -4.15
N GLY A 40 9.76 9.17 -3.39
CA GLY A 40 9.26 10.54 -3.34
C GLY A 40 7.97 10.72 -4.13
N PRO A 41 7.99 10.57 -5.47
CA PRO A 41 6.81 10.72 -6.31
C PRO A 41 5.95 9.45 -6.36
N ASP A 42 5.68 8.86 -5.21
CA ASP A 42 4.86 7.66 -5.13
C ASP A 42 5.53 6.48 -5.85
N THR A 43 6.28 5.67 -5.09
CA THR A 43 6.98 4.52 -5.66
C THR A 43 6.01 3.37 -5.94
N THR A 44 6.18 2.73 -7.09
CA THR A 44 5.33 1.60 -7.47
C THR A 44 5.97 0.28 -7.03
N CYS A 45 5.23 -0.50 -6.25
CA CYS A 45 5.73 -1.79 -5.78
C CYS A 45 5.33 -2.91 -6.73
N LYS A 46 5.50 -2.67 -8.03
CA LYS A 46 5.14 -3.64 -9.05
C LYS A 46 6.17 -4.77 -9.12
N SER A 47 5.72 -5.95 -9.53
CA SER A 47 6.61 -7.10 -9.63
C SER A 47 6.15 -8.05 -10.72
N GLY A 48 7.06 -8.40 -11.63
CA GLY A 48 6.74 -9.30 -12.73
C GLY A 48 5.76 -8.71 -13.72
N ASP A 49 4.58 -8.34 -13.24
CA ASP A 49 3.54 -7.76 -14.10
C ASP A 49 2.53 -6.99 -13.25
N VAL A 50 2.13 -7.58 -12.12
CA VAL A 50 1.18 -6.96 -11.22
C VAL A 50 1.78 -5.72 -10.58
N GLU A 51 0.98 -4.66 -10.49
CA GLU A 51 1.45 -3.41 -9.90
C GLU A 51 0.54 -2.98 -8.75
N LEU A 52 1.15 -2.63 -7.61
CA LEU A 52 0.39 -2.19 -6.44
C LEU A 52 1.13 -1.07 -5.72
N LYS A 53 0.40 -0.02 -5.38
CA LYS A 53 0.98 1.12 -4.69
C LYS A 53 -0.11 2.00 -4.10
N ALA A 54 0.29 3.10 -3.49
CA ALA A 54 -0.65 4.02 -2.88
C ALA A 54 -1.54 4.70 -3.91
N SER A 55 -0.95 5.08 -5.04
CA SER A 55 -1.71 5.77 -6.08
C SER A 55 -2.74 4.84 -6.73
N ASP A 56 -2.29 3.74 -7.31
CA ASP A 56 -3.18 2.80 -7.97
C ASP A 56 -4.07 2.07 -6.96
N ALA A 57 -3.44 1.45 -5.96
CA ALA A 57 -4.18 0.70 -4.93
C ALA A 57 -4.90 1.64 -3.98
N GLY A 58 -4.19 2.63 -3.44
CA GLY A 58 -4.81 3.57 -2.52
C GLY A 58 -6.11 4.13 -3.05
N GLN A 59 -6.24 4.16 -4.38
CA GLN A 59 -7.44 4.67 -5.04
C GLN A 59 -8.69 4.21 -4.32
N VAL A 60 -8.67 2.94 -3.96
CA VAL A 60 -9.77 2.28 -3.30
C VAL A 60 -10.03 2.84 -1.90
N LEU A 61 -8.96 3.28 -1.22
CA LEU A 61 -9.11 3.83 0.12
C LEU A 61 -9.82 5.18 0.07
N THR A 62 -10.99 5.24 0.69
CA THR A 62 -11.79 6.47 0.73
C THR A 62 -11.14 7.51 1.64
N ALA A 63 -11.45 8.78 1.39
CA ALA A 63 -10.91 9.89 2.18
C ALA A 63 -11.08 9.63 3.68
N ASP A 64 -12.24 9.08 4.05
CA ASP A 64 -12.52 8.80 5.45
C ASP A 64 -11.42 7.93 6.07
N ASP A 65 -10.72 7.18 5.23
CA ASP A 65 -9.64 6.31 5.68
C ASP A 65 -8.41 7.09 6.15
N PHE A 66 -8.47 8.42 6.16
CA PHE A 66 -7.34 9.23 6.57
C PHE A 66 -6.61 8.58 7.75
N PRO A 67 -7.29 8.45 8.90
CA PRO A 67 -6.71 7.82 10.09
C PRO A 67 -6.63 6.31 9.96
N PHE A 68 -5.61 5.84 9.22
CA PHE A 68 -5.42 4.41 9.00
C PHE A 68 -4.81 3.75 10.22
N LYS A 69 -5.22 2.51 10.48
CA LYS A 69 -4.70 1.75 11.60
C LYS A 69 -3.24 1.36 11.33
N SER A 70 -2.39 2.37 11.27
CA SER A 70 -0.98 2.16 11.03
C SER A 70 -0.72 1.52 9.67
N ALA A 71 0.51 1.67 9.19
CA ALA A 71 0.93 1.12 7.91
C ALA A 71 0.59 -0.36 7.80
N GLU A 72 0.54 -1.05 8.92
CA GLU A 72 0.22 -2.47 8.92
C GLU A 72 -1.16 -2.74 8.35
N GLU A 73 -2.18 -1.99 8.81
CA GLU A 73 -3.52 -2.21 8.30
C GLU A 73 -3.59 -1.79 6.84
N VAL A 74 -2.81 -0.77 6.47
CA VAL A 74 -2.78 -0.31 5.09
C VAL A 74 -2.28 -1.41 4.16
N ALA A 75 -1.27 -2.13 4.61
CA ALA A 75 -0.70 -3.21 3.82
C ALA A 75 -1.75 -4.28 3.52
N ASP A 76 -2.43 -4.75 4.57
CA ASP A 76 -3.46 -5.77 4.42
C ASP A 76 -4.67 -5.23 3.67
N THR A 77 -5.02 -3.98 3.94
CA THR A 77 -6.16 -3.33 3.30
C THR A 77 -5.95 -3.15 1.80
N ILE A 78 -4.82 -2.56 1.43
CA ILE A 78 -4.50 -2.31 0.04
C ILE A 78 -4.52 -3.60 -0.79
N VAL A 79 -3.75 -4.58 -0.35
CA VAL A 79 -3.67 -5.85 -1.07
C VAL A 79 -5.04 -6.51 -1.22
N ASN A 80 -5.86 -6.44 -0.18
CA ASN A 80 -7.19 -7.04 -0.22
C ASN A 80 -8.09 -6.37 -1.25
N LYS A 81 -8.22 -5.04 -1.16
CA LYS A 81 -9.06 -4.28 -2.06
C LYS A 81 -8.45 -4.16 -3.45
N ALA A 82 -7.14 -3.97 -3.50
CA ALA A 82 -6.43 -3.81 -4.77
C ALA A 82 -6.45 -5.09 -5.59
N GLY A 83 -6.50 -6.24 -4.94
CA GLY A 83 -6.51 -7.51 -5.66
C GLY A 83 -6.03 -8.67 -4.84
N LEU A 84 -4.82 -8.55 -4.32
CA LEU A 84 -4.20 -9.59 -3.52
C LEU A 84 -4.95 -9.79 -2.20
N GLY A 1 -10.54 -15.49 -3.61
CA GLY A 1 -9.64 -16.01 -2.53
C GLY A 1 -9.93 -17.45 -2.17
N SER A 2 -10.11 -18.29 -3.19
CA SER A 2 -10.39 -19.70 -2.98
C SER A 2 -9.26 -20.37 -2.20
N HIS A 3 -8.03 -20.08 -2.60
CA HIS A 3 -6.86 -20.65 -1.94
C HIS A 3 -5.58 -20.05 -2.49
N MET A 4 -4.68 -19.64 -1.60
CA MET A 4 -3.41 -19.04 -1.96
C MET A 4 -3.57 -17.92 -2.99
N LYS A 5 -3.11 -16.72 -2.64
CA LYS A 5 -3.20 -15.57 -3.54
C LYS A 5 -2.29 -15.75 -4.74
N MET A 6 -1.00 -15.98 -4.47
CA MET A 6 -0.02 -16.17 -5.53
C MET A 6 1.37 -16.36 -4.93
N GLY A 7 1.80 -15.40 -4.12
CA GLY A 7 3.11 -15.49 -3.50
C GLY A 7 3.65 -14.14 -3.07
N VAL A 8 3.63 -13.18 -3.99
CA VAL A 8 4.12 -11.83 -3.71
C VAL A 8 3.16 -11.05 -2.83
N LYS A 9 1.99 -11.59 -2.53
CA LYS A 9 1.05 -10.84 -1.70
C LYS A 9 1.79 -10.24 -0.51
N GLU A 10 2.58 -11.07 0.14
CA GLU A 10 3.39 -10.61 1.25
C GLU A 10 4.63 -9.84 0.75
N ASP A 11 5.15 -10.23 -0.42
CA ASP A 11 6.35 -9.59 -0.98
C ASP A 11 6.10 -8.11 -1.33
N ILE A 12 5.06 -7.84 -2.09
CA ILE A 12 4.70 -6.48 -2.46
C ILE A 12 4.26 -5.73 -1.22
N ARG A 13 3.40 -6.37 -0.43
CA ARG A 13 2.93 -5.79 0.82
C ARG A 13 4.13 -5.42 1.67
N GLY A 14 5.20 -6.19 1.50
CA GLY A 14 6.42 -5.92 2.25
C GLY A 14 7.00 -4.60 1.83
N GLN A 15 7.00 -4.38 0.52
CA GLN A 15 7.48 -3.14 -0.05
C GLN A 15 6.56 -2.00 0.34
N ILE A 16 5.28 -2.32 0.53
CA ILE A 16 4.28 -1.33 0.91
C ILE A 16 4.49 -0.88 2.35
N ILE A 17 4.76 -1.82 3.24
CA ILE A 17 5.00 -1.51 4.63
C ILE A 17 6.16 -0.52 4.77
N GLY A 18 7.30 -0.86 4.18
CA GLY A 18 8.45 0.02 4.22
C GLY A 18 8.17 1.29 3.46
N ALA A 19 7.44 1.15 2.37
CA ALA A 19 7.06 2.27 1.51
C ALA A 19 6.24 3.29 2.29
N LEU A 20 5.47 2.80 3.26
CA LEU A 20 4.61 3.64 4.08
C LEU A 20 5.41 4.26 5.22
N ALA A 21 6.45 3.54 5.65
CA ALA A 21 7.29 4.02 6.73
C ALA A 21 7.93 5.37 6.37
N GLY A 22 7.84 6.33 7.29
CA GLY A 22 8.40 7.65 7.05
C GLY A 22 7.36 8.75 7.05
N ALA A 23 6.16 8.43 6.56
CA ALA A 23 5.08 9.40 6.49
C ALA A 23 4.85 10.08 7.83
N ASP A 24 3.83 10.94 7.88
CA ASP A 24 3.47 11.63 9.12
C ASP A 24 3.10 10.58 10.17
N PHE A 25 1.88 10.59 10.68
CA PHE A 25 1.50 9.54 11.62
C PHE A 25 1.64 8.22 10.88
N PRO A 26 1.38 7.07 11.51
CA PRO A 26 1.49 5.81 10.81
C PRO A 26 0.46 5.67 9.69
N ILE A 27 0.62 6.49 8.62
CA ILE A 27 -0.27 6.46 7.43
C ILE A 27 -1.25 7.63 7.32
N ASN A 28 -0.74 8.84 7.21
CA ASN A 28 -1.58 10.04 7.05
C ASN A 28 -2.35 10.02 5.74
N SER A 29 -3.25 9.07 5.57
CA SER A 29 -4.01 8.97 4.34
C SER A 29 -3.05 8.85 3.17
N PRO A 30 -3.52 8.37 2.03
CA PRO A 30 -2.66 8.21 0.87
C PRO A 30 -1.92 9.48 0.50
N GLU A 31 -2.51 10.63 0.72
CA GLU A 31 -1.83 11.87 0.40
C GLU A 31 -0.45 11.90 1.06
N GLU A 32 -0.43 11.77 2.38
CA GLU A 32 0.81 11.78 3.13
C GLU A 32 1.59 10.49 3.03
N LEU A 33 0.97 9.38 3.43
CA LEU A 33 1.64 8.08 3.41
C LEU A 33 2.26 7.85 2.03
N MET A 34 1.49 8.14 0.98
CA MET A 34 1.99 8.01 -0.37
C MET A 34 3.13 9.00 -0.56
N ALA A 35 3.03 10.14 0.14
CA ALA A 35 4.07 11.16 0.04
C ALA A 35 5.36 10.70 0.71
N ALA A 36 5.23 9.84 1.72
CA ALA A 36 6.37 9.32 2.45
C ALA A 36 7.20 8.37 1.60
N LEU A 37 6.52 7.56 0.79
CA LEU A 37 7.19 6.59 -0.08
C LEU A 37 8.57 7.08 -0.53
N PRO A 38 9.53 6.14 -0.68
CA PRO A 38 10.91 6.43 -1.07
C PRO A 38 11.03 7.37 -2.28
N ASN A 39 10.20 7.15 -3.29
CA ASN A 39 10.26 8.00 -4.49
C ASN A 39 9.71 9.40 -4.22
N GLY A 40 8.93 9.56 -3.14
CA GLY A 40 8.37 10.85 -2.80
C GLY A 40 6.87 10.94 -3.04
N PRO A 41 6.41 10.88 -4.30
CA PRO A 41 4.98 10.97 -4.61
C PRO A 41 4.21 9.67 -4.40
N ASP A 42 4.70 8.59 -5.00
CA ASP A 42 4.07 7.30 -4.92
C ASP A 42 4.89 6.24 -5.68
N THR A 43 5.82 5.60 -5.01
CA THR A 43 6.65 4.58 -5.66
C THR A 43 5.84 3.32 -5.96
N THR A 44 6.01 2.77 -7.15
CA THR A 44 5.29 1.57 -7.54
C THR A 44 6.05 0.30 -7.18
N CYS A 45 5.40 -0.59 -6.44
CA CYS A 45 6.01 -1.87 -6.05
C CYS A 45 5.51 -2.98 -6.97
N LYS A 46 5.55 -2.72 -8.27
CA LYS A 46 5.07 -3.69 -9.26
C LYS A 46 6.06 -4.83 -9.45
N SER A 47 5.53 -5.98 -9.87
CA SER A 47 6.33 -7.16 -10.12
C SER A 47 5.68 -8.00 -11.21
N GLY A 48 6.46 -8.36 -12.23
CA GLY A 48 5.92 -9.13 -13.33
C GLY A 48 4.81 -8.37 -14.04
N ASP A 49 3.68 -9.03 -14.27
CA ASP A 49 2.56 -8.39 -14.94
C ASP A 49 1.56 -7.83 -13.91
N VAL A 50 2.08 -7.50 -12.72
CA VAL A 50 1.25 -6.95 -11.65
C VAL A 50 1.84 -5.66 -11.11
N GLU A 51 0.97 -4.73 -10.70
CA GLU A 51 1.42 -3.45 -10.15
C GLU A 51 0.51 -3.01 -9.01
N LEU A 52 1.11 -2.75 -7.85
CA LEU A 52 0.36 -2.32 -6.67
C LEU A 52 1.11 -1.24 -5.91
N LYS A 53 0.37 -0.26 -5.42
CA LYS A 53 0.95 0.83 -4.66
C LYS A 53 -0.13 1.73 -4.09
N ALA A 54 0.28 2.65 -3.23
CA ALA A 54 -0.66 3.57 -2.60
C ALA A 54 -1.41 4.41 -3.63
N SER A 55 -0.76 4.68 -4.76
CA SER A 55 -1.38 5.49 -5.82
C SER A 55 -2.42 4.69 -6.61
N ASP A 56 -1.98 3.63 -7.27
CA ASP A 56 -2.87 2.79 -8.07
C ASP A 56 -3.89 2.06 -7.21
N ALA A 57 -3.42 1.38 -6.18
CA ALA A 57 -4.30 0.61 -5.29
C ALA A 57 -5.01 1.50 -4.29
N GLY A 58 -4.26 2.41 -3.65
CA GLY A 58 -4.85 3.29 -2.65
C GLY A 58 -6.16 3.92 -3.09
N GLN A 59 -6.35 4.06 -4.40
CA GLN A 59 -7.57 4.65 -4.95
C GLN A 59 -8.82 4.18 -4.20
N VAL A 60 -8.82 2.91 -3.84
CA VAL A 60 -9.95 2.31 -3.14
C VAL A 60 -10.16 2.89 -1.75
N LEU A 61 -9.08 3.34 -1.11
CA LEU A 61 -9.17 3.93 0.23
C LEU A 61 -9.95 5.25 0.17
N THR A 62 -11.04 5.32 0.92
CA THR A 62 -11.86 6.53 0.95
C THR A 62 -11.19 7.63 1.77
N ALA A 63 -11.56 8.88 1.48
CA ALA A 63 -11.01 10.04 2.17
C ALA A 63 -11.10 9.85 3.69
N ASP A 64 -12.23 9.34 4.15
CA ASP A 64 -12.44 9.12 5.58
C ASP A 64 -11.34 8.23 6.16
N ASP A 65 -10.70 7.45 5.30
CA ASP A 65 -9.63 6.55 5.70
C ASP A 65 -8.38 7.30 6.17
N PHE A 66 -8.44 8.63 6.21
CA PHE A 66 -7.28 9.43 6.63
C PHE A 66 -6.56 8.79 7.80
N PRO A 67 -7.27 8.52 8.92
CA PRO A 67 -6.68 7.90 10.10
C PRO A 67 -6.61 6.37 9.95
N PHE A 68 -5.62 5.91 9.20
CA PHE A 68 -5.42 4.49 8.98
C PHE A 68 -4.79 3.82 10.19
N LYS A 69 -5.24 2.59 10.47
CA LYS A 69 -4.70 1.82 11.59
C LYS A 69 -3.25 1.41 11.31
N SER A 70 -2.37 2.40 11.25
CA SER A 70 -0.97 2.16 11.00
C SER A 70 -0.72 1.52 9.63
N ALA A 71 0.50 1.66 9.16
CA ALA A 71 0.91 1.12 7.86
C ALA A 71 0.55 -0.34 7.72
N GLU A 72 0.58 -1.07 8.83
CA GLU A 72 0.26 -2.49 8.82
C GLU A 72 -1.16 -2.73 8.30
N GLU A 73 -2.14 -1.96 8.79
CA GLU A 73 -3.50 -2.13 8.34
C GLU A 73 -3.64 -1.71 6.89
N VAL A 74 -2.86 -0.72 6.49
CA VAL A 74 -2.88 -0.25 5.11
C VAL A 74 -2.38 -1.32 4.17
N ALA A 75 -1.29 -1.98 4.54
CA ALA A 75 -0.72 -3.03 3.72
C ALA A 75 -1.76 -4.10 3.41
N ASP A 76 -2.44 -4.58 4.46
CA ASP A 76 -3.47 -5.60 4.31
C ASP A 76 -4.70 -5.05 3.58
N THR A 77 -5.07 -3.81 3.90
CA THR A 77 -6.23 -3.17 3.29
C THR A 77 -6.07 -2.98 1.78
N ILE A 78 -4.96 -2.37 1.37
CA ILE A 78 -4.70 -2.11 -0.03
C ILE A 78 -4.65 -3.41 -0.84
N VAL A 79 -3.83 -4.36 -0.40
CA VAL A 79 -3.70 -5.63 -1.10
C VAL A 79 -5.04 -6.35 -1.23
N ASN A 80 -5.83 -6.32 -0.16
CA ASN A 80 -7.14 -6.97 -0.18
C ASN A 80 -8.05 -6.36 -1.23
N LYS A 81 -8.18 -5.04 -1.20
CA LYS A 81 -9.03 -4.33 -2.15
C LYS A 81 -8.43 -4.33 -3.55
N ALA A 82 -7.13 -4.11 -3.64
CA ALA A 82 -6.44 -4.08 -4.93
C ALA A 82 -6.43 -5.45 -5.61
N GLY A 83 -6.43 -6.51 -4.80
CA GLY A 83 -6.42 -7.84 -5.37
C GLY A 83 -5.79 -8.86 -4.43
N LEU A 84 -4.56 -8.59 -4.03
CA LEU A 84 -3.82 -9.48 -3.15
C LEU A 84 -4.39 -9.43 -1.74
N GLY A 1 -11.21 -20.76 5.20
CA GLY A 1 -11.40 -20.41 3.76
C GLY A 1 -10.18 -20.75 2.92
N SER A 2 -10.41 -21.37 1.77
CA SER A 2 -9.32 -21.75 0.87
C SER A 2 -8.83 -20.54 0.05
N HIS A 3 -8.51 -19.45 0.75
CA HIS A 3 -8.02 -18.25 0.08
C HIS A 3 -6.79 -18.55 -0.77
N MET A 4 -5.82 -19.26 -0.18
CA MET A 4 -4.61 -19.62 -0.89
C MET A 4 -3.94 -18.40 -1.54
N LYS A 5 -3.80 -17.33 -0.75
CA LYS A 5 -3.18 -16.10 -1.24
C LYS A 5 -1.66 -16.15 -1.08
N MET A 6 -1.07 -17.32 -1.29
CA MET A 6 0.37 -17.49 -1.16
C MET A 6 1.09 -16.94 -2.40
N GLY A 7 2.05 -16.06 -2.16
CA GLY A 7 2.80 -15.47 -3.25
C GLY A 7 3.45 -14.16 -2.85
N VAL A 8 3.41 -13.19 -3.76
CA VAL A 8 3.99 -11.88 -3.51
C VAL A 8 3.08 -11.05 -2.60
N LYS A 9 1.88 -11.54 -2.29
CA LYS A 9 0.98 -10.76 -1.46
C LYS A 9 1.76 -10.19 -0.29
N GLU A 10 2.56 -11.02 0.35
CA GLU A 10 3.41 -10.59 1.44
C GLU A 10 4.64 -9.84 0.91
N ASP A 11 5.14 -10.24 -0.27
CA ASP A 11 6.32 -9.62 -0.86
C ASP A 11 6.10 -8.15 -1.22
N ILE A 12 5.04 -7.87 -1.97
CA ILE A 12 4.70 -6.51 -2.36
C ILE A 12 4.30 -5.74 -1.11
N ARG A 13 3.45 -6.35 -0.29
CA ARG A 13 3.01 -5.74 0.96
C ARG A 13 4.25 -5.39 1.78
N GLY A 14 5.31 -6.17 1.59
CA GLY A 14 6.55 -5.90 2.30
C GLY A 14 7.12 -4.59 1.84
N GLN A 15 7.06 -4.37 0.53
CA GLN A 15 7.54 -3.15 -0.07
C GLN A 15 6.62 -1.99 0.31
N ILE A 16 5.34 -2.29 0.52
CA ILE A 16 4.35 -1.30 0.89
C ILE A 16 4.56 -0.82 2.32
N ILE A 17 4.78 -1.76 3.23
CA ILE A 17 5.01 -1.43 4.63
C ILE A 17 6.21 -0.49 4.77
N GLY A 18 7.33 -0.89 4.18
CA GLY A 18 8.51 -0.05 4.22
C GLY A 18 8.28 1.24 3.46
N ALA A 19 7.55 1.11 2.36
CA ALA A 19 7.22 2.25 1.51
C ALA A 19 6.40 3.28 2.27
N LEU A 20 5.65 2.80 3.25
CA LEU A 20 4.80 3.65 4.07
C LEU A 20 5.60 4.28 5.21
N ALA A 21 6.63 3.57 5.65
CA ALA A 21 7.48 4.06 6.73
C ALA A 21 8.10 5.40 6.36
N GLY A 22 7.91 6.39 7.24
CA GLY A 22 8.46 7.70 6.99
C GLY A 22 7.41 8.80 7.02
N ALA A 23 6.20 8.47 6.55
CA ALA A 23 5.10 9.44 6.52
C ALA A 23 4.88 10.08 7.88
N ASP A 24 3.84 10.90 7.97
CA ASP A 24 3.48 11.55 9.22
C ASP A 24 3.15 10.46 10.25
N PHE A 25 1.93 10.45 10.79
CA PHE A 25 1.58 9.38 11.71
C PHE A 25 1.73 8.07 10.95
N PRO A 26 1.50 6.92 11.56
CA PRO A 26 1.63 5.66 10.84
C PRO A 26 0.60 5.54 9.70
N ILE A 27 0.74 6.39 8.66
CA ILE A 27 -0.13 6.37 7.46
C ILE A 27 -1.13 7.53 7.35
N ASN A 28 -0.62 8.75 7.26
CA ASN A 28 -1.48 9.94 7.11
C ASN A 28 -2.27 9.93 5.82
N SER A 29 -3.18 8.97 5.67
CA SER A 29 -3.97 8.89 4.45
C SER A 29 -3.03 8.77 3.26
N PRO A 30 -3.51 8.24 2.14
CA PRO A 30 -2.67 8.08 0.96
C PRO A 30 -1.93 9.35 0.58
N GLU A 31 -2.54 10.51 0.79
CA GLU A 31 -1.86 11.75 0.45
C GLU A 31 -0.48 11.79 1.09
N GLU A 32 -0.44 11.67 2.40
CA GLU A 32 0.80 11.70 3.14
C GLU A 32 1.61 10.42 3.03
N LEU A 33 1.02 9.30 3.43
CA LEU A 33 1.71 8.02 3.40
C LEU A 33 2.33 7.81 2.02
N MET A 34 1.56 8.12 0.97
CA MET A 34 2.06 8.02 -0.39
C MET A 34 3.20 9.02 -0.55
N ALA A 35 3.10 10.15 0.16
CA ALA A 35 4.13 11.18 0.08
C ALA A 35 5.42 10.69 0.74
N ALA A 36 5.29 9.84 1.75
CA ALA A 36 6.43 9.31 2.48
C ALA A 36 7.27 8.38 1.61
N LEU A 37 6.59 7.58 0.78
CA LEU A 37 7.27 6.63 -0.10
C LEU A 37 8.66 7.12 -0.54
N PRO A 38 9.62 6.19 -0.68
CA PRO A 38 11.01 6.51 -1.06
C PRO A 38 11.12 7.45 -2.26
N ASN A 39 10.29 7.25 -3.28
CA ASN A 39 10.36 8.10 -4.47
C ASN A 39 9.80 9.50 -4.19
N GLY A 40 9.02 9.63 -3.11
CA GLY A 40 8.46 10.92 -2.76
C GLY A 40 6.95 11.01 -3.00
N PRO A 41 6.50 10.95 -4.26
CA PRO A 41 5.07 11.06 -4.59
C PRO A 41 4.30 9.75 -4.40
N ASP A 42 4.80 8.67 -4.99
CA ASP A 42 4.16 7.38 -4.93
C ASP A 42 4.97 6.32 -5.70
N THR A 43 5.93 5.69 -5.03
CA THR A 43 6.75 4.67 -5.68
C THR A 43 5.94 3.42 -5.96
N THR A 44 6.11 2.84 -7.14
CA THR A 44 5.39 1.64 -7.52
C THR A 44 6.15 0.37 -7.15
N CYS A 45 5.49 -0.51 -6.39
CA CYS A 45 6.09 -1.77 -5.97
C CYS A 45 5.61 -2.90 -6.87
N LYS A 46 5.71 -2.69 -8.18
CA LYS A 46 5.26 -3.68 -9.16
C LYS A 46 6.24 -4.85 -9.26
N SER A 47 5.70 -6.05 -9.47
CA SER A 47 6.51 -7.25 -9.59
C SER A 47 5.76 -8.34 -10.35
N GLY A 48 6.47 -9.02 -11.25
CA GLY A 48 5.85 -10.08 -12.04
C GLY A 48 4.73 -9.56 -12.92
N ASP A 49 5.01 -8.51 -13.69
CA ASP A 49 4.03 -7.92 -14.59
C ASP A 49 2.80 -7.44 -13.80
N VAL A 50 2.99 -7.19 -12.52
CA VAL A 50 1.92 -6.72 -11.66
C VAL A 50 2.34 -5.46 -10.92
N GLU A 51 1.46 -4.46 -10.88
CA GLU A 51 1.78 -3.21 -10.20
C GLU A 51 0.81 -2.92 -9.06
N LEU A 52 1.36 -2.59 -7.89
CA LEU A 52 0.56 -2.28 -6.72
C LEU A 52 1.20 -1.15 -5.92
N LYS A 53 0.38 -0.21 -5.47
CA LYS A 53 0.86 0.92 -4.69
C LYS A 53 -0.29 1.76 -4.17
N ALA A 54 0.03 2.80 -3.43
CA ALA A 54 -1.00 3.67 -2.86
C ALA A 54 -1.77 4.42 -3.94
N SER A 55 -1.07 4.88 -4.97
CA SER A 55 -1.72 5.62 -6.05
C SER A 55 -2.68 4.74 -6.85
N ASP A 56 -2.19 3.58 -7.30
CA ASP A 56 -3.00 2.66 -8.09
C ASP A 56 -4.07 1.95 -7.24
N ALA A 57 -3.65 1.35 -6.13
CA ALA A 57 -4.56 0.63 -5.25
C ALA A 57 -5.21 1.53 -4.21
N GLY A 58 -4.40 2.37 -3.56
CA GLY A 58 -4.92 3.26 -2.52
C GLY A 58 -6.20 3.96 -2.92
N GLN A 59 -6.39 4.16 -4.24
CA GLN A 59 -7.60 4.82 -4.76
C GLN A 59 -8.85 4.30 -4.05
N VAL A 60 -8.83 3.02 -3.72
CA VAL A 60 -9.96 2.39 -3.06
C VAL A 60 -10.20 2.95 -1.66
N LEU A 61 -9.12 3.33 -0.99
CA LEU A 61 -9.22 3.90 0.35
C LEU A 61 -9.96 5.24 0.30
N THR A 62 -11.10 5.32 0.99
CA THR A 62 -11.87 6.56 1.03
C THR A 62 -11.24 7.58 1.97
N ALA A 63 -11.51 8.86 1.73
CA ALA A 63 -10.98 9.93 2.55
C ALA A 63 -11.11 9.62 4.04
N ASP A 64 -12.25 9.05 4.43
CA ASP A 64 -12.51 8.70 5.82
C ASP A 64 -11.38 7.83 6.38
N ASP A 65 -10.70 7.10 5.50
CA ASP A 65 -9.61 6.22 5.90
C ASP A 65 -8.37 6.98 6.36
N PHE A 66 -8.44 8.31 6.41
CA PHE A 66 -7.29 9.12 6.82
C PHE A 66 -6.55 8.46 7.98
N PRO A 67 -7.19 8.35 9.16
CA PRO A 67 -6.57 7.71 10.32
C PRO A 67 -6.52 6.19 10.18
N PHE A 68 -5.55 5.73 9.41
CA PHE A 68 -5.37 4.29 9.17
C PHE A 68 -4.71 3.62 10.38
N LYS A 69 -5.14 2.39 10.65
CA LYS A 69 -4.57 1.62 11.75
C LYS A 69 -3.13 1.22 11.41
N SER A 70 -2.27 2.22 11.38
CA SER A 70 -0.87 2.01 11.08
C SER A 70 -0.66 1.37 9.71
N ALA A 71 0.56 1.51 9.19
CA ALA A 71 0.92 0.97 7.88
C ALA A 71 0.56 -0.50 7.76
N GLU A 72 0.49 -1.19 8.90
CA GLU A 72 0.15 -2.60 8.90
C GLU A 72 -1.23 -2.84 8.29
N GLU A 73 -2.25 -2.08 8.72
CA GLU A 73 -3.58 -2.28 8.18
C GLU A 73 -3.68 -1.73 6.77
N VAL A 74 -2.95 -0.67 6.48
CA VAL A 74 -2.98 -0.08 5.14
C VAL A 74 -2.49 -1.10 4.12
N ALA A 75 -1.38 -1.75 4.41
CA ALA A 75 -0.82 -2.75 3.52
C ALA A 75 -1.85 -3.86 3.29
N ASP A 76 -2.48 -4.29 4.37
CA ASP A 76 -3.49 -5.34 4.31
C ASP A 76 -4.68 -4.88 3.47
N THR A 77 -5.08 -3.62 3.69
CA THR A 77 -6.20 -3.02 3.00
C THR A 77 -5.96 -2.90 1.49
N ILE A 78 -4.80 -2.34 1.12
CA ILE A 78 -4.46 -2.16 -0.29
C ILE A 78 -4.45 -3.50 -1.03
N VAL A 79 -3.71 -4.46 -0.50
CA VAL A 79 -3.61 -5.77 -1.14
C VAL A 79 -4.98 -6.45 -1.29
N ASN A 80 -5.81 -6.39 -0.25
CA ASN A 80 -7.12 -7.02 -0.32
C ASN A 80 -7.99 -6.39 -1.40
N LYS A 81 -8.14 -5.08 -1.37
CA LYS A 81 -8.96 -4.36 -2.36
C LYS A 81 -8.30 -4.36 -3.73
N ALA A 82 -6.98 -4.17 -3.76
CA ALA A 82 -6.25 -4.15 -5.01
C ALA A 82 -6.24 -5.51 -5.70
N GLY A 83 -6.30 -6.57 -4.91
CA GLY A 83 -6.30 -7.91 -5.48
C GLY A 83 -5.73 -8.95 -4.55
N LEU A 84 -4.50 -8.69 -4.10
CA LEU A 84 -3.79 -9.61 -3.21
C LEU A 84 -4.44 -9.62 -1.82
N GLY A 1 -13.32 -17.05 -9.39
CA GLY A 1 -12.73 -16.45 -10.62
C GLY A 1 -11.22 -16.33 -10.55
N SER A 2 -10.70 -15.19 -10.95
CA SER A 2 -9.25 -14.96 -10.93
C SER A 2 -8.71 -15.06 -9.51
N HIS A 3 -7.61 -15.78 -9.35
CA HIS A 3 -6.99 -15.96 -8.05
C HIS A 3 -6.50 -14.62 -7.49
N MET A 4 -6.05 -13.75 -8.39
CA MET A 4 -5.55 -12.42 -8.02
C MET A 4 -4.21 -12.50 -7.30
N LYS A 5 -4.14 -13.29 -6.23
CA LYS A 5 -2.91 -13.45 -5.47
C LYS A 5 -1.88 -14.21 -6.29
N MET A 6 -0.63 -14.18 -5.85
CA MET A 6 0.43 -14.88 -6.54
C MET A 6 1.69 -14.98 -5.68
N GLY A 7 1.50 -15.28 -4.40
CA GLY A 7 2.63 -15.40 -3.49
C GLY A 7 3.21 -14.07 -3.06
N VAL A 8 3.39 -13.14 -4.01
CA VAL A 8 3.95 -11.84 -3.71
C VAL A 8 3.08 -11.04 -2.75
N LYS A 9 1.88 -11.53 -2.42
CA LYS A 9 1.01 -10.77 -1.53
C LYS A 9 1.84 -10.23 -0.38
N GLU A 10 2.68 -11.09 0.19
CA GLU A 10 3.56 -10.69 1.27
C GLU A 10 4.76 -9.90 0.73
N ASP A 11 5.22 -10.26 -0.47
CA ASP A 11 6.38 -9.59 -1.09
C ASP A 11 6.11 -8.12 -1.42
N ILE A 12 5.01 -7.85 -2.12
CA ILE A 12 4.64 -6.49 -2.46
C ILE A 12 4.28 -5.71 -1.19
N ARG A 13 3.43 -6.30 -0.36
CA ARG A 13 3.05 -5.65 0.90
C ARG A 13 4.30 -5.38 1.71
N GLY A 14 5.31 -6.22 1.53
CA GLY A 14 6.56 -6.01 2.22
C GLY A 14 7.16 -4.69 1.80
N GLN A 15 7.09 -4.45 0.50
CA GLN A 15 7.58 -3.22 -0.09
C GLN A 15 6.69 -2.05 0.32
N ILE A 16 5.40 -2.33 0.52
CA ILE A 16 4.43 -1.31 0.91
C ILE A 16 4.65 -0.85 2.35
N ILE A 17 4.81 -1.81 3.25
CA ILE A 17 5.03 -1.49 4.66
C ILE A 17 6.28 -0.61 4.82
N GLY A 18 7.39 -1.07 4.26
CA GLY A 18 8.61 -0.29 4.35
C GLY A 18 8.47 1.03 3.62
N ALA A 19 7.74 0.99 2.51
CA ALA A 19 7.50 2.17 1.68
C ALA A 19 6.62 3.19 2.41
N LEU A 20 5.83 2.71 3.36
CA LEU A 20 4.94 3.57 4.14
C LEU A 20 5.70 4.22 5.28
N ALA A 21 6.73 3.54 5.76
CA ALA A 21 7.55 4.05 6.85
C ALA A 21 8.14 5.41 6.50
N GLY A 22 8.03 6.36 7.42
CA GLY A 22 8.56 7.69 7.18
C GLY A 22 7.48 8.75 7.12
N ALA A 23 6.30 8.38 6.61
CA ALA A 23 5.18 9.31 6.51
C ALA A 23 4.90 10.00 7.83
N ASP A 24 3.88 10.85 7.83
CA ASP A 24 3.47 11.56 9.04
C ASP A 24 3.11 10.52 10.10
N PHE A 25 1.88 10.49 10.59
CA PHE A 25 1.51 9.45 11.54
C PHE A 25 1.67 8.13 10.79
N PRO A 26 1.42 6.98 11.43
CA PRO A 26 1.56 5.71 10.73
C PRO A 26 0.55 5.55 9.59
N ILE A 27 0.68 6.40 8.55
CA ILE A 27 -0.18 6.37 7.34
C ILE A 27 -1.21 7.52 7.23
N ASN A 28 -0.71 8.75 7.17
CA ASN A 28 -1.57 9.93 7.04
C ASN A 28 -2.36 9.93 5.74
N SER A 29 -3.26 8.98 5.57
CA SER A 29 -4.04 8.90 4.34
C SER A 29 -3.09 8.75 3.16
N PRO A 30 -3.52 8.15 2.07
CA PRO A 30 -2.67 7.96 0.91
C PRO A 30 -1.94 9.22 0.51
N GLU A 31 -2.56 10.37 0.72
CA GLU A 31 -1.93 11.63 0.37
C GLU A 31 -0.54 11.72 1.01
N GLU A 32 -0.52 11.61 2.33
CA GLU A 32 0.72 11.69 3.09
C GLU A 32 1.57 10.45 2.99
N LEU A 33 1.01 9.29 3.37
CA LEU A 33 1.76 8.05 3.32
C LEU A 33 2.40 7.89 1.94
N MET A 34 1.64 8.24 0.90
CA MET A 34 2.13 8.19 -0.46
C MET A 34 3.26 9.21 -0.60
N ALA A 35 3.14 10.32 0.14
CA ALA A 35 4.17 11.35 0.10
C ALA A 35 5.43 10.90 0.83
N ALA A 36 5.27 9.95 1.75
CA ALA A 36 6.36 9.44 2.54
C ALA A 36 7.33 8.56 1.76
N LEU A 37 6.77 7.59 1.02
CA LEU A 37 7.58 6.64 0.25
C LEU A 37 8.96 7.20 -0.12
N PRO A 38 10.02 6.39 0.05
CA PRO A 38 11.41 6.77 -0.22
C PRO A 38 11.60 7.46 -1.56
N ASN A 39 10.84 7.03 -2.56
CA ASN A 39 10.93 7.59 -3.91
C ASN A 39 10.35 9.00 -3.97
N GLY A 40 9.42 9.31 -3.07
CA GLY A 40 8.79 10.62 -3.06
C GLY A 40 7.37 10.57 -3.58
N PRO A 41 7.18 10.46 -4.90
CA PRO A 41 5.85 10.37 -5.50
C PRO A 41 5.31 8.94 -5.45
N ASP A 42 5.62 8.24 -4.36
CA ASP A 42 5.19 6.87 -4.16
C ASP A 42 5.84 5.91 -5.14
N THR A 43 6.87 5.22 -4.65
CA THR A 43 7.60 4.25 -5.44
C THR A 43 6.69 3.08 -5.84
N THR A 44 6.72 2.74 -7.12
CA THR A 44 5.91 1.64 -7.62
C THR A 44 6.52 0.30 -7.24
N CYS A 45 5.72 -0.56 -6.63
CA CYS A 45 6.20 -1.87 -6.20
C CYS A 45 5.51 -2.98 -7.01
N LYS A 46 5.45 -2.79 -8.33
CA LYS A 46 4.82 -3.77 -9.22
C LYS A 46 5.73 -4.97 -9.42
N SER A 47 5.20 -6.16 -9.15
CA SER A 47 5.97 -7.40 -9.30
C SER A 47 5.56 -8.13 -10.58
N GLY A 48 6.53 -8.43 -11.43
CA GLY A 48 6.27 -9.13 -12.67
C GLY A 48 5.48 -8.30 -13.66
N ASP A 49 4.32 -7.78 -13.23
CA ASP A 49 3.48 -6.97 -14.10
C ASP A 49 2.37 -6.30 -13.30
N VAL A 50 1.80 -7.04 -12.34
CA VAL A 50 0.73 -6.51 -11.50
C VAL A 50 1.26 -5.40 -10.60
N GLU A 51 0.80 -4.17 -10.85
CA GLU A 51 1.24 -3.02 -10.07
C GLU A 51 0.32 -2.77 -8.88
N LEU A 52 0.92 -2.58 -7.72
CA LEU A 52 0.18 -2.31 -6.50
C LEU A 52 0.88 -1.23 -5.71
N LYS A 53 0.14 -0.22 -5.29
CA LYS A 53 0.72 0.89 -4.53
C LYS A 53 -0.37 1.81 -4.00
N ALA A 54 0.00 3.03 -3.63
CA ALA A 54 -0.96 3.99 -3.09
C ALA A 54 -1.87 4.57 -4.17
N SER A 55 -1.28 5.00 -5.28
CA SER A 55 -2.05 5.59 -6.36
C SER A 55 -2.94 4.56 -7.08
N ASP A 56 -2.34 3.44 -7.49
CA ASP A 56 -3.09 2.41 -8.20
C ASP A 56 -4.11 1.70 -7.31
N ALA A 57 -3.67 1.25 -6.13
CA ALA A 57 -4.55 0.54 -5.21
C ALA A 57 -5.17 1.46 -4.17
N GLY A 58 -4.36 2.32 -3.56
CA GLY A 58 -4.86 3.23 -2.53
C GLY A 58 -6.13 3.94 -2.96
N GLN A 59 -6.30 4.14 -4.26
CA GLN A 59 -7.49 4.81 -4.80
C GLN A 59 -8.76 4.31 -4.12
N VAL A 60 -8.76 3.04 -3.76
CA VAL A 60 -9.90 2.41 -3.13
C VAL A 60 -10.17 2.99 -1.74
N LEU A 61 -9.11 3.40 -1.04
CA LEU A 61 -9.25 3.98 0.28
C LEU A 61 -10.02 5.30 0.23
N THR A 62 -11.08 5.39 1.01
CA THR A 62 -11.90 6.61 1.04
C THR A 62 -11.23 7.69 1.87
N ALA A 63 -11.59 8.95 1.59
CA ALA A 63 -11.01 10.09 2.31
C ALA A 63 -11.11 9.90 3.82
N ASP A 64 -12.25 9.41 4.29
CA ASP A 64 -12.47 9.17 5.71
C ASP A 64 -11.39 8.25 6.28
N ASP A 65 -10.77 7.46 5.41
CA ASP A 65 -9.73 6.53 5.82
C ASP A 65 -8.45 7.23 6.29
N PHE A 66 -8.45 8.55 6.34
CA PHE A 66 -7.26 9.29 6.77
C PHE A 66 -6.57 8.60 7.94
N PRO A 67 -7.21 8.55 9.12
CA PRO A 67 -6.63 7.91 10.30
C PRO A 67 -6.59 6.38 10.16
N PHE A 68 -5.63 5.91 9.38
CA PHE A 68 -5.47 4.48 9.14
C PHE A 68 -4.79 3.80 10.33
N LYS A 69 -5.26 2.58 10.62
CA LYS A 69 -4.71 1.79 11.72
C LYS A 69 -3.26 1.38 11.42
N SER A 70 -2.38 2.36 11.40
CA SER A 70 -0.97 2.12 11.14
C SER A 70 -0.75 1.46 9.78
N ALA A 71 0.49 1.54 9.30
CA ALA A 71 0.88 0.97 8.02
C ALA A 71 0.46 -0.49 7.89
N GLU A 72 0.34 -1.17 9.03
CA GLU A 72 -0.04 -2.57 9.02
C GLU A 72 -1.42 -2.77 8.38
N GLU A 73 -2.42 -2.00 8.81
CA GLU A 73 -3.75 -2.15 8.23
C GLU A 73 -3.79 -1.63 6.81
N VAL A 74 -3.04 -0.57 6.56
CA VAL A 74 -2.99 0.02 5.23
C VAL A 74 -2.41 -0.97 4.22
N ALA A 75 -1.37 -1.68 4.64
CA ALA A 75 -0.73 -2.67 3.78
C ALA A 75 -1.71 -3.76 3.37
N ASP A 76 -2.38 -4.35 4.36
CA ASP A 76 -3.35 -5.41 4.10
C ASP A 76 -4.57 -4.88 3.35
N THR A 77 -5.03 -3.70 3.75
CA THR A 77 -6.20 -3.09 3.13
C THR A 77 -6.00 -2.89 1.63
N ILE A 78 -4.87 -2.29 1.25
CA ILE A 78 -4.57 -2.04 -0.16
C ILE A 78 -4.53 -3.35 -0.95
N VAL A 79 -3.79 -4.34 -0.44
CA VAL A 79 -3.67 -5.62 -1.11
C VAL A 79 -5.01 -6.35 -1.22
N ASN A 80 -5.80 -6.31 -0.16
CA ASN A 80 -7.10 -6.98 -0.15
C ASN A 80 -8.02 -6.46 -1.27
N LYS A 81 -8.24 -5.16 -1.29
CA LYS A 81 -9.10 -4.54 -2.29
C LYS A 81 -8.45 -4.53 -3.66
N ALA A 82 -7.15 -4.28 -3.70
CA ALA A 82 -6.41 -4.22 -4.96
C ALA A 82 -6.35 -5.59 -5.63
N GLY A 83 -6.37 -6.65 -4.83
CA GLY A 83 -6.32 -7.99 -5.39
C GLY A 83 -5.70 -8.99 -4.44
N LEU A 84 -4.50 -8.68 -3.99
CA LEU A 84 -3.75 -9.55 -3.09
C LEU A 84 -4.37 -9.54 -1.69
N GLY A 1 2.63 -22.86 -4.67
CA GLY A 1 1.42 -22.08 -5.05
C GLY A 1 1.75 -20.64 -5.42
N SER A 2 2.81 -20.47 -6.22
CA SER A 2 3.23 -19.14 -6.64
C SER A 2 2.12 -18.44 -7.42
N HIS A 3 1.49 -19.18 -8.33
CA HIS A 3 0.41 -18.63 -9.15
C HIS A 3 -0.78 -18.24 -8.26
N MET A 4 -2.00 -18.51 -8.74
CA MET A 4 -3.21 -18.16 -7.97
C MET A 4 -3.27 -16.64 -7.74
N LYS A 5 -3.25 -16.21 -6.47
CA LYS A 5 -3.29 -14.78 -6.17
C LYS A 5 -1.89 -14.22 -5.98
N MET A 6 -0.93 -14.81 -6.69
CA MET A 6 0.46 -14.36 -6.61
C MET A 6 1.01 -14.48 -5.18
N GLY A 7 2.15 -15.16 -5.05
CA GLY A 7 2.76 -15.33 -3.76
C GLY A 7 3.32 -14.02 -3.22
N VAL A 8 3.62 -13.09 -4.12
CA VAL A 8 4.17 -11.79 -3.76
C VAL A 8 3.23 -11.01 -2.84
N LYS A 9 2.03 -11.51 -2.57
CA LYS A 9 1.11 -10.77 -1.72
C LYS A 9 1.86 -10.22 -0.51
N GLU A 10 2.66 -11.07 0.10
CA GLU A 10 3.48 -10.66 1.23
C GLU A 10 4.70 -9.88 0.76
N ASP A 11 5.24 -10.25 -0.41
CA ASP A 11 6.42 -9.59 -0.96
C ASP A 11 6.19 -8.11 -1.29
N ILE A 12 5.13 -7.83 -2.05
CA ILE A 12 4.78 -6.46 -2.39
C ILE A 12 4.35 -5.73 -1.14
N ARG A 13 3.49 -6.36 -0.35
CA ARG A 13 3.02 -5.79 0.91
C ARG A 13 4.23 -5.44 1.77
N GLY A 14 5.31 -6.21 1.59
CA GLY A 14 6.52 -5.94 2.33
C GLY A 14 7.10 -4.62 1.91
N GLN A 15 7.09 -4.40 0.61
CA GLN A 15 7.58 -3.17 0.03
C GLN A 15 6.65 -2.01 0.39
N ILE A 16 5.37 -2.32 0.58
CA ILE A 16 4.37 -1.32 0.92
C ILE A 16 4.55 -0.86 2.36
N ILE A 17 4.78 -1.80 3.27
CA ILE A 17 4.98 -1.47 4.67
C ILE A 17 6.17 -0.52 4.83
N GLY A 18 7.31 -0.90 4.26
CA GLY A 18 8.47 -0.05 4.32
C GLY A 18 8.25 1.23 3.55
N ALA A 19 7.53 1.10 2.44
CA ALA A 19 7.20 2.23 1.58
C ALA A 19 6.39 3.28 2.34
N LEU A 20 5.59 2.81 3.29
CA LEU A 20 4.75 3.67 4.10
C LEU A 20 5.55 4.29 5.23
N ALA A 21 6.57 3.57 5.67
CA ALA A 21 7.42 4.03 6.76
C ALA A 21 8.07 5.37 6.40
N GLY A 22 7.94 6.35 7.29
CA GLY A 22 8.51 7.65 7.05
C GLY A 22 7.47 8.76 7.07
N ALA A 23 6.27 8.46 6.59
CA ALA A 23 5.18 9.44 6.55
C ALA A 23 4.95 10.06 7.92
N ASP A 24 3.92 10.89 8.01
CA ASP A 24 3.54 11.53 9.26
C ASP A 24 3.17 10.43 10.25
N PHE A 25 2.00 10.49 10.89
CA PHE A 25 1.61 9.40 11.79
C PHE A 25 1.73 8.13 10.99
N PRO A 26 1.52 6.95 11.58
CA PRO A 26 1.60 5.71 10.83
C PRO A 26 0.55 5.64 9.71
N ILE A 27 0.72 6.49 8.65
CA ILE A 27 -0.17 6.51 7.47
C ILE A 27 -1.15 7.69 7.38
N ASN A 28 -0.63 8.91 7.25
CA ASN A 28 -1.48 10.11 7.11
C ASN A 28 -2.28 10.07 5.80
N SER A 29 -3.16 9.11 5.66
CA SER A 29 -3.94 9.00 4.44
C SER A 29 -2.99 8.86 3.25
N PRO A 30 -3.47 8.37 2.12
CA PRO A 30 -2.62 8.18 0.96
C PRO A 30 -1.86 9.44 0.57
N GLU A 31 -2.47 10.60 0.76
CA GLU A 31 -1.79 11.84 0.42
C GLU A 31 -0.40 11.89 1.08
N GLU A 32 -0.38 11.77 2.39
CA GLU A 32 0.86 11.82 3.14
C GLU A 32 1.66 10.53 3.05
N LEU A 33 1.05 9.41 3.48
CA LEU A 33 1.74 8.13 3.46
C LEU A 33 2.36 7.90 2.08
N MET A 34 1.58 8.16 1.03
CA MET A 34 2.08 8.02 -0.32
C MET A 34 3.19 9.03 -0.53
N ALA A 35 3.09 10.17 0.15
CA ALA A 35 4.11 11.21 0.05
C ALA A 35 5.42 10.75 0.70
N ALA A 36 5.31 9.91 1.73
CA ALA A 36 6.46 9.41 2.44
C ALA A 36 7.27 8.44 1.60
N LEU A 37 6.59 7.63 0.81
CA LEU A 37 7.25 6.62 -0.05
C LEU A 37 8.60 7.12 -0.56
N PRO A 38 9.61 6.21 -0.60
CA PRO A 38 10.97 6.53 -1.05
C PRO A 38 11.00 7.32 -2.35
N ASN A 39 10.04 7.05 -3.23
CA ASN A 39 9.95 7.73 -4.50
C ASN A 39 9.49 9.17 -4.32
N GLY A 40 8.76 9.43 -3.23
CA GLY A 40 8.29 10.76 -2.95
C GLY A 40 6.79 10.92 -3.16
N PRO A 41 6.31 10.87 -4.41
CA PRO A 41 4.88 11.01 -4.72
C PRO A 41 4.11 9.71 -4.51
N ASP A 42 4.66 8.60 -4.99
CA ASP A 42 4.02 7.32 -4.88
C ASP A 42 4.86 6.21 -5.53
N THR A 43 5.92 5.77 -4.84
CA THR A 43 6.77 4.72 -5.39
C THR A 43 5.95 3.48 -5.75
N THR A 44 6.21 2.91 -6.92
CA THR A 44 5.49 1.72 -7.36
C THR A 44 6.22 0.45 -6.97
N CYS A 45 5.60 -0.35 -6.10
CA CYS A 45 6.19 -1.62 -5.66
C CYS A 45 5.70 -2.75 -6.55
N LYS A 46 5.73 -2.51 -7.86
CA LYS A 46 5.27 -3.50 -8.82
C LYS A 46 6.28 -4.64 -9.00
N SER A 47 5.81 -5.86 -8.80
CA SER A 47 6.64 -7.04 -8.97
C SER A 47 6.35 -7.65 -10.34
N GLY A 48 7.38 -7.75 -11.17
CA GLY A 48 7.18 -8.29 -12.50
C GLY A 48 6.22 -7.45 -13.31
N ASP A 49 5.21 -8.09 -13.90
CA ASP A 49 4.22 -7.38 -14.71
C ASP A 49 3.18 -6.69 -13.83
N VAL A 50 2.81 -7.34 -12.73
CA VAL A 50 1.81 -6.80 -11.81
C VAL A 50 2.32 -5.55 -11.10
N GLU A 51 1.43 -4.58 -10.90
CA GLU A 51 1.79 -3.33 -10.24
C GLU A 51 0.80 -3.01 -9.12
N LEU A 52 1.33 -2.74 -7.92
CA LEU A 52 0.50 -2.40 -6.78
C LEU A 52 1.18 -1.34 -5.91
N LYS A 53 0.42 -0.30 -5.58
CA LYS A 53 0.93 0.79 -4.76
C LYS A 53 -0.21 1.63 -4.22
N ALA A 54 0.12 2.55 -3.32
CA ALA A 54 -0.89 3.43 -2.73
C ALA A 54 -1.63 4.24 -3.79
N SER A 55 -0.91 4.66 -4.83
CA SER A 55 -1.52 5.46 -5.89
C SER A 55 -2.56 4.67 -6.68
N ASP A 56 -2.15 3.56 -7.27
CA ASP A 56 -3.05 2.74 -8.08
C ASP A 56 -4.06 1.99 -7.21
N ALA A 57 -3.57 1.24 -6.24
CA ALA A 57 -4.44 0.45 -5.35
C ALA A 57 -5.10 1.31 -4.29
N GLY A 58 -4.33 2.18 -3.64
CA GLY A 58 -4.87 3.04 -2.60
C GLY A 58 -6.16 3.75 -3.00
N GLN A 59 -6.37 3.92 -4.30
CA GLN A 59 -7.58 4.59 -4.79
C GLN A 59 -8.82 4.16 -4.04
N VAL A 60 -8.82 2.89 -3.61
CA VAL A 60 -9.95 2.32 -2.89
C VAL A 60 -10.00 2.74 -1.42
N LEU A 61 -9.46 3.91 -1.10
CA LEU A 61 -9.49 4.40 0.29
C LEU A 61 -10.08 5.81 0.33
N THR A 62 -11.24 5.93 0.98
CA THR A 62 -11.92 7.22 1.09
C THR A 62 -11.15 8.21 1.95
N ALA A 63 -11.40 9.50 1.73
CA ALA A 63 -10.73 10.55 2.48
C ALA A 63 -10.86 10.32 3.98
N ASP A 64 -12.04 9.89 4.40
CA ASP A 64 -12.29 9.61 5.82
C ASP A 64 -11.26 8.63 6.37
N ASP A 65 -10.67 7.85 5.47
CA ASP A 65 -9.66 6.84 5.86
C ASP A 65 -8.36 7.49 6.34
N PHE A 66 -8.32 8.82 6.43
CA PHE A 66 -7.10 9.51 6.86
C PHE A 66 -6.41 8.76 8.00
N PRO A 67 -7.07 8.67 9.18
CA PRO A 67 -6.50 7.96 10.33
C PRO A 67 -6.48 6.46 10.12
N PHE A 68 -5.53 5.99 9.33
CA PHE A 68 -5.39 4.57 9.04
C PHE A 68 -4.75 3.84 10.21
N LYS A 69 -5.23 2.64 10.51
CA LYS A 69 -4.71 1.82 11.59
C LYS A 69 -3.27 1.39 11.29
N SER A 70 -2.38 2.37 11.28
CA SER A 70 -0.97 2.12 11.01
C SER A 70 -0.75 1.50 9.64
N ALA A 71 0.48 1.62 9.15
CA ALA A 71 0.86 1.09 7.85
C ALA A 71 0.47 -0.38 7.70
N GLU A 72 0.44 -1.09 8.82
CA GLU A 72 0.09 -2.51 8.81
C GLU A 72 -1.32 -2.71 8.24
N GLU A 73 -2.30 -1.93 8.70
CA GLU A 73 -3.65 -2.09 8.20
C GLU A 73 -3.72 -1.64 6.74
N VAL A 74 -2.96 -0.60 6.40
CA VAL A 74 -2.94 -0.11 5.03
C VAL A 74 -2.43 -1.19 4.08
N ALA A 75 -1.36 -1.86 4.48
CA ALA A 75 -0.78 -2.92 3.66
C ALA A 75 -1.82 -3.97 3.31
N ASP A 76 -2.53 -4.45 4.33
CA ASP A 76 -3.56 -5.47 4.12
C ASP A 76 -4.76 -4.90 3.38
N THR A 77 -5.16 -3.68 3.75
CA THR A 77 -6.30 -3.02 3.14
C THR A 77 -6.11 -2.83 1.63
N ILE A 78 -4.97 -2.27 1.24
CA ILE A 78 -4.69 -2.04 -0.16
C ILE A 78 -4.66 -3.34 -0.96
N VAL A 79 -3.87 -4.30 -0.49
CA VAL A 79 -3.76 -5.59 -1.17
C VAL A 79 -5.09 -6.31 -1.24
N ASN A 80 -5.87 -6.25 -0.16
CA ASN A 80 -7.18 -6.90 -0.12
C ASN A 80 -8.10 -6.37 -1.20
N LYS A 81 -8.28 -5.05 -1.23
CA LYS A 81 -9.15 -4.40 -2.20
C LYS A 81 -8.54 -4.42 -3.60
N ALA A 82 -7.25 -4.17 -3.69
CA ALA A 82 -6.56 -4.14 -4.97
C ALA A 82 -6.52 -5.51 -5.63
N GLY A 83 -6.50 -6.57 -4.82
CA GLY A 83 -6.46 -7.91 -5.36
C GLY A 83 -5.81 -8.90 -4.42
N LEU A 84 -4.58 -8.59 -4.03
CA LEU A 84 -3.82 -9.45 -3.15
C LEU A 84 -4.40 -9.44 -1.74
N GLY A 1 -6.00 -19.43 3.96
CA GLY A 1 -7.48 -19.53 4.01
C GLY A 1 -8.01 -20.72 3.22
N SER A 2 -7.37 -21.87 3.40
CA SER A 2 -7.76 -23.10 2.70
C SER A 2 -7.46 -23.02 1.20
N HIS A 3 -8.01 -22.00 0.54
CA HIS A 3 -7.79 -21.82 -0.89
C HIS A 3 -6.32 -21.59 -1.20
N MET A 4 -5.82 -22.31 -2.19
CA MET A 4 -4.41 -22.19 -2.59
C MET A 4 -4.11 -20.78 -3.10
N LYS A 5 -2.90 -20.30 -2.81
CA LYS A 5 -2.48 -18.98 -3.24
C LYS A 5 -1.02 -18.72 -2.83
N MET A 6 -0.81 -17.90 -1.79
CA MET A 6 0.54 -17.56 -1.30
C MET A 6 1.47 -17.15 -2.44
N GLY A 7 2.11 -15.99 -2.25
CA GLY A 7 3.03 -15.49 -3.25
C GLY A 7 3.58 -14.13 -2.90
N VAL A 8 3.63 -13.23 -3.88
CA VAL A 8 4.14 -11.88 -3.66
C VAL A 8 3.16 -11.06 -2.84
N LYS A 9 1.98 -11.59 -2.55
CA LYS A 9 1.01 -10.83 -1.78
C LYS A 9 1.72 -10.20 -0.60
N GLU A 10 2.45 -11.02 0.13
CA GLU A 10 3.22 -10.55 1.26
C GLU A 10 4.52 -9.87 0.80
N ASP A 11 5.04 -10.28 -0.37
CA ASP A 11 6.29 -9.71 -0.88
C ASP A 11 6.14 -8.23 -1.26
N ILE A 12 5.15 -7.92 -2.08
CA ILE A 12 4.88 -6.54 -2.49
C ILE A 12 4.35 -5.78 -1.29
N ARG A 13 3.41 -6.39 -0.58
CA ARG A 13 2.84 -5.80 0.63
C ARG A 13 3.98 -5.47 1.57
N GLY A 14 5.03 -6.29 1.52
CA GLY A 14 6.19 -6.06 2.35
C GLY A 14 6.83 -4.74 1.96
N GLN A 15 6.91 -4.53 0.66
CA GLN A 15 7.44 -3.30 0.12
C GLN A 15 6.55 -2.13 0.52
N ILE A 16 5.25 -2.43 0.69
CA ILE A 16 4.28 -1.42 1.09
C ILE A 16 4.49 -0.97 2.53
N ILE A 17 4.77 -1.94 3.41
CA ILE A 17 5.00 -1.63 4.81
C ILE A 17 6.17 -0.65 4.96
N GLY A 18 7.30 -1.00 4.35
CA GLY A 18 8.46 -0.13 4.40
C GLY A 18 8.23 1.15 3.63
N ALA A 19 7.54 1.01 2.50
CA ALA A 19 7.22 2.14 1.64
C ALA A 19 6.35 3.15 2.36
N LEU A 20 5.56 2.67 3.32
CA LEU A 20 4.67 3.52 4.09
C LEU A 20 5.42 4.18 5.24
N ALA A 21 6.45 3.49 5.72
CA ALA A 21 7.26 4.00 6.83
C ALA A 21 7.93 5.31 6.43
N GLY A 22 7.80 6.33 7.28
CA GLY A 22 8.41 7.62 7.00
C GLY A 22 7.38 8.74 6.94
N ALA A 23 6.18 8.42 6.47
CA ALA A 23 5.11 9.41 6.36
C ALA A 23 4.88 10.14 7.67
N ASP A 24 3.84 10.96 7.71
CA ASP A 24 3.47 11.68 8.91
C ASP A 24 3.14 10.65 9.99
N PHE A 25 1.92 10.65 10.52
CA PHE A 25 1.57 9.62 11.49
C PHE A 25 1.73 8.29 10.76
N PRO A 26 1.47 7.15 11.40
CA PRO A 26 1.60 5.88 10.71
C PRO A 26 0.56 5.71 9.58
N ILE A 27 0.67 6.56 8.53
CA ILE A 27 -0.22 6.50 7.34
C ILE A 27 -1.23 7.65 7.23
N ASN A 28 -0.73 8.89 7.14
CA ASN A 28 -1.59 10.07 7.00
C ASN A 28 -2.40 10.04 5.71
N SER A 29 -3.33 9.10 5.58
CA SER A 29 -4.12 9.00 4.38
C SER A 29 -3.20 8.82 3.19
N PRO A 30 -3.67 8.19 2.11
CA PRO A 30 -2.84 7.98 0.94
C PRO A 30 -2.10 9.22 0.51
N GLU A 31 -2.70 10.38 0.70
CA GLU A 31 -2.05 11.62 0.31
C GLU A 31 -0.65 11.71 0.92
N GLU A 32 -0.58 11.62 2.23
CA GLU A 32 0.67 11.70 2.96
C GLU A 32 1.51 10.44 2.85
N LEU A 33 0.96 9.31 3.26
CA LEU A 33 1.70 8.05 3.21
C LEU A 33 2.29 7.87 1.82
N MET A 34 1.51 8.23 0.81
CA MET A 34 1.95 8.18 -0.58
C MET A 34 3.10 9.16 -0.76
N ALA A 35 3.04 10.27 -0.01
CA ALA A 35 4.09 11.27 -0.08
C ALA A 35 5.35 10.81 0.65
N ALA A 36 5.17 9.85 1.55
CA ALA A 36 6.28 9.34 2.37
C ALA A 36 7.21 8.40 1.61
N LEU A 37 6.63 7.51 0.82
CA LEU A 37 7.40 6.50 0.09
C LEU A 37 8.83 6.96 -0.25
N PRO A 38 9.78 6.00 -0.27
CA PRO A 38 11.21 6.25 -0.51
C PRO A 38 11.52 7.17 -1.70
N ASN A 39 10.94 6.88 -2.87
CA ASN A 39 11.23 7.69 -4.06
C ASN A 39 10.59 9.08 -3.98
N GLY A 40 9.67 9.27 -3.05
CA GLY A 40 9.00 10.55 -2.92
C GLY A 40 7.57 10.54 -3.45
N PRO A 41 7.39 10.43 -4.78
CA PRO A 41 6.05 10.41 -5.39
C PRO A 41 5.43 9.01 -5.39
N ASP A 42 5.55 8.32 -4.26
CA ASP A 42 5.00 6.97 -4.12
C ASP A 42 5.61 6.00 -5.11
N THR A 43 6.61 5.28 -4.63
CA THR A 43 7.31 4.28 -5.43
C THR A 43 6.43 3.07 -5.70
N THR A 44 6.38 2.64 -6.96
CA THR A 44 5.57 1.49 -7.33
C THR A 44 6.22 0.19 -6.89
N CYS A 45 5.50 -0.61 -6.12
CA CYS A 45 6.01 -1.89 -5.65
C CYS A 45 5.66 -3.01 -6.63
N LYS A 46 5.85 -2.73 -7.92
CA LYS A 46 5.54 -3.69 -8.97
C LYS A 46 6.61 -4.78 -9.04
N SER A 47 6.20 -5.98 -9.44
CA SER A 47 7.11 -7.11 -9.55
C SER A 47 6.69 -8.03 -10.69
N GLY A 48 7.65 -8.35 -11.57
CA GLY A 48 7.36 -9.21 -12.70
C GLY A 48 6.48 -8.55 -13.75
N ASP A 49 5.35 -7.98 -13.31
CA ASP A 49 4.43 -7.32 -14.21
C ASP A 49 3.36 -6.58 -13.41
N VAL A 50 2.89 -7.21 -12.33
CA VAL A 50 1.88 -6.61 -11.47
C VAL A 50 2.44 -5.38 -10.75
N GLU A 51 1.63 -4.32 -10.68
CA GLU A 51 2.06 -3.09 -10.02
C GLU A 51 1.10 -2.72 -8.89
N LEU A 52 1.66 -2.34 -7.74
CA LEU A 52 0.86 -1.95 -6.58
C LEU A 52 1.49 -0.77 -5.87
N LYS A 53 0.64 0.18 -5.45
CA LYS A 53 1.09 1.36 -4.76
C LYS A 53 -0.09 2.20 -4.29
N ALA A 54 0.19 3.15 -3.41
CA ALA A 54 -0.87 4.02 -2.86
C ALA A 54 -1.76 4.59 -3.96
N SER A 55 -1.17 4.98 -5.07
CA SER A 55 -1.93 5.55 -6.18
C SER A 55 -2.78 4.50 -6.89
N ASP A 56 -2.18 3.33 -7.15
CA ASP A 56 -2.88 2.25 -7.85
C ASP A 56 -3.99 1.64 -7.00
N ALA A 57 -3.63 1.22 -5.79
CA ALA A 57 -4.59 0.59 -4.89
C ALA A 57 -5.17 1.58 -3.88
N GLY A 58 -4.31 2.39 -3.27
CA GLY A 58 -4.76 3.36 -2.28
C GLY A 58 -6.02 4.11 -2.69
N GLN A 59 -6.20 4.30 -3.99
CA GLN A 59 -7.36 5.01 -4.51
C GLN A 59 -8.66 4.40 -3.95
N VAL A 60 -8.62 3.12 -3.63
CA VAL A 60 -9.78 2.41 -3.10
C VAL A 60 -10.00 2.70 -1.61
N LEU A 61 -9.57 3.87 -1.15
CA LEU A 61 -9.74 4.24 0.25
C LEU A 61 -10.45 5.60 0.36
N THR A 62 -11.54 5.63 1.11
CA THR A 62 -12.31 6.85 1.29
C THR A 62 -11.55 7.90 2.08
N ALA A 63 -11.89 9.16 1.89
CA ALA A 63 -11.24 10.27 2.59
C ALA A 63 -11.26 10.06 4.10
N ASP A 64 -12.39 9.57 4.61
CA ASP A 64 -12.55 9.32 6.03
C ASP A 64 -11.45 8.39 6.55
N ASP A 65 -10.86 7.62 5.62
CA ASP A 65 -9.79 6.68 5.98
C ASP A 65 -8.51 7.36 6.41
N PHE A 66 -8.51 8.70 6.49
CA PHE A 66 -7.30 9.42 6.87
C PHE A 66 -6.56 8.72 8.02
N PRO A 67 -7.19 8.64 9.22
CA PRO A 67 -6.58 7.98 10.37
C PRO A 67 -6.53 6.46 10.20
N PHE A 68 -5.59 5.98 9.40
CA PHE A 68 -5.44 4.56 9.14
C PHE A 68 -4.75 3.86 10.32
N LYS A 69 -5.19 2.64 10.60
CA LYS A 69 -4.61 1.86 11.68
C LYS A 69 -3.17 1.45 11.34
N SER A 70 -2.30 2.44 11.32
CA SER A 70 -0.89 2.22 11.02
C SER A 70 -0.67 1.57 9.66
N ALA A 71 0.56 1.69 9.17
CA ALA A 71 0.94 1.14 7.87
C ALA A 71 0.57 -0.32 7.75
N GLU A 72 0.59 -1.04 8.87
CA GLU A 72 0.26 -2.45 8.87
C GLU A 72 -1.14 -2.70 8.32
N GLU A 73 -2.12 -1.91 8.78
CA GLU A 73 -3.49 -2.09 8.30
C GLU A 73 -3.63 -1.64 6.85
N VAL A 74 -2.93 -0.57 6.51
CA VAL A 74 -2.97 -0.04 5.15
C VAL A 74 -2.42 -1.05 4.15
N ALA A 75 -1.26 -1.62 4.48
CA ALA A 75 -0.63 -2.61 3.61
C ALA A 75 -1.58 -3.77 3.33
N ASP A 76 -2.18 -4.32 4.38
CA ASP A 76 -3.11 -5.44 4.23
C ASP A 76 -4.36 -5.00 3.46
N THR A 77 -4.91 -3.85 3.81
CA THR A 77 -6.10 -3.33 3.15
C THR A 77 -5.87 -3.11 1.66
N ILE A 78 -4.73 -2.52 1.31
CA ILE A 78 -4.39 -2.26 -0.07
C ILE A 78 -4.40 -3.53 -0.91
N VAL A 79 -3.70 -4.56 -0.45
CA VAL A 79 -3.63 -5.82 -1.17
C VAL A 79 -5.00 -6.47 -1.34
N ASN A 80 -5.86 -6.34 -0.32
CA ASN A 80 -7.20 -6.94 -0.39
C ASN A 80 -8.05 -6.32 -1.50
N LYS A 81 -8.24 -5.02 -1.44
CA LYS A 81 -9.05 -4.31 -2.43
C LYS A 81 -8.37 -4.27 -3.80
N ALA A 82 -7.06 -4.09 -3.80
CA ALA A 82 -6.31 -4.00 -5.05
C ALA A 82 -6.30 -5.33 -5.80
N GLY A 83 -6.37 -6.44 -5.09
CA GLY A 83 -6.38 -7.73 -5.76
C GLY A 83 -5.86 -8.85 -4.88
N LEU A 84 -4.65 -8.67 -4.39
CA LEU A 84 -4.00 -9.67 -3.55
C LEU A 84 -4.72 -9.84 -2.21
N GLY A 1 -10.86 -11.79 1.31
CA GLY A 1 -9.72 -10.90 1.63
C GLY A 1 -8.39 -11.44 1.12
N SER A 2 -8.14 -12.72 1.39
CA SER A 2 -6.92 -13.37 0.95
C SER A 2 -6.90 -14.84 1.35
N HIS A 3 -8.05 -15.48 1.28
CA HIS A 3 -8.16 -16.90 1.63
C HIS A 3 -7.84 -17.80 0.44
N MET A 4 -7.09 -18.86 0.70
CA MET A 4 -6.71 -19.81 -0.35
C MET A 4 -5.81 -19.16 -1.40
N LYS A 5 -4.68 -18.63 -0.96
CA LYS A 5 -3.73 -18.00 -1.86
C LYS A 5 -2.48 -17.55 -1.11
N MET A 6 -1.33 -17.70 -1.77
CA MET A 6 -0.05 -17.32 -1.17
C MET A 6 0.99 -17.03 -2.24
N GLY A 7 1.69 -15.93 -2.09
CA GLY A 7 2.71 -15.54 -3.05
C GLY A 7 3.34 -14.21 -2.71
N VAL A 8 3.46 -13.33 -3.70
CA VAL A 8 4.04 -12.01 -3.48
C VAL A 8 3.13 -11.15 -2.63
N LYS A 9 1.91 -11.62 -2.34
CA LYS A 9 0.98 -10.82 -1.55
C LYS A 9 1.74 -10.23 -0.36
N GLU A 10 2.52 -11.06 0.31
CA GLU A 10 3.34 -10.60 1.42
C GLU A 10 4.59 -9.87 0.91
N ASP A 11 5.10 -10.30 -0.26
CA ASP A 11 6.31 -9.70 -0.82
C ASP A 11 6.12 -8.22 -1.23
N ILE A 12 5.08 -7.95 -2.01
CA ILE A 12 4.77 -6.60 -2.42
C ILE A 12 4.29 -5.80 -1.22
N ARG A 13 3.40 -6.41 -0.45
CA ARG A 13 2.89 -5.78 0.76
C ARG A 13 4.06 -5.44 1.67
N GLY A 14 5.12 -6.24 1.57
CA GLY A 14 6.31 -5.99 2.35
C GLY A 14 6.93 -4.68 1.94
N GLN A 15 6.97 -4.49 0.62
CA GLN A 15 7.49 -3.27 0.05
C GLN A 15 6.61 -2.08 0.45
N ILE A 16 5.32 -2.37 0.65
CA ILE A 16 4.35 -1.36 1.04
C ILE A 16 4.59 -0.91 2.48
N ILE A 17 4.86 -1.87 3.36
CA ILE A 17 5.11 -1.56 4.77
C ILE A 17 6.29 -0.58 4.89
N GLY A 18 7.41 -0.93 4.27
CA GLY A 18 8.56 -0.06 4.31
C GLY A 18 8.32 1.22 3.51
N ALA A 19 7.61 1.07 2.41
CA ALA A 19 7.28 2.19 1.53
C ALA A 19 6.43 3.22 2.27
N LEU A 20 5.67 2.75 3.26
CA LEU A 20 4.81 3.62 4.05
C LEU A 20 5.57 4.24 5.20
N ALA A 21 6.59 3.54 5.68
CA ALA A 21 7.41 4.03 6.78
C ALA A 21 7.99 5.41 6.46
N GLY A 22 7.82 6.35 7.39
CA GLY A 22 8.34 7.69 7.17
C GLY A 22 7.25 8.74 7.17
N ALA A 23 6.07 8.40 6.66
CA ALA A 23 4.95 9.33 6.60
C ALA A 23 4.68 9.97 7.95
N ASP A 24 3.65 10.81 7.98
CA ASP A 24 3.23 11.47 9.23
C ASP A 24 2.84 10.38 10.21
N PHE A 25 1.59 10.35 10.70
CA PHE A 25 1.19 9.26 11.57
C PHE A 25 1.40 7.99 10.77
N PRO A 26 1.23 6.81 11.35
CA PRO A 26 1.42 5.58 10.61
C PRO A 26 0.41 5.45 9.45
N ILE A 27 0.53 6.33 8.44
CA ILE A 27 -0.32 6.33 7.22
C ILE A 27 -1.32 7.50 7.12
N ASN A 28 -0.81 8.73 7.09
CA ASN A 28 -1.67 9.92 6.95
C ASN A 28 -2.42 9.92 5.62
N SER A 29 -3.33 8.98 5.44
CA SER A 29 -4.07 8.90 4.19
C SER A 29 -3.09 8.78 3.03
N PRO A 30 -3.52 8.24 1.89
CA PRO A 30 -2.64 8.07 0.76
C PRO A 30 -1.87 9.34 0.41
N GLU A 31 -2.49 10.49 0.59
CA GLU A 31 -1.81 11.75 0.28
C GLU A 31 -0.45 11.81 0.98
N GLU A 32 -0.46 11.67 2.29
CA GLU A 32 0.75 11.72 3.10
C GLU A 32 1.57 10.45 3.00
N LEU A 33 0.97 9.32 3.35
CA LEU A 33 1.70 8.05 3.32
C LEU A 33 2.39 7.90 1.98
N MET A 34 1.70 8.28 0.90
CA MET A 34 2.30 8.25 -0.42
C MET A 34 3.43 9.26 -0.48
N ALA A 35 3.26 10.38 0.24
CA ALA A 35 4.29 11.41 0.26
C ALA A 35 5.54 10.89 0.95
N ALA A 36 5.35 9.95 1.88
CA ALA A 36 6.45 9.38 2.63
C ALA A 36 7.32 8.44 1.78
N LEU A 37 6.67 7.63 0.95
CA LEU A 37 7.38 6.66 0.11
C LEU A 37 8.74 7.19 -0.37
N PRO A 38 9.74 6.29 -0.49
CA PRO A 38 11.11 6.61 -0.88
C PRO A 38 11.21 7.52 -2.11
N ASN A 39 10.39 7.25 -3.13
CA ASN A 39 10.43 8.04 -4.35
C ASN A 39 9.86 9.45 -4.15
N GLY A 40 9.11 9.65 -3.07
CA GLY A 40 8.52 10.96 -2.81
C GLY A 40 7.01 10.97 -2.97
N PRO A 41 6.50 10.80 -4.21
CA PRO A 41 5.05 10.80 -4.47
C PRO A 41 4.39 9.49 -4.06
N ASP A 42 4.91 8.39 -4.58
CA ASP A 42 4.39 7.06 -4.29
C ASP A 42 5.08 6.01 -5.17
N THR A 43 6.12 5.37 -4.63
CA THR A 43 6.86 4.36 -5.38
C THR A 43 6.01 3.11 -5.60
N THR A 44 6.04 2.59 -6.81
CA THR A 44 5.26 1.40 -7.15
C THR A 44 5.97 0.13 -6.69
N CYS A 45 5.25 -0.71 -5.95
CA CYS A 45 5.82 -1.97 -5.47
C CYS A 45 5.44 -3.11 -6.41
N LYS A 46 5.55 -2.85 -7.71
CA LYS A 46 5.22 -3.85 -8.72
C LYS A 46 6.32 -4.91 -8.83
N SER A 47 5.94 -6.09 -9.32
CA SER A 47 6.90 -7.19 -9.45
C SER A 47 6.48 -8.14 -10.58
N GLY A 48 7.41 -8.44 -11.47
CA GLY A 48 7.15 -9.34 -12.58
C GLY A 48 6.18 -8.75 -13.61
N ASP A 49 5.03 -8.28 -13.14
CA ASP A 49 4.03 -7.70 -14.02
C ASP A 49 2.97 -6.98 -13.20
N VAL A 50 2.57 -7.60 -12.10
CA VAL A 50 1.57 -7.03 -11.22
C VAL A 50 2.08 -5.76 -10.56
N GLU A 51 1.25 -4.72 -10.53
CA GLU A 51 1.65 -3.45 -9.93
C GLU A 51 0.68 -3.04 -8.82
N LEU A 52 1.22 -2.67 -7.67
CA LEU A 52 0.42 -2.24 -6.53
C LEU A 52 1.08 -1.08 -5.80
N LYS A 53 0.27 -0.12 -5.38
CA LYS A 53 0.77 1.05 -4.66
C LYS A 53 -0.37 1.96 -4.25
N ALA A 54 -0.16 2.72 -3.19
CA ALA A 54 -1.17 3.63 -2.67
C ALA A 54 -1.79 4.46 -3.77
N SER A 55 -1.04 4.70 -4.85
CA SER A 55 -1.56 5.50 -5.95
C SER A 55 -2.69 4.76 -6.67
N ASP A 56 -2.38 3.60 -7.25
CA ASP A 56 -3.38 2.81 -7.97
C ASP A 56 -4.36 2.14 -7.02
N ALA A 57 -3.83 1.40 -6.05
CA ALA A 57 -4.66 0.69 -5.07
C ALA A 57 -5.31 1.65 -4.08
N GLY A 58 -4.52 2.59 -3.57
CA GLY A 58 -5.05 3.55 -2.60
C GLY A 58 -6.39 4.12 -3.01
N GLN A 59 -6.64 4.16 -4.32
CA GLN A 59 -7.92 4.66 -4.85
C GLN A 59 -9.08 4.16 -4.02
N VAL A 60 -8.93 2.93 -3.57
CA VAL A 60 -9.94 2.24 -2.79
C VAL A 60 -9.85 2.60 -1.29
N LEU A 61 -9.36 3.81 -1.00
CA LEU A 61 -9.23 4.27 0.38
C LEU A 61 -9.67 5.73 0.49
N THR A 62 -10.99 5.95 0.49
CA THR A 62 -11.56 7.29 0.58
C THR A 62 -10.94 8.10 1.72
N ALA A 63 -11.33 9.38 1.79
CA ALA A 63 -10.83 10.29 2.82
C ALA A 63 -11.09 9.74 4.22
N ASP A 64 -12.25 9.14 4.42
CA ASP A 64 -12.61 8.58 5.71
C ASP A 64 -11.49 7.68 6.25
N ASP A 65 -10.73 7.09 5.32
CA ASP A 65 -9.63 6.20 5.68
C ASP A 65 -8.41 6.97 6.16
N PHE A 66 -8.51 8.29 6.28
CA PHE A 66 -7.37 9.10 6.73
C PHE A 66 -6.67 8.45 7.92
N PRO A 67 -7.30 8.43 9.12
CA PRO A 67 -6.71 7.81 10.30
C PRO A 67 -6.65 6.30 10.16
N PHE A 68 -5.68 5.83 9.38
CA PHE A 68 -5.50 4.42 9.11
C PHE A 68 -4.86 3.68 10.29
N LYS A 69 -5.29 2.45 10.49
CA LYS A 69 -4.77 1.61 11.56
C LYS A 69 -3.32 1.19 11.27
N SER A 70 -2.44 2.17 11.23
CA SER A 70 -1.03 1.92 10.99
C SER A 70 -0.77 1.33 9.60
N ALA A 71 0.47 1.46 9.15
CA ALA A 71 0.90 0.96 7.86
C ALA A 71 0.52 -0.50 7.66
N GLU A 72 0.42 -1.24 8.76
CA GLU A 72 0.05 -2.64 8.68
C GLU A 72 -1.36 -2.79 8.15
N GLU A 73 -2.24 -1.89 8.58
CA GLU A 73 -3.62 -1.89 8.15
C GLU A 73 -3.72 -1.54 6.68
N VAL A 74 -3.02 -0.50 6.29
CA VAL A 74 -3.03 -0.03 4.91
C VAL A 74 -2.41 -1.04 3.96
N ALA A 75 -1.27 -1.59 4.35
CA ALA A 75 -0.59 -2.56 3.51
C ALA A 75 -1.53 -3.72 3.19
N ASP A 76 -2.23 -4.20 4.22
CA ASP A 76 -3.18 -5.29 4.05
C ASP A 76 -4.40 -4.84 3.26
N THR A 77 -4.90 -3.65 3.57
CA THR A 77 -6.06 -3.09 2.90
C THR A 77 -5.82 -2.97 1.39
N ILE A 78 -4.66 -2.43 1.03
CA ILE A 78 -4.31 -2.27 -0.38
C ILE A 78 -4.32 -3.61 -1.10
N VAL A 79 -3.57 -4.57 -0.60
CA VAL A 79 -3.50 -5.89 -1.22
C VAL A 79 -4.87 -6.55 -1.31
N ASN A 80 -5.64 -6.46 -0.22
CA ASN A 80 -6.98 -7.06 -0.20
C ASN A 80 -7.91 -6.44 -1.24
N LYS A 81 -8.04 -5.11 -1.20
CA LYS A 81 -8.91 -4.40 -2.13
C LYS A 81 -8.34 -4.38 -3.54
N ALA A 82 -7.03 -4.16 -3.66
CA ALA A 82 -6.38 -4.10 -4.96
C ALA A 82 -6.40 -5.44 -5.68
N GLY A 83 -6.39 -6.53 -4.93
CA GLY A 83 -6.41 -7.85 -5.54
C GLY A 83 -5.84 -8.94 -4.65
N LEU A 84 -4.61 -8.74 -4.22
CA LEU A 84 -3.93 -9.71 -3.38
C LEU A 84 -4.55 -9.76 -1.99
N GLY A 1 -12.38 -18.02 -2.57
CA GLY A 1 -12.80 -17.70 -3.95
C GLY A 1 -11.63 -17.70 -4.93
N SER A 2 -10.53 -17.08 -4.52
CA SER A 2 -9.34 -17.00 -5.36
C SER A 2 -8.83 -18.40 -5.69
N HIS A 3 -8.47 -18.61 -6.96
CA HIS A 3 -7.94 -19.90 -7.40
C HIS A 3 -6.64 -20.25 -6.69
N MET A 4 -5.78 -19.24 -6.54
CA MET A 4 -4.49 -19.44 -5.88
C MET A 4 -3.74 -18.12 -5.76
N LYS A 5 -3.15 -17.89 -4.58
CA LYS A 5 -2.38 -16.67 -4.34
C LYS A 5 -1.06 -16.73 -5.08
N MET A 6 -0.72 -15.63 -5.74
CA MET A 6 0.51 -15.57 -6.50
C MET A 6 1.72 -15.81 -5.60
N GLY A 7 1.73 -15.15 -4.45
CA GLY A 7 2.83 -15.32 -3.51
C GLY A 7 3.42 -13.99 -3.06
N VAL A 8 3.55 -13.06 -4.00
CA VAL A 8 4.10 -11.74 -3.71
C VAL A 8 3.17 -10.93 -2.82
N LYS A 9 1.98 -11.42 -2.52
CA LYS A 9 1.06 -10.66 -1.69
C LYS A 9 1.84 -10.09 -0.50
N GLU A 10 2.62 -10.94 0.13
CA GLU A 10 3.45 -10.52 1.25
C GLU A 10 4.70 -9.77 0.75
N ASP A 11 5.21 -10.16 -0.43
CA ASP A 11 6.41 -9.53 -0.99
C ASP A 11 6.17 -8.05 -1.35
N ILE A 12 5.13 -7.77 -2.10
CA ILE A 12 4.78 -6.41 -2.47
C ILE A 12 4.39 -5.64 -1.22
N ARG A 13 3.54 -6.27 -0.40
CA ARG A 13 3.11 -5.67 0.86
C ARG A 13 4.34 -5.35 1.69
N GLY A 14 5.40 -6.14 1.49
CA GLY A 14 6.62 -5.90 2.21
C GLY A 14 7.21 -4.57 1.81
N GLN A 15 7.17 -4.33 0.50
CA GLN A 15 7.66 -3.08 -0.06
C GLN A 15 6.74 -1.93 0.36
N ILE A 16 5.45 -2.24 0.51
CA ILE A 16 4.46 -1.24 0.90
C ILE A 16 4.65 -0.81 2.34
N ILE A 17 4.84 -1.78 3.23
CA ILE A 17 5.03 -1.48 4.64
C ILE A 17 6.23 -0.56 4.83
N GLY A 18 7.37 -0.95 4.26
CA GLY A 18 8.56 -0.11 4.35
C GLY A 18 8.35 1.20 3.63
N ALA A 19 7.63 1.13 2.51
CA ALA A 19 7.34 2.29 1.69
C ALA A 19 6.46 3.28 2.45
N LEU A 20 5.69 2.77 3.41
CA LEU A 20 4.80 3.60 4.22
C LEU A 20 5.55 4.25 5.37
N ALA A 21 6.60 3.57 5.82
CA ALA A 21 7.42 4.07 6.93
C ALA A 21 8.00 5.44 6.60
N GLY A 22 8.01 6.32 7.59
CA GLY A 22 8.55 7.66 7.39
C GLY A 22 7.47 8.73 7.30
N ALA A 23 6.30 8.36 6.81
CA ALA A 23 5.18 9.27 6.67
C ALA A 23 4.90 10.01 7.97
N ASP A 24 3.84 10.83 7.95
CA ASP A 24 3.42 11.56 9.14
C ASP A 24 3.08 10.56 10.24
N PHE A 25 1.84 10.54 10.74
CA PHE A 25 1.50 9.54 11.74
C PHE A 25 1.67 8.19 11.06
N PRO A 26 1.23 7.06 11.64
CA PRO A 26 1.38 5.79 10.95
C PRO A 26 0.43 5.67 9.74
N ILE A 27 0.60 6.57 8.73
CA ILE A 27 -0.18 6.56 7.48
C ILE A 27 -1.20 7.72 7.30
N ASN A 28 -0.71 8.95 7.17
CA ASN A 28 -1.59 10.12 6.97
C ASN A 28 -2.35 10.02 5.66
N SER A 29 -3.23 9.04 5.52
CA SER A 29 -3.97 8.88 4.30
C SER A 29 -3.00 8.66 3.15
N PRO A 30 -3.43 8.03 2.06
CA PRO A 30 -2.55 7.77 0.94
C PRO A 30 -1.80 9.00 0.48
N GLU A 31 -2.42 10.17 0.57
CA GLU A 31 -1.75 11.39 0.16
C GLU A 31 -0.40 11.54 0.87
N GLU A 32 -0.42 11.49 2.19
CA GLU A 32 0.80 11.64 2.98
C GLU A 32 1.68 10.40 2.95
N LEU A 33 1.12 9.26 3.35
CA LEU A 33 1.89 8.02 3.37
C LEU A 33 2.58 7.85 2.04
N MET A 34 1.88 8.21 0.96
CA MET A 34 2.46 8.15 -0.37
C MET A 34 3.62 9.12 -0.43
N ALA A 35 3.46 10.28 0.22
CA ALA A 35 4.52 11.28 0.23
C ALA A 35 5.73 10.76 1.01
N ALA A 36 5.46 9.86 1.94
CA ALA A 36 6.50 9.27 2.79
C ALA A 36 7.44 8.37 1.99
N LEU A 37 6.87 7.55 1.11
CA LEU A 37 7.63 6.60 0.32
C LEU A 37 9.03 7.11 -0.04
N PRO A 38 9.99 6.17 -0.17
CA PRO A 38 11.40 6.49 -0.46
C PRO A 38 11.57 7.47 -1.61
N ASN A 39 10.86 7.24 -2.71
CA ASN A 39 10.96 8.11 -3.88
C ASN A 39 10.29 9.46 -3.65
N GLY A 40 9.31 9.49 -2.76
CA GLY A 40 8.61 10.73 -2.48
C GLY A 40 7.13 10.66 -2.80
N PRO A 41 6.75 10.80 -4.08
CA PRO A 41 5.33 10.74 -4.49
C PRO A 41 4.67 9.44 -4.09
N ASP A 42 4.99 8.36 -4.80
CA ASP A 42 4.43 7.05 -4.51
C ASP A 42 5.02 5.96 -5.41
N THR A 43 6.12 5.36 -4.97
CA THR A 43 6.79 4.30 -5.72
C THR A 43 5.89 3.09 -5.89
N THR A 44 5.87 2.54 -7.10
CA THR A 44 5.06 1.37 -7.40
C THR A 44 5.79 0.09 -7.00
N CYS A 45 5.12 -0.74 -6.20
CA CYS A 45 5.69 -2.00 -5.75
C CYS A 45 5.36 -3.11 -6.74
N LYS A 46 5.53 -2.83 -8.03
CA LYS A 46 5.25 -3.79 -9.08
C LYS A 46 6.34 -4.86 -9.17
N SER A 47 5.94 -6.06 -9.54
CA SER A 47 6.88 -7.18 -9.65
C SER A 47 6.53 -8.04 -10.84
N GLY A 48 7.52 -8.28 -11.71
CA GLY A 48 7.31 -9.10 -12.89
C GLY A 48 6.39 -8.44 -13.91
N ASP A 49 5.16 -8.15 -13.50
CA ASP A 49 4.19 -7.51 -14.39
C ASP A 49 3.13 -6.76 -13.59
N VAL A 50 2.66 -7.39 -12.52
CA VAL A 50 1.63 -6.80 -11.67
C VAL A 50 2.17 -5.56 -10.95
N GLU A 51 1.35 -4.52 -10.88
CA GLU A 51 1.74 -3.27 -10.22
C GLU A 51 0.76 -2.90 -9.11
N LEU A 52 1.28 -2.55 -7.94
CA LEU A 52 0.45 -2.17 -6.80
C LEU A 52 1.11 -1.07 -5.98
N LYS A 53 0.29 -0.14 -5.50
CA LYS A 53 0.77 0.99 -4.69
C LYS A 53 -0.39 1.86 -4.23
N ALA A 54 -0.12 2.72 -3.27
CA ALA A 54 -1.13 3.61 -2.73
C ALA A 54 -1.80 4.44 -3.84
N SER A 55 -1.03 4.77 -4.87
CA SER A 55 -1.56 5.57 -5.96
C SER A 55 -2.64 4.82 -6.75
N ASP A 56 -2.26 3.70 -7.37
CA ASP A 56 -3.19 2.91 -8.17
C ASP A 56 -4.20 2.16 -7.29
N ALA A 57 -3.69 1.39 -6.33
CA ALA A 57 -4.54 0.61 -5.44
C ALA A 57 -5.25 1.48 -4.41
N GLY A 58 -4.52 2.41 -3.81
CA GLY A 58 -5.10 3.29 -2.80
C GLY A 58 -6.46 3.85 -3.20
N GLN A 59 -6.70 3.94 -4.50
CA GLN A 59 -7.97 4.47 -5.02
C GLN A 59 -9.16 3.97 -4.20
N VAL A 60 -9.09 2.72 -3.79
CA VAL A 60 -10.15 2.10 -3.02
C VAL A 60 -10.33 2.73 -1.64
N LEU A 61 -9.23 3.20 -1.04
CA LEU A 61 -9.30 3.82 0.27
C LEU A 61 -10.00 5.18 0.16
N THR A 62 -11.11 5.34 0.86
CA THR A 62 -11.87 6.58 0.83
C THR A 62 -11.15 7.70 1.60
N ALA A 63 -11.45 8.94 1.24
CA ALA A 63 -10.84 10.09 1.89
C ALA A 63 -10.97 10.00 3.42
N ASP A 64 -12.15 9.56 3.87
CA ASP A 64 -12.40 9.42 5.30
C ASP A 64 -11.38 8.49 5.95
N ASP A 65 -10.75 7.65 5.13
CA ASP A 65 -9.75 6.70 5.63
C ASP A 65 -8.47 7.37 6.12
N PHE A 66 -8.43 8.71 6.10
CA PHE A 66 -7.23 9.44 6.54
C PHE A 66 -6.58 8.76 7.73
N PRO A 67 -7.28 8.67 8.88
CA PRO A 67 -6.74 8.02 10.08
C PRO A 67 -6.67 6.51 9.92
N PHE A 68 -5.67 6.05 9.19
CA PHE A 68 -5.49 4.62 8.95
C PHE A 68 -4.89 3.91 10.17
N LYS A 69 -5.37 2.70 10.41
CA LYS A 69 -4.88 1.89 11.53
C LYS A 69 -3.44 1.45 11.27
N SER A 70 -2.55 2.42 11.26
CA SER A 70 -1.13 2.18 11.03
C SER A 70 -0.86 1.56 9.66
N ALA A 71 0.40 1.66 9.24
CA ALA A 71 0.83 1.13 7.95
C ALA A 71 0.43 -0.33 7.77
N GLU A 72 0.38 -1.05 8.87
CA GLU A 72 0.01 -2.47 8.83
C GLU A 72 -1.38 -2.66 8.23
N GLU A 73 -2.36 -1.85 8.65
CA GLU A 73 -3.70 -1.99 8.12
C GLU A 73 -3.75 -1.54 6.67
N VAL A 74 -2.95 -0.53 6.34
CA VAL A 74 -2.91 -0.03 4.97
C VAL A 74 -2.41 -1.10 4.01
N ALA A 75 -1.35 -1.80 4.42
CA ALA A 75 -0.78 -2.86 3.60
C ALA A 75 -1.81 -3.92 3.28
N ASP A 76 -2.51 -4.41 4.31
CA ASP A 76 -3.52 -5.43 4.14
C ASP A 76 -4.74 -4.88 3.39
N THR A 77 -5.14 -3.67 3.75
CA THR A 77 -6.29 -3.03 3.13
C THR A 77 -6.10 -2.85 1.62
N ILE A 78 -4.95 -2.32 1.22
CA ILE A 78 -4.67 -2.10 -0.20
C ILE A 78 -4.64 -3.42 -0.98
N VAL A 79 -3.83 -4.36 -0.52
CA VAL A 79 -3.71 -5.65 -1.18
C VAL A 79 -5.04 -6.42 -1.21
N ASN A 80 -5.74 -6.43 -0.08
CA ASN A 80 -7.02 -7.13 0.01
C ASN A 80 -8.04 -6.58 -0.98
N LYS A 81 -8.25 -5.27 -0.95
CA LYS A 81 -9.20 -4.63 -1.85
C LYS A 81 -8.69 -4.59 -3.29
N ALA A 82 -7.41 -4.31 -3.46
CA ALA A 82 -6.82 -4.22 -4.79
C ALA A 82 -6.78 -5.59 -5.47
N GLY A 83 -6.66 -6.65 -4.69
CA GLY A 83 -6.62 -7.99 -5.26
C GLY A 83 -5.92 -8.99 -4.37
N LEU A 84 -4.67 -8.67 -4.03
CA LEU A 84 -3.87 -9.54 -3.18
C LEU A 84 -4.40 -9.58 -1.75
N GLY A 1 -2.78 -21.72 -13.95
CA GLY A 1 -2.02 -22.97 -13.64
C GLY A 1 -2.24 -23.43 -12.21
N SER A 2 -1.17 -23.84 -11.55
CA SER A 2 -1.24 -24.32 -10.17
C SER A 2 -1.13 -23.15 -9.18
N HIS A 3 -1.83 -22.06 -9.46
CA HIS A 3 -1.80 -20.90 -8.58
C HIS A 3 -2.94 -20.95 -7.58
N MET A 4 -2.62 -20.79 -6.30
CA MET A 4 -3.63 -20.80 -5.25
C MET A 4 -3.91 -19.38 -4.74
N LYS A 5 -2.86 -18.73 -4.25
CA LYS A 5 -2.97 -17.37 -3.73
C LYS A 5 -1.64 -16.89 -3.16
N MET A 6 -0.99 -17.77 -2.41
CA MET A 6 0.30 -17.45 -1.80
C MET A 6 1.31 -17.01 -2.85
N GLY A 7 2.00 -15.91 -2.57
CA GLY A 7 2.99 -15.40 -3.49
C GLY A 7 3.57 -14.07 -3.04
N VAL A 8 3.66 -13.12 -3.96
CA VAL A 8 4.20 -11.80 -3.65
C VAL A 8 3.23 -11.00 -2.78
N LYS A 9 2.04 -11.53 -2.51
CA LYS A 9 1.07 -10.79 -1.71
C LYS A 9 1.79 -10.20 -0.50
N GLU A 10 2.58 -11.04 0.17
CA GLU A 10 3.37 -10.60 1.30
C GLU A 10 4.62 -9.84 0.84
N ASP A 11 5.17 -10.23 -0.32
CA ASP A 11 6.38 -9.60 -0.85
C ASP A 11 6.16 -8.12 -1.21
N ILE A 12 5.12 -7.85 -2.00
CA ILE A 12 4.79 -6.49 -2.37
C ILE A 12 4.39 -5.72 -1.13
N ARG A 13 3.54 -6.33 -0.30
CA ARG A 13 3.13 -5.70 0.93
C ARG A 13 4.36 -5.38 1.76
N GLY A 14 5.41 -6.18 1.56
CA GLY A 14 6.65 -5.94 2.27
C GLY A 14 7.23 -4.61 1.84
N GLN A 15 7.15 -4.36 0.54
CA GLN A 15 7.63 -3.13 -0.03
C GLN A 15 6.71 -1.98 0.37
N ILE A 16 5.43 -2.29 0.55
CA ILE A 16 4.44 -1.28 0.93
C ILE A 16 4.63 -0.83 2.38
N ILE A 17 4.76 -1.79 3.28
CA ILE A 17 4.96 -1.47 4.69
C ILE A 17 6.20 -0.59 4.88
N GLY A 18 7.32 -1.03 4.33
CA GLY A 18 8.54 -0.24 4.43
C GLY A 18 8.38 1.08 3.70
N ALA A 19 7.68 1.02 2.57
CA ALA A 19 7.42 2.20 1.76
C ALA A 19 6.58 3.24 2.50
N LEU A 20 5.76 2.75 3.44
CA LEU A 20 4.89 3.60 4.22
C LEU A 20 5.65 4.23 5.37
N ALA A 21 6.68 3.52 5.84
CA ALA A 21 7.51 4.01 6.94
C ALA A 21 8.11 5.38 6.61
N GLY A 22 8.01 6.30 7.56
CA GLY A 22 8.55 7.64 7.34
C GLY A 22 7.47 8.71 7.29
N ALA A 23 6.31 8.34 6.77
CA ALA A 23 5.19 9.28 6.66
C ALA A 23 4.89 9.96 7.98
N ASP A 24 3.84 10.77 7.98
CA ASP A 24 3.40 11.48 9.18
C ASP A 24 3.05 10.43 10.25
N PHE A 25 1.83 10.44 10.77
CA PHE A 25 1.47 9.40 11.74
C PHE A 25 1.64 8.08 11.02
N PRO A 26 1.30 6.94 11.60
CA PRO A 26 1.45 5.68 10.90
C PRO A 26 0.48 5.55 9.71
N ILE A 27 0.64 6.47 8.69
CA ILE A 27 -0.18 6.46 7.45
C ILE A 27 -1.19 7.62 7.30
N ASN A 28 -0.70 8.85 7.17
CA ASN A 28 -1.59 10.02 6.98
C ASN A 28 -2.32 9.95 5.65
N SER A 29 -3.21 8.97 5.50
CA SER A 29 -3.94 8.83 4.26
C SER A 29 -2.96 8.64 3.11
N PRO A 30 -3.39 8.04 2.00
CA PRO A 30 -2.50 7.81 0.88
C PRO A 30 -1.74 9.05 0.46
N GLU A 31 -2.37 10.21 0.57
CA GLU A 31 -1.71 11.45 0.19
C GLU A 31 -0.35 11.57 0.90
N GLU A 32 -0.38 11.48 2.23
CA GLU A 32 0.83 11.61 3.02
C GLU A 32 1.69 10.36 2.98
N LEU A 33 1.13 9.22 3.38
CA LEU A 33 1.89 7.98 3.40
C LEU A 33 2.58 7.78 2.06
N MET A 34 1.86 8.08 0.99
CA MET A 34 2.43 7.99 -0.34
C MET A 34 3.52 9.03 -0.49
N ALA A 35 3.33 10.17 0.20
CA ALA A 35 4.32 11.23 0.17
C ALA A 35 5.60 10.81 0.87
N ALA A 36 5.44 9.95 1.87
CA ALA A 36 6.55 9.44 2.66
C ALA A 36 7.46 8.53 1.86
N LEU A 37 6.86 7.68 1.02
CA LEU A 37 7.60 6.72 0.21
C LEU A 37 9.04 7.19 -0.07
N PRO A 38 10.01 6.26 0.08
CA PRO A 38 11.45 6.54 -0.10
C PRO A 38 11.81 7.19 -1.42
N ASN A 39 11.12 6.82 -2.50
CA ASN A 39 11.44 7.35 -3.82
C ASN A 39 11.02 8.82 -3.96
N GLY A 40 9.99 9.22 -3.22
CA GLY A 40 9.52 10.59 -3.30
C GLY A 40 8.25 10.73 -4.16
N PRO A 41 8.34 10.50 -5.49
CA PRO A 41 7.19 10.63 -6.39
C PRO A 41 6.32 9.37 -6.43
N ASP A 42 6.05 8.79 -5.28
CA ASP A 42 5.21 7.60 -5.17
C ASP A 42 5.81 6.40 -5.91
N THR A 43 6.55 5.57 -5.18
CA THR A 43 7.17 4.38 -5.75
C THR A 43 6.16 3.27 -5.97
N THR A 44 6.25 2.60 -7.12
CA THR A 44 5.35 1.51 -7.44
C THR A 44 5.98 0.16 -7.08
N CYS A 45 5.34 -0.57 -6.17
CA CYS A 45 5.83 -1.88 -5.77
C CYS A 45 5.29 -2.97 -6.69
N LYS A 46 5.30 -2.67 -7.99
CA LYS A 46 4.80 -3.59 -8.99
C LYS A 46 5.76 -4.75 -9.25
N SER A 47 5.22 -5.96 -9.26
CA SER A 47 6.00 -7.15 -9.54
C SER A 47 5.57 -7.73 -10.88
N GLY A 48 6.48 -7.72 -11.85
CA GLY A 48 6.14 -8.23 -13.17
C GLY A 48 5.02 -7.42 -13.79
N ASP A 49 4.00 -8.12 -14.29
CA ASP A 49 2.86 -7.47 -14.91
C ASP A 49 1.99 -6.77 -13.87
N VAL A 50 1.86 -7.39 -12.70
CA VAL A 50 1.05 -6.85 -11.61
C VAL A 50 1.66 -5.56 -11.05
N GLU A 51 0.79 -4.64 -10.64
CA GLU A 51 1.23 -3.36 -10.08
C GLU A 51 0.32 -2.94 -8.93
N LEU A 52 0.92 -2.62 -7.78
CA LEU A 52 0.16 -2.20 -6.60
C LEU A 52 0.87 -1.07 -5.87
N LYS A 53 0.12 -0.04 -5.53
CA LYS A 53 0.67 1.12 -4.84
C LYS A 53 -0.44 2.05 -4.36
N ALA A 54 -0.12 2.87 -3.38
CA ALA A 54 -1.10 3.81 -2.82
C ALA A 54 -1.83 4.58 -3.91
N SER A 55 -1.17 4.80 -5.04
CA SER A 55 -1.79 5.55 -6.14
C SER A 55 -2.86 4.73 -6.86
N ASP A 56 -2.48 3.59 -7.40
CA ASP A 56 -3.41 2.73 -8.13
C ASP A 56 -4.40 2.03 -7.20
N ALA A 57 -3.88 1.33 -6.19
CA ALA A 57 -4.71 0.61 -5.25
C ALA A 57 -5.40 1.54 -4.26
N GLY A 58 -4.65 2.51 -3.73
CA GLY A 58 -5.21 3.45 -2.78
C GLY A 58 -6.57 3.99 -3.18
N GLN A 59 -6.84 4.02 -4.48
CA GLN A 59 -8.13 4.51 -4.99
C GLN A 59 -9.29 4.00 -4.16
N VAL A 60 -9.20 2.74 -3.76
CA VAL A 60 -10.26 2.12 -2.97
C VAL A 60 -10.40 2.75 -1.59
N LEU A 61 -9.29 3.26 -1.04
CA LEU A 61 -9.34 3.89 0.28
C LEU A 61 -10.06 5.23 0.20
N THR A 62 -11.16 5.35 0.95
CA THR A 62 -11.95 6.58 0.96
C THR A 62 -11.25 7.67 1.75
N ALA A 63 -11.57 8.93 1.43
CA ALA A 63 -10.98 10.07 2.11
C ALA A 63 -11.08 9.92 3.63
N ASP A 64 -12.21 9.42 4.10
CA ASP A 64 -12.43 9.21 5.52
C ASP A 64 -11.37 8.28 6.11
N ASP A 65 -10.74 7.49 5.25
CA ASP A 65 -9.71 6.54 5.67
C ASP A 65 -8.42 7.22 6.13
N PHE A 66 -8.39 8.56 6.16
CA PHE A 66 -7.18 9.27 6.57
C PHE A 66 -6.52 8.58 7.76
N PRO A 67 -7.21 8.50 8.92
CA PRO A 67 -6.67 7.85 10.11
C PRO A 67 -6.62 6.33 9.97
N PHE A 68 -5.65 5.86 9.20
CA PHE A 68 -5.48 4.42 8.98
C PHE A 68 -4.83 3.76 10.18
N LYS A 69 -5.32 2.57 10.51
CA LYS A 69 -4.79 1.80 11.63
C LYS A 69 -3.35 1.35 11.34
N SER A 70 -2.45 2.32 11.33
CA SER A 70 -1.05 2.08 11.08
C SER A 70 -0.80 1.44 9.71
N ALA A 71 0.44 1.55 9.25
CA ALA A 71 0.85 1.00 7.96
C ALA A 71 0.45 -0.46 7.83
N GLU A 72 0.33 -1.15 8.95
CA GLU A 72 -0.04 -2.56 8.94
C GLU A 72 -1.40 -2.77 8.27
N GLU A 73 -2.42 -1.99 8.67
CA GLU A 73 -3.73 -2.17 8.07
C GLU A 73 -3.77 -1.60 6.65
N VAL A 74 -3.01 -0.55 6.41
CA VAL A 74 -2.98 0.04 5.07
C VAL A 74 -2.48 -0.97 4.05
N ALA A 75 -1.40 -1.66 4.39
CA ALA A 75 -0.84 -2.67 3.50
C ALA A 75 -1.86 -3.77 3.24
N ASP A 76 -2.50 -4.23 4.31
CA ASP A 76 -3.52 -5.28 4.20
C ASP A 76 -4.70 -4.79 3.36
N THR A 77 -5.08 -3.54 3.59
CA THR A 77 -6.19 -2.92 2.89
C THR A 77 -5.92 -2.80 1.39
N ILE A 78 -4.76 -2.28 1.03
CA ILE A 78 -4.40 -2.12 -0.37
C ILE A 78 -4.39 -3.46 -1.10
N VAL A 79 -3.62 -4.41 -0.57
CA VAL A 79 -3.53 -5.73 -1.17
C VAL A 79 -4.88 -6.45 -1.21
N ASN A 80 -5.62 -6.36 -0.11
CA ASN A 80 -6.92 -7.02 -0.03
C ASN A 80 -7.92 -6.42 -1.02
N LYS A 81 -8.04 -5.09 -1.02
CA LYS A 81 -8.97 -4.41 -1.91
C LYS A 81 -8.46 -4.39 -3.36
N ALA A 82 -7.17 -4.15 -3.53
CA ALA A 82 -6.59 -4.08 -4.87
C ALA A 82 -6.61 -5.42 -5.58
N GLY A 83 -6.53 -6.52 -4.82
CA GLY A 83 -6.54 -7.83 -5.43
C GLY A 83 -5.95 -8.90 -4.54
N LEU A 84 -4.72 -8.68 -4.11
CA LEU A 84 -4.01 -9.63 -3.27
C LEU A 84 -4.66 -9.74 -1.90
N GLY A 1 -9.27 -24.72 -3.71
CA GLY A 1 -10.30 -23.66 -3.95
C GLY A 1 -10.41 -22.68 -2.80
N SER A 2 -10.49 -21.40 -3.12
CA SER A 2 -10.60 -20.36 -2.11
C SER A 2 -9.36 -20.36 -1.19
N HIS A 3 -9.57 -20.20 0.12
CA HIS A 3 -8.47 -20.19 1.08
C HIS A 3 -7.35 -19.25 0.63
N MET A 4 -6.24 -19.24 1.37
CA MET A 4 -5.10 -18.39 1.04
C MET A 4 -4.38 -18.89 -0.20
N LYS A 5 -4.21 -18.01 -1.18
CA LYS A 5 -3.52 -18.35 -2.42
C LYS A 5 -2.01 -18.43 -2.19
N MET A 6 -1.51 -17.56 -1.33
CA MET A 6 -0.09 -17.52 -1.00
C MET A 6 0.73 -17.08 -2.20
N GLY A 7 1.61 -16.11 -1.98
CA GLY A 7 2.46 -15.60 -3.03
C GLY A 7 3.17 -14.32 -2.64
N VAL A 8 3.24 -13.37 -3.56
CA VAL A 8 3.89 -12.09 -3.29
C VAL A 8 2.99 -11.19 -2.46
N LYS A 9 1.76 -11.61 -2.19
CA LYS A 9 0.85 -10.77 -1.41
C LYS A 9 1.60 -10.21 -0.21
N GLU A 10 2.34 -11.08 0.46
CA GLU A 10 3.16 -10.67 1.60
C GLU A 10 4.45 -10.00 1.12
N ASP A 11 4.98 -10.46 -0.03
CA ASP A 11 6.23 -9.92 -0.56
C ASP A 11 6.10 -8.44 -0.96
N ILE A 12 5.09 -8.12 -1.77
CA ILE A 12 4.83 -6.76 -2.19
C ILE A 12 4.43 -5.93 -0.97
N ARG A 13 3.51 -6.49 -0.18
CA ARG A 13 3.07 -5.82 1.04
C ARG A 13 4.26 -5.52 1.92
N GLY A 14 5.31 -6.35 1.80
CA GLY A 14 6.50 -6.12 2.57
C GLY A 14 7.17 -4.85 2.15
N GLN A 15 7.28 -4.69 0.84
CA GLN A 15 7.86 -3.49 0.26
C GLN A 15 6.96 -2.29 0.53
N ILE A 16 5.65 -2.56 0.66
CA ILE A 16 4.67 -1.51 0.93
C ILE A 16 4.83 -0.98 2.35
N ILE A 17 4.99 -1.89 3.31
CA ILE A 17 5.18 -1.49 4.69
C ILE A 17 6.37 -0.55 4.82
N GLY A 18 7.49 -0.94 4.23
CA GLY A 18 8.68 -0.10 4.26
C GLY A 18 8.46 1.16 3.46
N ALA A 19 7.74 1.02 2.35
CA ALA A 19 7.42 2.13 1.47
C ALA A 19 6.57 3.18 2.17
N LEU A 20 5.81 2.75 3.17
CA LEU A 20 4.95 3.63 3.94
C LEU A 20 5.72 4.29 5.06
N ALA A 21 6.74 3.59 5.55
CA ALA A 21 7.57 4.10 6.64
C ALA A 21 8.14 5.48 6.30
N GLY A 22 8.03 6.41 7.23
CA GLY A 22 8.54 7.75 7.00
C GLY A 22 7.44 8.80 7.01
N ALA A 23 6.26 8.42 6.53
CA ALA A 23 5.12 9.34 6.49
C ALA A 23 4.87 9.99 7.84
N ASP A 24 3.82 10.80 7.91
CA ASP A 24 3.44 11.46 9.15
C ASP A 24 3.12 10.37 10.18
N PHE A 25 1.89 10.32 10.70
CA PHE A 25 1.54 9.25 11.61
C PHE A 25 1.72 7.95 10.84
N PRO A 26 1.47 6.78 11.44
CA PRO A 26 1.62 5.53 10.71
C PRO A 26 0.60 5.40 9.58
N ILE A 27 0.71 6.28 8.55
CA ILE A 27 -0.15 6.27 7.35
C ILE A 27 -1.18 7.41 7.26
N ASN A 28 -0.69 8.65 7.22
CA ASN A 28 -1.56 9.83 7.10
C ASN A 28 -2.36 9.83 5.80
N SER A 29 -3.25 8.87 5.63
CA SER A 29 -4.04 8.79 4.41
C SER A 29 -3.10 8.67 3.23
N PRO A 30 -3.55 8.13 2.11
CA PRO A 30 -2.71 7.98 0.94
C PRO A 30 -1.98 9.25 0.56
N GLU A 31 -2.60 10.39 0.76
CA GLU A 31 -1.96 11.66 0.45
C GLU A 31 -0.58 11.74 1.09
N GLU A 32 -0.55 11.60 2.41
CA GLU A 32 0.69 11.67 3.16
C GLU A 32 1.54 10.43 3.04
N LEU A 33 0.99 9.28 3.41
CA LEU A 33 1.73 8.03 3.36
C LEU A 33 2.37 7.89 1.98
N MET A 34 1.61 8.26 0.95
CA MET A 34 2.13 8.25 -0.40
C MET A 34 3.23 9.28 -0.53
N ALA A 35 3.08 10.38 0.22
CA ALA A 35 4.09 11.43 0.20
C ALA A 35 5.39 10.94 0.84
N ALA A 36 5.26 10.02 1.77
CA ALA A 36 6.40 9.46 2.49
C ALA A 36 7.26 8.57 1.59
N LEU A 37 6.60 7.77 0.74
CA LEU A 37 7.30 6.85 -0.16
C LEU A 37 8.68 7.37 -0.55
N PRO A 38 9.68 6.45 -0.63
CA PRO A 38 11.08 6.80 -0.95
C PRO A 38 11.29 7.60 -2.24
N ASN A 39 10.70 7.15 -3.35
CA ASN A 39 10.91 7.84 -4.62
C ASN A 39 10.19 9.19 -4.71
N GLY A 40 9.11 9.35 -3.97
CA GLY A 40 8.37 10.60 -4.02
C GLY A 40 7.09 10.51 -4.84
N PRO A 41 7.18 10.22 -6.17
CA PRO A 41 6.00 10.12 -7.04
C PRO A 41 5.28 8.77 -6.91
N ASP A 42 5.00 8.38 -5.66
CA ASP A 42 4.30 7.14 -5.37
C ASP A 42 4.91 5.93 -6.06
N THR A 43 5.83 5.28 -5.36
CA THR A 43 6.49 4.09 -5.87
C THR A 43 5.58 2.87 -5.73
N THR A 44 5.50 2.07 -6.78
CA THR A 44 4.68 0.87 -6.73
C THR A 44 5.52 -0.38 -6.68
N CYS A 45 5.30 -1.18 -5.63
CA CYS A 45 6.02 -2.43 -5.46
C CYS A 45 5.52 -3.45 -6.46
N LYS A 46 5.66 -3.12 -7.75
CA LYS A 46 5.18 -3.98 -8.82
C LYS A 46 6.09 -5.19 -9.02
N SER A 47 5.51 -6.38 -8.91
CA SER A 47 6.24 -7.61 -9.12
C SER A 47 5.97 -8.10 -10.53
N GLY A 48 6.77 -7.64 -11.48
CA GLY A 48 6.60 -8.03 -12.86
C GLY A 48 5.61 -7.13 -13.59
N ASP A 49 4.59 -7.72 -14.20
CA ASP A 49 3.58 -6.96 -14.93
C ASP A 49 2.65 -6.19 -13.99
N VAL A 50 2.21 -6.83 -12.93
CA VAL A 50 1.30 -6.22 -11.97
C VAL A 50 1.97 -5.14 -11.13
N GLU A 51 1.27 -4.02 -10.92
CA GLU A 51 1.79 -2.91 -10.11
C GLU A 51 0.80 -2.54 -9.02
N LEU A 52 1.31 -2.29 -7.82
CA LEU A 52 0.47 -1.91 -6.68
C LEU A 52 1.11 -0.76 -5.92
N LYS A 53 0.30 0.22 -5.55
CA LYS A 53 0.78 1.37 -4.80
C LYS A 53 -0.37 2.19 -4.22
N ALA A 54 -0.08 3.40 -3.79
CA ALA A 54 -1.09 4.26 -3.19
C ALA A 54 -1.98 4.91 -4.25
N SER A 55 -1.37 5.44 -5.30
CA SER A 55 -2.12 6.09 -6.36
C SER A 55 -3.01 5.09 -7.12
N ASP A 56 -2.41 3.99 -7.56
CA ASP A 56 -3.16 2.97 -8.30
C ASP A 56 -4.11 2.18 -7.39
N ALA A 57 -3.59 1.67 -6.30
CA ALA A 57 -4.40 0.87 -5.37
C ALA A 57 -5.14 1.73 -4.35
N GLY A 58 -4.43 2.68 -3.72
CA GLY A 58 -5.04 3.54 -2.72
C GLY A 58 -6.40 4.08 -3.11
N GLN A 59 -6.66 4.19 -4.41
CA GLN A 59 -7.94 4.70 -4.92
C GLN A 59 -9.12 4.14 -4.11
N VAL A 60 -9.03 2.87 -3.76
CA VAL A 60 -10.08 2.21 -3.02
C VAL A 60 -10.27 2.79 -1.62
N LEU A 61 -9.20 3.25 -1.00
CA LEU A 61 -9.28 3.82 0.34
C LEU A 61 -10.06 5.15 0.32
N THR A 62 -11.13 5.21 1.10
CA THR A 62 -11.96 6.41 1.16
C THR A 62 -11.27 7.51 1.98
N ALA A 63 -11.65 8.76 1.71
CA ALA A 63 -11.07 9.90 2.41
C ALA A 63 -11.13 9.71 3.92
N ASP A 64 -12.25 9.20 4.41
CA ASP A 64 -12.44 8.97 5.83
C ASP A 64 -11.37 8.02 6.38
N ASP A 65 -10.73 7.27 5.48
CA ASP A 65 -9.69 6.31 5.87
C ASP A 65 -8.43 7.01 6.36
N PHE A 66 -8.44 8.35 6.44
CA PHE A 66 -7.25 9.09 6.88
C PHE A 66 -6.54 8.38 8.03
N PRO A 67 -7.18 8.30 9.22
CA PRO A 67 -6.58 7.62 10.38
C PRO A 67 -6.53 6.11 10.19
N PHE A 68 -5.58 5.65 9.39
CA PHE A 68 -5.42 4.23 9.13
C PHE A 68 -4.73 3.53 10.31
N LYS A 69 -5.19 2.32 10.59
CA LYS A 69 -4.62 1.52 11.68
C LYS A 69 -3.18 1.13 11.36
N SER A 70 -2.30 2.11 11.36
CA SER A 70 -0.90 1.89 11.08
C SER A 70 -0.67 1.27 9.71
N ALA A 71 0.56 1.38 9.22
CA ALA A 71 0.95 0.85 7.92
C ALA A 71 0.55 -0.61 7.77
N GLU A 72 0.48 -1.32 8.89
CA GLU A 72 0.11 -2.73 8.87
C GLU A 72 -1.26 -2.95 8.22
N GLU A 73 -2.27 -2.19 8.65
CA GLU A 73 -3.60 -2.36 8.08
C GLU A 73 -3.67 -1.78 6.68
N VAL A 74 -2.91 -0.73 6.43
CA VAL A 74 -2.88 -0.10 5.12
C VAL A 74 -2.30 -1.06 4.08
N ALA A 75 -1.28 -1.79 4.48
CA ALA A 75 -0.64 -2.75 3.58
C ALA A 75 -1.61 -3.86 3.20
N ASP A 76 -2.26 -4.45 4.19
CA ASP A 76 -3.23 -5.53 3.96
C ASP A 76 -4.48 -5.00 3.25
N THR A 77 -4.94 -3.83 3.66
CA THR A 77 -6.12 -3.21 3.07
C THR A 77 -5.95 -3.00 1.57
N ILE A 78 -4.86 -2.35 1.20
CA ILE A 78 -4.58 -2.07 -0.21
C ILE A 78 -4.51 -3.35 -1.03
N VAL A 79 -3.68 -4.29 -0.60
CA VAL A 79 -3.51 -5.55 -1.30
C VAL A 79 -4.83 -6.32 -1.39
N ASN A 80 -5.59 -6.34 -0.29
CA ASN A 80 -6.86 -7.06 -0.26
C ASN A 80 -7.85 -6.50 -1.28
N LYS A 81 -8.07 -5.18 -1.22
CA LYS A 81 -9.00 -4.53 -2.13
C LYS A 81 -8.44 -4.45 -3.55
N ALA A 82 -7.15 -4.18 -3.65
CA ALA A 82 -6.49 -4.05 -4.95
C ALA A 82 -6.45 -5.38 -5.69
N GLY A 83 -6.40 -6.49 -4.95
CA GLY A 83 -6.36 -7.80 -5.57
C GLY A 83 -5.72 -8.85 -4.70
N LEU A 84 -4.50 -8.57 -4.26
CA LEU A 84 -3.75 -9.48 -3.43
C LEU A 84 -4.36 -9.58 -2.03
N GLY A 1 -7.68 -13.66 -7.69
CA GLY A 1 -8.35 -14.99 -7.54
C GLY A 1 -9.44 -14.98 -6.49
N SER A 2 -9.45 -16.00 -5.65
CA SER A 2 -10.45 -16.11 -4.59
C SER A 2 -10.21 -17.34 -3.73
N HIS A 3 -10.00 -18.48 -4.38
CA HIS A 3 -9.76 -19.73 -3.68
C HIS A 3 -8.44 -19.67 -2.91
N MET A 4 -7.36 -19.33 -3.62
CA MET A 4 -6.05 -19.23 -3.02
C MET A 4 -5.00 -18.87 -4.06
N LYS A 5 -4.11 -17.95 -3.72
CA LYS A 5 -3.06 -17.53 -4.64
C LYS A 5 -1.67 -17.74 -4.04
N MET A 6 -1.46 -17.26 -2.81
CA MET A 6 -0.18 -17.41 -2.12
C MET A 6 0.99 -17.00 -3.02
N GLY A 7 1.70 -15.94 -2.63
CA GLY A 7 2.83 -15.50 -3.42
C GLY A 7 3.41 -14.18 -2.95
N VAL A 8 3.60 -13.26 -3.89
CA VAL A 8 4.15 -11.95 -3.57
C VAL A 8 3.20 -11.11 -2.73
N LYS A 9 1.99 -11.60 -2.48
CA LYS A 9 1.05 -10.81 -1.69
C LYS A 9 1.77 -10.23 -0.48
N GLU A 10 2.52 -11.08 0.20
CA GLU A 10 3.31 -10.65 1.34
C GLU A 10 4.58 -9.92 0.89
N ASP A 11 5.15 -10.35 -0.25
CA ASP A 11 6.37 -9.75 -0.78
C ASP A 11 6.19 -8.27 -1.16
N ILE A 12 5.18 -7.98 -1.96
CA ILE A 12 4.88 -6.61 -2.35
C ILE A 12 4.44 -5.82 -1.13
N ARG A 13 3.53 -6.41 -0.36
CA ARG A 13 3.05 -5.77 0.86
C ARG A 13 4.24 -5.45 1.74
N GLY A 14 5.29 -6.26 1.61
CA GLY A 14 6.49 -6.02 2.38
C GLY A 14 7.13 -4.73 1.97
N GLN A 15 7.18 -4.54 0.65
CA GLN A 15 7.73 -3.32 0.08
C GLN A 15 6.84 -2.14 0.42
N ILE A 16 5.54 -2.42 0.56
CA ILE A 16 4.55 -1.39 0.90
C ILE A 16 4.73 -0.93 2.34
N ILE A 17 4.94 -1.88 3.24
CA ILE A 17 5.13 -1.56 4.65
C ILE A 17 6.30 -0.61 4.82
N GLY A 18 7.46 -0.99 4.28
CA GLY A 18 8.63 -0.13 4.37
C GLY A 18 8.43 1.15 3.59
N ALA A 19 7.77 1.01 2.45
CA ALA A 19 7.47 2.14 1.57
C ALA A 19 6.62 3.18 2.29
N LEU A 20 5.79 2.72 3.21
CA LEU A 20 4.92 3.59 3.97
C LEU A 20 5.67 4.23 5.13
N ALA A 21 6.68 3.51 5.62
CA ALA A 21 7.49 4.00 6.72
C ALA A 21 8.11 5.35 6.38
N GLY A 22 7.87 6.34 7.24
CA GLY A 22 8.41 7.67 7.00
C GLY A 22 7.34 8.75 7.01
N ALA A 23 6.16 8.40 6.51
CA ALA A 23 5.04 9.34 6.47
C ALA A 23 4.79 9.97 7.83
N ASP A 24 3.74 10.80 7.90
CA ASP A 24 3.36 11.44 9.15
C ASP A 24 3.01 10.33 10.15
N PHE A 25 1.78 10.28 10.65
CA PHE A 25 1.41 9.18 11.54
C PHE A 25 1.61 7.92 10.73
N PRO A 26 1.41 6.73 11.30
CA PRO A 26 1.58 5.50 10.52
C PRO A 26 0.55 5.37 9.39
N ILE A 27 0.64 6.28 8.39
CA ILE A 27 -0.23 6.29 7.19
C ILE A 27 -1.25 7.45 7.14
N ASN A 28 -0.75 8.68 7.10
CA ASN A 28 -1.62 9.86 7.01
C ASN A 28 -2.41 9.89 5.70
N SER A 29 -3.31 8.93 5.52
CA SER A 29 -4.09 8.86 4.30
C SER A 29 -3.15 8.78 3.10
N PRO A 30 -3.59 8.21 1.99
CA PRO A 30 -2.74 8.07 0.82
C PRO A 30 -2.04 9.36 0.47
N GLU A 31 -2.66 10.50 0.72
CA GLU A 31 -2.02 11.78 0.42
C GLU A 31 -0.63 11.85 1.06
N GLU A 32 -0.59 11.69 2.36
CA GLU A 32 0.65 11.75 3.11
C GLU A 32 1.50 10.50 2.96
N LEU A 33 0.94 9.34 3.32
CA LEU A 33 1.69 8.10 3.24
C LEU A 33 2.31 7.99 1.85
N MET A 34 1.59 8.50 0.85
CA MET A 34 2.08 8.54 -0.52
C MET A 34 3.26 9.49 -0.58
N ALA A 35 3.15 10.58 0.18
CA ALA A 35 4.23 11.58 0.22
C ALA A 35 5.46 11.00 0.89
N ALA A 36 5.25 9.99 1.73
CA ALA A 36 6.33 9.34 2.48
C ALA A 36 7.21 8.45 1.62
N LEU A 37 6.59 7.60 0.79
CA LEU A 37 7.34 6.66 -0.04
C LEU A 37 8.66 7.25 -0.55
N PRO A 38 9.68 6.39 -0.66
CA PRO A 38 11.04 6.79 -1.09
C PRO A 38 11.10 7.66 -2.35
N ASN A 39 10.44 7.24 -3.41
CA ASN A 39 10.47 8.00 -4.66
C ASN A 39 9.67 9.31 -4.57
N GLY A 40 8.82 9.42 -3.55
CA GLY A 40 8.01 10.62 -3.40
C GLY A 40 6.56 10.40 -3.79
N PRO A 41 6.26 10.20 -5.08
CA PRO A 41 4.89 9.98 -5.56
C PRO A 41 4.44 8.53 -5.45
N ASP A 42 4.74 7.91 -4.31
CA ASP A 42 4.36 6.52 -4.07
C ASP A 42 5.05 5.57 -5.06
N THR A 43 6.16 5.00 -4.64
CA THR A 43 6.93 4.08 -5.46
C THR A 43 6.13 2.80 -5.74
N THR A 44 6.11 2.38 -6.99
CA THR A 44 5.38 1.18 -7.37
C THR A 44 6.18 -0.08 -7.04
N CYS A 45 5.56 -1.00 -6.32
CA CYS A 45 6.21 -2.25 -5.94
C CYS A 45 5.71 -3.39 -6.84
N LYS A 46 5.61 -3.11 -8.13
CA LYS A 46 5.13 -4.08 -9.10
C LYS A 46 6.20 -5.12 -9.41
N SER A 47 5.76 -6.34 -9.73
CA SER A 47 6.66 -7.44 -10.05
C SER A 47 6.10 -8.30 -11.17
N GLY A 48 6.96 -8.67 -12.11
CA GLY A 48 6.54 -9.50 -13.24
C GLY A 48 5.60 -8.78 -14.17
N ASP A 49 4.42 -8.41 -13.67
CA ASP A 49 3.44 -7.70 -14.48
C ASP A 49 2.23 -7.28 -13.63
N VAL A 50 2.47 -7.09 -12.33
CA VAL A 50 1.42 -6.68 -11.42
C VAL A 50 1.85 -5.45 -10.63
N GLU A 51 1.06 -4.39 -10.66
CA GLU A 51 1.40 -3.18 -9.94
C GLU A 51 0.37 -2.84 -8.85
N LEU A 52 0.89 -2.57 -7.66
CA LEU A 52 0.07 -2.22 -6.51
C LEU A 52 0.78 -1.17 -5.67
N LYS A 53 0.05 -0.13 -5.27
CA LYS A 53 0.64 0.92 -4.46
C LYS A 53 -0.41 1.88 -3.92
N ALA A 54 0.04 2.97 -3.34
CA ALA A 54 -0.87 3.96 -2.75
C ALA A 54 -1.81 4.60 -3.76
N SER A 55 -1.26 5.13 -4.85
CA SER A 55 -2.07 5.80 -5.86
C SER A 55 -2.90 4.81 -6.69
N ASP A 56 -2.24 3.78 -7.23
CA ASP A 56 -2.93 2.79 -8.06
C ASP A 56 -3.89 1.92 -7.24
N ALA A 57 -3.40 1.36 -6.15
CA ALA A 57 -4.20 0.49 -5.30
C ALA A 57 -4.92 1.27 -4.21
N GLY A 58 -4.20 2.16 -3.52
CA GLY A 58 -4.80 2.94 -2.45
C GLY A 58 -6.04 3.70 -2.89
N GLN A 59 -6.18 3.92 -4.19
CA GLN A 59 -7.34 4.63 -4.73
C GLN A 59 -8.63 4.14 -4.09
N VAL A 60 -8.65 2.86 -3.72
CA VAL A 60 -9.81 2.25 -3.09
C VAL A 60 -9.95 2.62 -1.61
N LEU A 61 -9.45 3.80 -1.22
CA LEU A 61 -9.55 4.24 0.15
C LEU A 61 -10.12 5.66 0.23
N THR A 62 -11.28 5.78 0.87
CA THR A 62 -11.95 7.08 1.01
C THR A 62 -11.21 7.98 2.00
N ALA A 63 -11.45 9.28 1.87
CA ALA A 63 -10.82 10.27 2.75
C ALA A 63 -11.00 9.89 4.23
N ASP A 64 -12.19 9.39 4.57
CA ASP A 64 -12.48 8.98 5.94
C ASP A 64 -11.39 8.05 6.47
N ASP A 65 -10.73 7.34 5.55
CA ASP A 65 -9.66 6.42 5.92
C ASP A 65 -8.40 7.13 6.38
N PHE A 66 -8.43 8.46 6.48
CA PHE A 66 -7.27 9.22 6.91
C PHE A 66 -6.55 8.53 8.07
N PRO A 67 -7.15 8.51 9.27
CA PRO A 67 -6.56 7.86 10.44
C PRO A 67 -6.50 6.35 10.27
N PHE A 68 -5.54 5.90 9.46
CA PHE A 68 -5.38 4.48 9.18
C PHE A 68 -4.72 3.74 10.33
N LYS A 69 -5.17 2.51 10.56
CA LYS A 69 -4.62 1.68 11.62
C LYS A 69 -3.21 1.21 11.29
N SER A 70 -2.30 2.18 11.23
CA SER A 70 -0.90 1.89 10.95
C SER A 70 -0.69 1.31 9.55
N ALA A 71 0.56 1.38 9.09
CA ALA A 71 0.95 0.87 7.78
C ALA A 71 0.54 -0.58 7.60
N GLU A 72 0.45 -1.32 8.70
CA GLU A 72 0.05 -2.71 8.65
C GLU A 72 -1.38 -2.82 8.15
N GLU A 73 -2.21 -1.90 8.61
CA GLU A 73 -3.61 -1.86 8.22
C GLU A 73 -3.73 -1.53 6.74
N VAL A 74 -2.95 -0.56 6.30
CA VAL A 74 -2.97 -0.13 4.91
C VAL A 74 -2.42 -1.20 3.98
N ALA A 75 -1.35 -1.86 4.41
CA ALA A 75 -0.77 -2.93 3.60
C ALA A 75 -1.82 -3.98 3.28
N ASP A 76 -2.59 -4.35 4.29
CA ASP A 76 -3.64 -5.34 4.14
C ASP A 76 -4.83 -4.77 3.37
N THR A 77 -5.25 -3.57 3.74
CA THR A 77 -6.38 -2.91 3.09
C THR A 77 -6.16 -2.76 1.59
N ILE A 78 -4.99 -2.26 1.21
CA ILE A 78 -4.66 -2.07 -0.20
C ILE A 78 -4.65 -3.38 -0.97
N VAL A 79 -3.87 -4.35 -0.48
CA VAL A 79 -3.76 -5.65 -1.14
C VAL A 79 -5.12 -6.36 -1.22
N ASN A 80 -5.89 -6.30 -0.14
CA ASN A 80 -7.20 -6.96 -0.12
C ASN A 80 -8.14 -6.35 -1.15
N LYS A 81 -8.25 -5.02 -1.15
CA LYS A 81 -9.13 -4.33 -2.07
C LYS A 81 -8.58 -4.34 -3.49
N ALA A 82 -7.28 -4.10 -3.63
CA ALA A 82 -6.64 -4.08 -4.94
C ALA A 82 -6.63 -5.45 -5.60
N GLY A 83 -6.58 -6.50 -4.80
CA GLY A 83 -6.56 -7.84 -5.36
C GLY A 83 -5.90 -8.86 -4.45
N LEU A 84 -4.66 -8.58 -4.08
CA LEU A 84 -3.89 -9.45 -3.21
C LEU A 84 -4.47 -9.47 -1.80
N GLY A 1 -10.18 -17.00 -14.95
CA GLY A 1 -10.32 -16.45 -13.57
C GLY A 1 -9.69 -17.34 -12.52
N SER A 2 -8.49 -17.83 -12.80
CA SER A 2 -7.78 -18.70 -11.87
C SER A 2 -6.40 -19.07 -12.41
N HIS A 3 -5.40 -19.03 -11.54
CA HIS A 3 -4.03 -19.36 -11.93
C HIS A 3 -3.09 -19.31 -10.73
N MET A 4 -3.53 -19.89 -9.62
CA MET A 4 -2.74 -19.90 -8.39
C MET A 4 -2.51 -18.50 -7.86
N LYS A 5 -2.69 -18.32 -6.56
CA LYS A 5 -2.50 -17.02 -5.93
C LYS A 5 -1.01 -16.67 -5.88
N MET A 6 -0.69 -15.42 -6.19
CA MET A 6 0.69 -14.98 -6.19
C MET A 6 1.25 -14.93 -4.77
N GLY A 7 2.42 -15.53 -4.58
CA GLY A 7 3.05 -15.55 -3.27
C GLY A 7 3.54 -14.19 -2.84
N VAL A 8 3.86 -13.33 -3.81
CA VAL A 8 4.36 -12.00 -3.51
C VAL A 8 3.35 -11.17 -2.73
N LYS A 9 2.13 -11.66 -2.53
CA LYS A 9 1.15 -10.87 -1.82
C LYS A 9 1.81 -10.28 -0.58
N GLU A 10 2.59 -11.11 0.10
CA GLU A 10 3.34 -10.68 1.25
C GLU A 10 4.58 -9.89 0.84
N ASP A 11 5.21 -10.31 -0.26
CA ASP A 11 6.43 -9.65 -0.75
C ASP A 11 6.19 -8.19 -1.14
N ILE A 12 5.19 -7.96 -1.98
CA ILE A 12 4.83 -6.61 -2.39
C ILE A 12 4.37 -5.82 -1.18
N ARG A 13 3.51 -6.45 -0.37
CA ARG A 13 3.03 -5.81 0.84
C ARG A 13 4.22 -5.42 1.70
N GLY A 14 5.30 -6.19 1.57
CA GLY A 14 6.50 -5.89 2.31
C GLY A 14 7.07 -4.58 1.86
N GLN A 15 7.02 -4.38 0.55
CA GLN A 15 7.49 -3.15 -0.07
C GLN A 15 6.56 -2.01 0.31
N ILE A 16 5.28 -2.34 0.52
CA ILE A 16 4.28 -1.35 0.88
C ILE A 16 4.49 -0.86 2.30
N ILE A 17 4.73 -1.80 3.23
CA ILE A 17 4.96 -1.44 4.62
C ILE A 17 6.15 -0.50 4.73
N GLY A 18 7.27 -0.90 4.16
CA GLY A 18 8.45 -0.05 4.18
C GLY A 18 8.21 1.23 3.42
N ALA A 19 7.48 1.11 2.32
CA ALA A 19 7.13 2.24 1.47
C ALA A 19 6.32 3.27 2.26
N LEU A 20 5.55 2.79 3.23
CA LEU A 20 4.71 3.64 4.06
C LEU A 20 5.54 4.26 5.17
N ALA A 21 6.58 3.56 5.58
CA ALA A 21 7.46 4.03 6.64
C ALA A 21 8.04 5.40 6.30
N GLY A 22 8.08 6.29 7.30
CA GLY A 22 8.61 7.63 7.08
C GLY A 22 7.53 8.69 7.08
N ALA A 23 6.35 8.32 6.60
CA ALA A 23 5.22 9.26 6.53
C ALA A 23 4.97 9.93 7.87
N ASP A 24 3.93 10.76 7.91
CA ASP A 24 3.54 11.47 9.13
C ASP A 24 3.22 10.43 10.20
N PHE A 25 2.01 10.44 10.77
CA PHE A 25 1.67 9.42 11.75
C PHE A 25 1.80 8.08 11.03
N PRO A 26 1.40 6.95 11.62
CA PRO A 26 1.51 5.69 10.91
C PRO A 26 0.52 5.60 9.74
N ILE A 27 0.68 6.51 8.73
CA ILE A 27 -0.16 6.53 7.50
C ILE A 27 -1.15 7.71 7.40
N ASN A 28 -0.64 8.94 7.28
CA ASN A 28 -1.51 10.12 7.14
C ASN A 28 -2.31 10.09 5.84
N SER A 29 -3.22 9.13 5.72
CA SER A 29 -4.02 9.02 4.51
C SER A 29 -3.09 8.80 3.33
N PRO A 30 -3.57 8.18 2.26
CA PRO A 30 -2.75 7.92 1.10
C PRO A 30 -1.99 9.15 0.63
N GLU A 31 -2.59 10.32 0.77
CA GLU A 31 -1.93 11.54 0.37
C GLU A 31 -0.54 11.66 1.01
N GLU A 32 -0.51 11.57 2.34
CA GLU A 32 0.73 11.68 3.08
C GLU A 32 1.59 10.43 2.99
N LEU A 33 1.04 9.28 3.39
CA LEU A 33 1.80 8.04 3.36
C LEU A 33 2.41 7.86 1.98
N MET A 34 1.63 8.18 0.95
CA MET A 34 2.12 8.12 -0.42
C MET A 34 3.23 9.14 -0.59
N ALA A 35 3.13 10.26 0.15
CA ALA A 35 4.15 11.29 0.08
C ALA A 35 5.43 10.82 0.75
N ALA A 36 5.29 9.92 1.72
CA ALA A 36 6.41 9.38 2.46
C ALA A 36 7.27 8.44 1.62
N LEU A 37 6.62 7.66 0.74
CA LEU A 37 7.32 6.69 -0.10
C LEU A 37 8.76 7.12 -0.41
N PRO A 38 9.70 6.16 -0.39
CA PRO A 38 11.14 6.39 -0.61
C PRO A 38 11.50 7.26 -1.82
N ASN A 39 10.88 6.99 -2.97
CA ASN A 39 11.23 7.74 -4.18
C ASN A 39 10.70 9.18 -4.14
N GLY A 40 9.65 9.42 -3.36
CA GLY A 40 9.08 10.75 -3.28
C GLY A 40 7.78 10.90 -4.06
N PRO A 41 7.82 10.78 -5.41
CA PRO A 41 6.63 10.90 -6.24
C PRO A 41 5.80 9.61 -6.30
N ASP A 42 5.57 8.99 -5.16
CA ASP A 42 4.78 7.77 -5.09
C ASP A 42 5.48 6.61 -5.80
N THR A 43 6.30 5.85 -5.08
CA THR A 43 7.02 4.72 -5.66
C THR A 43 6.10 3.53 -5.86
N THR A 44 6.18 2.89 -7.03
CA THR A 44 5.36 1.74 -7.34
C THR A 44 6.08 0.43 -6.99
N CYS A 45 5.44 -0.39 -6.17
CA CYS A 45 6.01 -1.68 -5.78
C CYS A 45 5.52 -2.76 -6.72
N LYS A 46 5.46 -2.43 -8.00
CA LYS A 46 4.98 -3.37 -9.02
C LYS A 46 6.01 -4.43 -9.35
N SER A 47 5.58 -5.70 -9.31
CA SER A 47 6.44 -6.81 -9.64
C SER A 47 6.04 -7.36 -11.01
N GLY A 48 6.96 -7.31 -11.97
CA GLY A 48 6.66 -7.79 -13.30
C GLY A 48 5.52 -7.00 -13.94
N ASP A 49 4.53 -7.70 -14.46
CA ASP A 49 3.39 -7.05 -15.09
C ASP A 49 2.44 -6.45 -14.05
N VAL A 50 2.30 -7.14 -12.93
CA VAL A 50 1.42 -6.68 -11.85
C VAL A 50 1.94 -5.40 -11.20
N GLU A 51 1.02 -4.52 -10.82
CA GLU A 51 1.39 -3.25 -10.19
C GLU A 51 0.45 -2.94 -9.01
N LEU A 52 1.04 -2.67 -7.86
CA LEU A 52 0.27 -2.34 -6.66
C LEU A 52 0.96 -1.25 -5.85
N LYS A 53 0.19 -0.26 -5.41
CA LYS A 53 0.74 0.84 -4.62
C LYS A 53 -0.38 1.72 -4.06
N ALA A 54 -0.01 2.85 -3.48
CA ALA A 54 -0.97 3.77 -2.89
C ALA A 54 -1.83 4.46 -3.95
N SER A 55 -1.19 5.03 -4.96
CA SER A 55 -1.91 5.73 -6.02
C SER A 55 -2.75 4.77 -6.85
N ASP A 56 -2.15 3.67 -7.27
CA ASP A 56 -2.84 2.68 -8.09
C ASP A 56 -3.89 1.90 -7.29
N ALA A 57 -3.48 1.31 -6.18
CA ALA A 57 -4.39 0.53 -5.35
C ALA A 57 -5.00 1.35 -4.22
N GLY A 58 -4.16 2.10 -3.50
CA GLY A 58 -4.64 2.92 -2.40
C GLY A 58 -5.87 3.73 -2.74
N GLN A 59 -6.04 4.03 -4.04
CA GLN A 59 -7.18 4.80 -4.51
C GLN A 59 -8.49 4.33 -3.87
N VAL A 60 -8.54 3.05 -3.53
CA VAL A 60 -9.72 2.45 -2.93
C VAL A 60 -9.91 2.85 -1.45
N LEU A 61 -9.41 4.02 -1.07
CA LEU A 61 -9.54 4.49 0.30
C LEU A 61 -10.04 5.94 0.31
N THR A 62 -11.23 6.16 0.86
CA THR A 62 -11.81 7.50 0.91
C THR A 62 -11.08 8.40 1.91
N ALA A 63 -11.18 9.70 1.70
CA ALA A 63 -10.53 10.68 2.57
C ALA A 63 -10.81 10.39 4.04
N ASP A 64 -12.03 9.98 4.34
CA ASP A 64 -12.41 9.66 5.72
C ASP A 64 -11.41 8.69 6.34
N ASP A 65 -10.77 7.90 5.49
CA ASP A 65 -9.78 6.92 5.93
C ASP A 65 -8.48 7.59 6.40
N PHE A 66 -8.44 8.92 6.40
CA PHE A 66 -7.24 9.65 6.80
C PHE A 66 -6.51 8.96 7.96
N PRO A 67 -7.20 8.67 9.07
CA PRO A 67 -6.61 8.01 10.22
C PRO A 67 -6.58 6.49 10.06
N PHE A 68 -5.61 6.02 9.29
CA PHE A 68 -5.46 4.58 9.06
C PHE A 68 -4.83 3.88 10.24
N LYS A 69 -5.29 2.65 10.50
CA LYS A 69 -4.76 1.84 11.59
C LYS A 69 -3.32 1.42 11.30
N SER A 70 -2.43 2.40 11.28
CA SER A 70 -1.03 2.15 11.02
C SER A 70 -0.78 1.52 9.65
N ALA A 71 0.45 1.62 9.18
CA ALA A 71 0.85 1.09 7.89
C ALA A 71 0.44 -0.37 7.76
N GLU A 72 0.42 -1.09 8.86
CA GLU A 72 0.05 -2.49 8.86
C GLU A 72 -1.35 -2.69 8.27
N GLU A 73 -2.33 -1.89 8.71
CA GLU A 73 -3.67 -2.05 8.18
C GLU A 73 -3.72 -1.60 6.73
N VAL A 74 -2.95 -0.56 6.40
CA VAL A 74 -2.93 -0.06 5.02
C VAL A 74 -2.42 -1.14 4.07
N ALA A 75 -1.34 -1.81 4.45
CA ALA A 75 -0.75 -2.86 3.63
C ALA A 75 -1.78 -3.93 3.31
N ASP A 76 -2.45 -4.43 4.35
CA ASP A 76 -3.47 -5.46 4.17
C ASP A 76 -4.69 -4.92 3.43
N THR A 77 -5.06 -3.68 3.73
CA THR A 77 -6.21 -3.05 3.11
C THR A 77 -6.03 -2.88 1.60
N ILE A 78 -4.91 -2.29 1.20
CA ILE A 78 -4.63 -2.05 -0.21
C ILE A 78 -4.61 -3.37 -1.00
N VAL A 79 -3.83 -4.33 -0.51
CA VAL A 79 -3.73 -5.62 -1.18
C VAL A 79 -5.07 -6.33 -1.27
N ASN A 80 -5.87 -6.24 -0.22
CA ASN A 80 -7.18 -6.88 -0.19
C ASN A 80 -8.11 -6.32 -1.27
N LYS A 81 -8.30 -5.00 -1.24
CA LYS A 81 -9.18 -4.34 -2.20
C LYS A 81 -8.59 -4.34 -3.60
N ALA A 82 -7.27 -4.14 -3.69
CA ALA A 82 -6.59 -4.10 -4.98
C ALA A 82 -6.60 -5.45 -5.67
N GLY A 83 -6.61 -6.54 -4.91
CA GLY A 83 -6.62 -7.86 -5.50
C GLY A 83 -6.05 -8.93 -4.60
N LEU A 84 -4.82 -8.70 -4.16
CA LEU A 84 -4.12 -9.64 -3.30
C LEU A 84 -4.77 -9.74 -1.93
N GLY A 1 -1.00 -30.63 -7.42
CA GLY A 1 -2.42 -30.24 -7.65
C GLY A 1 -3.02 -29.50 -6.47
N SER A 2 -2.26 -28.54 -5.95
CA SER A 2 -2.72 -27.74 -4.82
C SER A 2 -1.68 -26.69 -4.44
N HIS A 3 -2.15 -25.48 -4.14
CA HIS A 3 -1.27 -24.38 -3.77
C HIS A 3 -2.07 -23.17 -3.31
N MET A 4 -1.73 -22.66 -2.12
CA MET A 4 -2.41 -21.49 -1.57
C MET A 4 -1.97 -20.21 -2.28
N LYS A 5 -2.88 -19.24 -2.33
CA LYS A 5 -2.58 -17.96 -2.98
C LYS A 5 -1.27 -17.36 -2.48
N MET A 6 -0.87 -17.75 -1.27
CA MET A 6 0.36 -17.23 -0.66
C MET A 6 1.47 -17.05 -1.68
N GLY A 7 2.10 -15.89 -1.65
CA GLY A 7 3.18 -15.58 -2.57
C GLY A 7 3.75 -14.20 -2.33
N VAL A 8 3.92 -13.43 -3.39
CA VAL A 8 4.45 -12.08 -3.27
C VAL A 8 3.42 -11.15 -2.65
N LYS A 9 2.19 -11.61 -2.43
CA LYS A 9 1.18 -10.74 -1.86
C LYS A 9 1.79 -10.00 -0.68
N GLU A 10 2.40 -10.75 0.22
CA GLU A 10 3.07 -10.18 1.37
C GLU A 10 4.44 -9.60 0.97
N ASP A 11 5.07 -10.16 -0.07
CA ASP A 11 6.38 -9.69 -0.52
C ASP A 11 6.33 -8.25 -1.06
N ILE A 12 5.43 -8.01 -2.01
CA ILE A 12 5.24 -6.69 -2.58
C ILE A 12 4.71 -5.78 -1.49
N ARG A 13 3.78 -6.31 -0.70
CA ARG A 13 3.23 -5.56 0.41
C ARG A 13 4.35 -5.21 1.37
N GLY A 14 5.40 -6.03 1.34
CA GLY A 14 6.54 -5.79 2.20
C GLY A 14 7.22 -4.51 1.77
N GLN A 15 7.37 -4.36 0.47
CA GLN A 15 7.94 -3.16 -0.10
C GLN A 15 7.05 -1.97 0.21
N ILE A 16 5.75 -2.25 0.39
CA ILE A 16 4.76 -1.23 0.70
C ILE A 16 4.85 -0.76 2.14
N ILE A 17 4.94 -1.70 3.08
CA ILE A 17 5.05 -1.35 4.49
C ILE A 17 6.26 -0.44 4.72
N GLY A 18 7.42 -0.88 4.24
CA GLY A 18 8.61 -0.07 4.37
C GLY A 18 8.47 1.23 3.62
N ALA A 19 7.80 1.15 2.47
CA ALA A 19 7.56 2.30 1.62
C ALA A 19 6.70 3.33 2.35
N LEU A 20 5.88 2.85 3.28
CA LEU A 20 5.00 3.70 4.06
C LEU A 20 5.77 4.36 5.20
N ALA A 21 6.80 3.66 5.65
CA ALA A 21 7.64 4.16 6.74
C ALA A 21 8.20 5.54 6.40
N GLY A 22 8.11 6.48 7.34
CA GLY A 22 8.61 7.82 7.11
C GLY A 22 7.50 8.85 7.10
N ALA A 23 6.33 8.46 6.61
CA ALA A 23 5.18 9.36 6.54
C ALA A 23 4.90 10.02 7.88
N ASP A 24 3.86 10.85 7.92
CA ASP A 24 3.46 11.51 9.15
C ASP A 24 3.11 10.44 10.18
N PHE A 25 1.87 10.42 10.69
CA PHE A 25 1.48 9.36 11.61
C PHE A 25 1.67 8.05 10.88
N PRO A 26 1.39 6.90 11.49
CA PRO A 26 1.55 5.62 10.80
C PRO A 26 0.55 5.48 9.63
N ILE A 27 0.69 6.35 8.60
CA ILE A 27 -0.15 6.32 7.38
C ILE A 27 -1.16 7.48 7.27
N ASN A 28 -0.66 8.71 7.23
CA ASN A 28 -1.52 9.90 7.09
C ASN A 28 -2.30 9.90 5.78
N SER A 29 -3.20 8.95 5.61
CA SER A 29 -3.97 8.88 4.38
C SER A 29 -3.02 8.74 3.20
N PRO A 30 -3.47 8.16 2.09
CA PRO A 30 -2.62 7.98 0.93
C PRO A 30 -1.88 9.25 0.54
N GLU A 31 -2.50 10.40 0.76
CA GLU A 31 -1.85 11.65 0.43
C GLU A 31 -0.46 11.73 1.08
N GLU A 32 -0.44 11.60 2.39
CA GLU A 32 0.80 11.67 3.15
C GLU A 32 1.63 10.41 3.05
N LEU A 33 1.04 9.27 3.44
CA LEU A 33 1.77 8.01 3.41
C LEU A 33 2.43 7.84 2.04
N MET A 34 1.68 8.17 0.99
CA MET A 34 2.21 8.12 -0.36
C MET A 34 3.30 9.16 -0.49
N ALA A 35 3.14 10.28 0.24
CA ALA A 35 4.13 11.34 0.20
C ALA A 35 5.45 10.87 0.82
N ALA A 36 5.33 9.96 1.80
CA ALA A 36 6.49 9.43 2.49
C ALA A 36 7.33 8.52 1.60
N LEU A 37 6.66 7.72 0.77
CA LEU A 37 7.36 6.77 -0.12
C LEU A 37 8.74 7.30 -0.54
N PRO A 38 9.75 6.39 -0.54
CA PRO A 38 11.14 6.74 -0.84
C PRO A 38 11.37 7.57 -2.11
N ASN A 39 10.77 7.16 -3.23
CA ASN A 39 10.98 7.88 -4.49
C ASN A 39 10.27 9.23 -4.54
N GLY A 40 9.19 9.38 -3.77
CA GLY A 40 8.45 10.63 -3.78
C GLY A 40 7.15 10.51 -4.57
N PRO A 41 7.22 10.29 -5.90
CA PRO A 41 6.02 10.17 -6.74
C PRO A 41 5.42 8.76 -6.68
N ASP A 42 5.17 8.28 -5.48
CA ASP A 42 4.60 6.96 -5.25
C ASP A 42 5.36 5.86 -5.97
N THR A 43 6.31 5.26 -5.25
CA THR A 43 7.11 4.18 -5.79
C THR A 43 6.27 2.93 -5.97
N THR A 44 6.30 2.37 -7.18
CA THR A 44 5.51 1.17 -7.47
C THR A 44 6.25 -0.09 -7.05
N CYS A 45 5.59 -0.92 -6.24
CA CYS A 45 6.18 -2.17 -5.79
C CYS A 45 5.78 -3.30 -6.74
N LYS A 46 5.90 -3.05 -8.04
CA LYS A 46 5.55 -4.03 -9.05
C LYS A 46 6.61 -5.12 -9.16
N SER A 47 6.17 -6.34 -9.44
CA SER A 47 7.09 -7.46 -9.56
C SER A 47 6.71 -8.34 -10.75
N GLY A 48 7.68 -8.61 -11.62
CA GLY A 48 7.44 -9.43 -12.80
C GLY A 48 6.57 -8.75 -13.84
N ASP A 49 5.42 -8.23 -13.39
CA ASP A 49 4.50 -7.55 -14.30
C ASP A 49 3.41 -6.83 -13.50
N VAL A 50 2.92 -7.50 -12.46
CA VAL A 50 1.88 -6.93 -11.61
C VAL A 50 2.41 -5.73 -10.84
N GLU A 51 1.61 -4.65 -10.82
CA GLU A 51 2.02 -3.43 -10.11
C GLU A 51 1.05 -3.12 -8.98
N LEU A 52 1.59 -2.76 -7.82
CA LEU A 52 0.78 -2.41 -6.65
C LEU A 52 1.38 -1.24 -5.89
N LYS A 53 0.55 -0.25 -5.62
CA LYS A 53 0.97 0.94 -4.88
C LYS A 53 -0.23 1.78 -4.47
N ALA A 54 -0.05 2.60 -3.44
CA ALA A 54 -1.12 3.44 -2.93
C ALA A 54 -1.84 4.20 -4.04
N SER A 55 -1.10 4.64 -5.05
CA SER A 55 -1.69 5.38 -6.15
C SER A 55 -2.69 4.52 -6.93
N ASP A 56 -2.26 3.34 -7.37
CA ASP A 56 -3.13 2.45 -8.15
C ASP A 56 -4.21 1.82 -7.28
N ALA A 57 -3.81 1.23 -6.15
CA ALA A 57 -4.74 0.55 -5.26
C ALA A 57 -5.28 1.47 -4.17
N GLY A 58 -4.38 2.21 -3.51
CA GLY A 58 -4.81 3.11 -2.44
C GLY A 58 -6.03 3.92 -2.79
N GLN A 59 -6.21 4.21 -4.07
CA GLN A 59 -7.37 4.98 -4.55
C GLN A 59 -8.66 4.48 -3.91
N VAL A 60 -8.70 3.19 -3.60
CA VAL A 60 -9.87 2.56 -3.00
C VAL A 60 -10.01 2.90 -1.51
N LEU A 61 -9.51 4.06 -1.11
CA LEU A 61 -9.61 4.50 0.28
C LEU A 61 -10.11 5.94 0.35
N THR A 62 -11.29 6.13 0.94
CA THR A 62 -11.89 7.46 1.05
C THR A 62 -11.17 8.32 2.09
N ALA A 63 -11.29 9.64 1.93
CA ALA A 63 -10.67 10.59 2.85
C ALA A 63 -10.95 10.20 4.30
N ASP A 64 -12.15 9.71 4.56
CA ASP A 64 -12.53 9.28 5.91
C ASP A 64 -11.48 8.35 6.49
N ASP A 65 -10.82 7.62 5.59
CA ASP A 65 -9.76 6.68 5.97
C ASP A 65 -8.50 7.41 6.43
N PHE A 66 -8.56 8.75 6.48
CA PHE A 66 -7.39 9.55 6.87
C PHE A 66 -6.61 8.90 8.01
N PRO A 67 -7.29 8.53 9.11
CA PRO A 67 -6.66 7.88 10.25
C PRO A 67 -6.60 6.36 10.09
N PHE A 68 -5.64 5.90 9.30
CA PHE A 68 -5.47 4.47 9.06
C PHE A 68 -4.82 3.77 10.25
N LYS A 69 -5.29 2.57 10.57
CA LYS A 69 -4.75 1.78 11.67
C LYS A 69 -3.33 1.34 11.37
N SER A 70 -2.42 2.31 11.38
CA SER A 70 -1.02 2.05 11.12
C SER A 70 -0.80 1.40 9.76
N ALA A 71 0.44 1.48 9.28
CA ALA A 71 0.82 0.92 7.99
C ALA A 71 0.39 -0.53 7.85
N GLU A 72 0.34 -1.24 8.97
CA GLU A 72 -0.07 -2.64 8.96
C GLU A 72 -1.45 -2.83 8.34
N GLU A 73 -2.43 -2.02 8.77
CA GLU A 73 -3.78 -2.17 8.21
C GLU A 73 -3.83 -1.64 6.79
N VAL A 74 -3.12 -0.56 6.53
CA VAL A 74 -3.10 0.02 5.19
C VAL A 74 -2.55 -0.99 4.19
N ALA A 75 -1.60 -1.80 4.62
CA ALA A 75 -1.00 -2.80 3.75
C ALA A 75 -1.99 -3.90 3.40
N ASP A 76 -2.56 -4.53 4.41
CA ASP A 76 -3.52 -5.63 4.20
C ASP A 76 -4.81 -5.11 3.56
N THR A 77 -5.20 -3.90 3.91
CA THR A 77 -6.42 -3.30 3.39
C THR A 77 -6.35 -3.09 1.88
N ILE A 78 -5.27 -2.49 1.41
CA ILE A 78 -5.09 -2.23 -0.01
C ILE A 78 -5.02 -3.51 -0.83
N VAL A 79 -4.15 -4.44 -0.43
CA VAL A 79 -4.02 -5.71 -1.15
C VAL A 79 -5.38 -6.39 -1.32
N ASN A 80 -6.21 -6.30 -0.30
CA ASN A 80 -7.54 -6.91 -0.34
C ASN A 80 -8.39 -6.32 -1.46
N LYS A 81 -8.52 -5.00 -1.45
CA LYS A 81 -9.31 -4.30 -2.46
C LYS A 81 -8.62 -4.29 -3.82
N ALA A 82 -7.30 -4.14 -3.81
CA ALA A 82 -6.52 -4.08 -5.04
C ALA A 82 -6.52 -5.42 -5.78
N GLY A 83 -6.63 -6.52 -5.06
CA GLY A 83 -6.64 -7.82 -5.71
C GLY A 83 -6.15 -8.94 -4.83
N LEU A 84 -4.96 -8.78 -4.31
CA LEU A 84 -4.34 -9.78 -3.45
C LEU A 84 -5.11 -9.95 -2.15
N GLY A 1 2.24 -16.49 -15.27
CA GLY A 1 0.99 -17.30 -15.22
C GLY A 1 -0.11 -16.61 -14.43
N SER A 2 -1.33 -16.62 -14.97
CA SER A 2 -2.46 -15.98 -14.32
C SER A 2 -2.72 -16.62 -12.95
N HIS A 3 -2.67 -17.94 -12.89
CA HIS A 3 -2.89 -18.66 -11.64
C HIS A 3 -1.80 -18.34 -10.62
N MET A 4 -2.21 -18.07 -9.39
CA MET A 4 -1.28 -17.73 -8.32
C MET A 4 -0.50 -16.45 -8.64
N LYS A 5 -0.48 -15.54 -7.68
CA LYS A 5 0.22 -14.27 -7.85
C LYS A 5 1.63 -14.32 -7.27
N MET A 6 2.30 -15.43 -7.52
CA MET A 6 3.66 -15.64 -7.03
C MET A 6 3.78 -15.34 -5.53
N GLY A 7 2.70 -15.59 -4.80
CA GLY A 7 2.70 -15.35 -3.36
C GLY A 7 3.33 -14.02 -2.98
N VAL A 8 3.21 -13.03 -3.86
CA VAL A 8 3.77 -11.72 -3.61
C VAL A 8 2.94 -10.92 -2.62
N LYS A 9 1.78 -11.44 -2.22
CA LYS A 9 0.93 -10.70 -1.30
C LYS A 9 1.78 -10.14 -0.17
N GLU A 10 2.61 -10.99 0.40
CA GLU A 10 3.52 -10.56 1.46
C GLU A 10 4.73 -9.82 0.86
N ASP A 11 5.11 -10.19 -0.37
CA ASP A 11 6.27 -9.57 -1.03
C ASP A 11 6.06 -8.08 -1.31
N ILE A 12 4.95 -7.75 -1.97
CA ILE A 12 4.62 -6.37 -2.29
C ILE A 12 4.27 -5.63 -1.00
N ARG A 13 3.40 -6.24 -0.19
CA ARG A 13 3.00 -5.66 1.08
C ARG A 13 4.25 -5.40 1.91
N GLY A 14 5.28 -6.22 1.67
CA GLY A 14 6.53 -6.05 2.38
C GLY A 14 7.17 -4.75 1.99
N GLN A 15 7.15 -4.50 0.69
CA GLN A 15 7.70 -3.27 0.13
C GLN A 15 6.86 -2.08 0.60
N ILE A 16 5.57 -2.32 0.77
CA ILE A 16 4.63 -1.28 1.22
C ILE A 16 4.88 -0.90 2.67
N ILE A 17 4.98 -1.89 3.54
CA ILE A 17 5.23 -1.65 4.95
C ILE A 17 6.45 -0.77 5.15
N GLY A 18 7.58 -1.19 4.58
CA GLY A 18 8.80 -0.40 4.68
C GLY A 18 8.64 0.93 3.97
N ALA A 19 7.92 0.89 2.86
CA ALA A 19 7.66 2.08 2.06
C ALA A 19 6.83 3.11 2.83
N LEU A 20 6.11 2.64 3.84
CA LEU A 20 5.26 3.49 4.66
C LEU A 20 6.00 4.07 5.85
N ALA A 21 6.98 3.33 6.34
CA ALA A 21 7.77 3.77 7.49
C ALA A 21 8.44 5.12 7.25
N GLY A 22 7.71 6.21 7.46
CA GLY A 22 8.27 7.53 7.25
C GLY A 22 7.23 8.65 7.29
N ALA A 23 6.06 8.38 6.73
CA ALA A 23 4.98 9.36 6.68
C ALA A 23 4.68 9.96 8.04
N ASP A 24 3.67 10.83 8.07
CA ASP A 24 3.23 11.47 9.30
C ASP A 24 2.83 10.39 10.28
N PHE A 25 1.58 10.37 10.75
CA PHE A 25 1.17 9.28 11.64
C PHE A 25 1.38 7.99 10.85
N PRO A 26 1.18 6.82 11.44
CA PRO A 26 1.37 5.57 10.71
C PRO A 26 0.40 5.41 9.54
N ILE A 27 0.53 6.30 8.51
CA ILE A 27 -0.28 6.26 7.28
C ILE A 27 -1.29 7.41 7.14
N ASN A 28 -0.81 8.64 7.08
CA ASN A 28 -1.66 9.82 6.90
C ASN A 28 -2.34 9.83 5.53
N SER A 29 -3.19 8.86 5.26
CA SER A 29 -3.87 8.79 3.98
C SER A 29 -2.84 8.74 2.85
N PRO A 30 -3.17 8.10 1.73
CA PRO A 30 -2.25 7.97 0.61
C PRO A 30 -1.56 9.27 0.27
N GLU A 31 -2.21 10.37 0.55
CA GLU A 31 -1.59 11.67 0.28
C GLU A 31 -0.25 11.73 1.01
N GLU A 32 -0.31 11.56 2.32
CA GLU A 32 0.87 11.59 3.16
C GLU A 32 1.71 10.33 3.09
N LEU A 33 1.10 9.18 3.39
CA LEU A 33 1.84 7.92 3.40
C LEU A 33 2.62 7.79 2.09
N MET A 34 2.04 8.29 0.99
CA MET A 34 2.76 8.27 -0.29
C MET A 34 3.77 9.40 -0.28
N ALA A 35 3.46 10.48 0.43
CA ALA A 35 4.38 11.59 0.52
C ALA A 35 5.67 11.11 1.18
N ALA A 36 5.54 10.09 2.03
CA ALA A 36 6.67 9.51 2.73
C ALA A 36 7.44 8.52 1.87
N LEU A 37 6.72 7.77 1.04
CA LEU A 37 7.33 6.75 0.17
C LEU A 37 8.73 7.17 -0.29
N PRO A 38 9.73 6.27 -0.14
CA PRO A 38 11.13 6.54 -0.50
C PRO A 38 11.32 7.08 -1.91
N ASN A 39 10.48 6.66 -2.83
CA ASN A 39 10.61 7.09 -4.22
C ASN A 39 10.20 8.54 -4.43
N GLY A 40 9.31 9.04 -3.57
CA GLY A 40 8.87 10.43 -3.69
C GLY A 40 7.51 10.56 -4.36
N PRO A 41 7.41 10.38 -5.69
CA PRO A 41 6.15 10.49 -6.42
C PRO A 41 5.33 9.21 -6.37
N ASP A 42 5.26 8.61 -5.18
CA ASP A 42 4.51 7.38 -4.98
C ASP A 42 5.17 6.20 -5.69
N THR A 43 5.94 5.42 -4.94
CA THR A 43 6.63 4.26 -5.48
C THR A 43 5.65 3.16 -5.86
N THR A 44 5.88 2.54 -7.01
CA THR A 44 5.02 1.46 -7.47
C THR A 44 5.68 0.10 -7.20
N CYS A 45 5.32 -0.53 -6.09
CA CYS A 45 5.87 -1.82 -5.73
C CYS A 45 5.30 -2.93 -6.62
N LYS A 46 5.48 -2.78 -7.93
CA LYS A 46 4.98 -3.76 -8.88
C LYS A 46 5.84 -5.01 -8.90
N SER A 47 5.22 -6.14 -9.22
CA SER A 47 5.93 -7.42 -9.28
C SER A 47 5.19 -8.40 -10.17
N GLY A 48 5.90 -9.01 -11.10
CA GLY A 48 5.29 -9.96 -12.00
C GLY A 48 4.16 -9.35 -12.80
N ASP A 49 4.43 -8.19 -13.42
CA ASP A 49 3.43 -7.48 -14.22
C ASP A 49 2.45 -6.70 -13.33
N VAL A 50 2.00 -7.32 -12.25
CA VAL A 50 1.06 -6.68 -11.34
C VAL A 50 1.70 -5.49 -10.64
N GLU A 51 0.93 -4.41 -10.50
CA GLU A 51 1.43 -3.19 -9.86
C GLU A 51 0.46 -2.76 -8.75
N LEU A 52 1.00 -2.44 -7.58
CA LEU A 52 0.17 -2.02 -6.45
C LEU A 52 0.73 -0.78 -5.76
N LYS A 53 -0.17 0.12 -5.38
CA LYS A 53 0.21 1.35 -4.70
C LYS A 53 -1.03 2.18 -4.34
N ALA A 54 -0.83 3.45 -3.99
CA ALA A 54 -1.94 4.32 -3.61
C ALA A 54 -2.72 4.80 -4.82
N SER A 55 -2.01 5.20 -5.85
CA SER A 55 -2.62 5.70 -7.06
C SER A 55 -3.53 4.64 -7.70
N ASP A 56 -2.97 3.48 -7.99
CA ASP A 56 -3.73 2.39 -8.60
C ASP A 56 -4.69 1.73 -7.61
N ALA A 57 -4.17 1.28 -6.47
CA ALA A 57 -4.98 0.61 -5.46
C ALA A 57 -5.55 1.57 -4.43
N GLY A 58 -4.72 2.50 -3.96
CA GLY A 58 -5.16 3.47 -2.95
C GLY A 58 -6.52 4.06 -3.26
N GLN A 59 -6.88 4.10 -4.54
CA GLN A 59 -8.17 4.64 -4.97
C GLN A 59 -9.30 4.17 -4.06
N VAL A 60 -9.22 2.89 -3.68
CA VAL A 60 -10.22 2.28 -2.82
C VAL A 60 -10.19 2.91 -1.42
N LEU A 61 -9.00 3.33 -0.98
CA LEU A 61 -8.83 3.95 0.32
C LEU A 61 -9.43 5.36 0.35
N THR A 62 -10.76 5.43 0.32
CA THR A 62 -11.47 6.71 0.34
C THR A 62 -10.94 7.63 1.44
N ALA A 63 -11.14 8.93 1.26
CA ALA A 63 -10.67 9.93 2.23
C ALA A 63 -10.96 9.50 3.67
N ASP A 64 -12.13 8.92 3.90
CA ASP A 64 -12.51 8.48 5.24
C ASP A 64 -11.42 7.61 5.85
N ASP A 65 -10.66 6.94 5.00
CA ASP A 65 -9.57 6.06 5.44
C ASP A 65 -8.36 6.84 5.96
N PHE A 66 -8.45 8.16 6.01
CA PHE A 66 -7.34 8.98 6.48
C PHE A 66 -6.65 8.33 7.68
N PRO A 67 -7.34 8.24 8.83
CA PRO A 67 -6.78 7.63 10.04
C PRO A 67 -6.71 6.10 9.92
N PHE A 68 -5.74 5.64 9.15
CA PHE A 68 -5.56 4.20 8.94
C PHE A 68 -4.91 3.53 10.16
N LYS A 69 -5.36 2.32 10.47
CA LYS A 69 -4.82 1.57 11.60
C LYS A 69 -3.37 1.16 11.33
N SER A 70 -2.50 2.15 11.37
CA SER A 70 -1.08 1.92 11.15
C SER A 70 -0.80 1.31 9.78
N ALA A 71 0.45 1.42 9.34
CA ALA A 71 0.89 0.90 8.05
C ALA A 71 0.50 -0.56 7.88
N GLU A 72 0.43 -1.29 8.98
CA GLU A 72 0.08 -2.70 8.94
C GLU A 72 -1.29 -2.91 8.30
N GLU A 73 -2.30 -2.14 8.72
CA GLU A 73 -3.64 -2.32 8.17
C GLU A 73 -3.73 -1.75 6.76
N VAL A 74 -2.97 -0.70 6.48
CA VAL A 74 -3.00 -0.09 5.17
C VAL A 74 -2.42 -1.05 4.12
N ALA A 75 -1.23 -1.56 4.40
CA ALA A 75 -0.59 -2.50 3.50
C ALA A 75 -1.51 -3.68 3.23
N ASP A 76 -2.15 -4.15 4.29
CA ASP A 76 -3.09 -5.26 4.21
C ASP A 76 -4.29 -4.87 3.35
N THR A 77 -4.82 -3.69 3.62
CA THR A 77 -5.98 -3.16 2.92
C THR A 77 -5.73 -3.04 1.42
N ILE A 78 -4.59 -2.46 1.06
CA ILE A 78 -4.25 -2.28 -0.35
C ILE A 78 -4.23 -3.61 -1.10
N VAL A 79 -3.55 -4.60 -0.54
CA VAL A 79 -3.47 -5.91 -1.17
C VAL A 79 -4.83 -6.59 -1.29
N ASN A 80 -5.66 -6.48 -0.25
CA ASN A 80 -6.98 -7.10 -0.25
C ASN A 80 -7.90 -6.51 -1.33
N LYS A 81 -8.09 -5.19 -1.28
CA LYS A 81 -8.95 -4.52 -2.23
C LYS A 81 -8.37 -4.47 -3.64
N ALA A 82 -7.06 -4.24 -3.72
CA ALA A 82 -6.39 -4.15 -5.02
C ALA A 82 -6.37 -5.50 -5.75
N GLY A 83 -6.35 -6.60 -5.01
CA GLY A 83 -6.33 -7.91 -5.64
C GLY A 83 -5.77 -8.99 -4.75
N LEU A 84 -4.55 -8.77 -4.27
CA LEU A 84 -3.87 -9.72 -3.42
C LEU A 84 -4.60 -9.89 -2.09
N GLY A 1 -11.55 -16.20 -2.51
CA GLY A 1 -12.02 -15.05 -3.32
C GLY A 1 -11.42 -15.03 -4.71
N SER A 2 -10.97 -13.86 -5.16
CA SER A 2 -10.37 -13.71 -6.47
C SER A 2 -9.12 -14.57 -6.59
N HIS A 3 -9.02 -15.31 -7.70
CA HIS A 3 -7.88 -16.17 -7.94
C HIS A 3 -6.64 -15.34 -8.32
N MET A 4 -5.81 -15.86 -9.23
CA MET A 4 -4.61 -15.16 -9.66
C MET A 4 -3.68 -14.90 -8.48
N LYS A 5 -3.65 -15.83 -7.55
CA LYS A 5 -2.78 -15.73 -6.38
C LYS A 5 -1.43 -16.37 -6.66
N MET A 6 -0.36 -15.78 -6.13
CA MET A 6 0.98 -16.32 -6.35
C MET A 6 1.73 -16.49 -5.03
N GLY A 7 1.95 -15.38 -4.32
CA GLY A 7 2.67 -15.44 -3.05
C GLY A 7 3.23 -14.10 -2.64
N VAL A 8 3.63 -13.31 -3.63
CA VAL A 8 4.21 -11.99 -3.38
C VAL A 8 3.22 -11.07 -2.67
N LYS A 9 1.98 -11.50 -2.46
CA LYS A 9 1.01 -10.63 -1.81
C LYS A 9 1.66 -9.96 -0.62
N GLU A 10 2.29 -10.77 0.22
CA GLU A 10 3.01 -10.25 1.38
C GLU A 10 4.35 -9.65 0.97
N ASP A 11 4.96 -10.19 -0.09
CA ASP A 11 6.26 -9.71 -0.56
C ASP A 11 6.20 -8.26 -1.06
N ILE A 12 5.27 -7.98 -1.95
CA ILE A 12 5.08 -6.63 -2.47
C ILE A 12 4.63 -5.74 -1.32
N ARG A 13 3.72 -6.26 -0.51
CA ARG A 13 3.24 -5.54 0.65
C ARG A 13 4.42 -5.24 1.56
N GLY A 14 5.45 -6.07 1.47
CA GLY A 14 6.63 -5.86 2.28
C GLY A 14 7.32 -4.58 1.85
N GLN A 15 7.43 -4.43 0.54
CA GLN A 15 8.02 -3.23 -0.04
C GLN A 15 7.16 -2.02 0.28
N ILE A 16 5.85 -2.27 0.43
CA ILE A 16 4.89 -1.21 0.73
C ILE A 16 4.98 -0.76 2.18
N ILE A 17 5.04 -1.71 3.11
CA ILE A 17 5.13 -1.38 4.53
C ILE A 17 6.33 -0.46 4.78
N GLY A 18 7.51 -0.89 4.33
CA GLY A 18 8.69 -0.08 4.49
C GLY A 18 8.54 1.24 3.75
N ALA A 19 7.86 1.17 2.62
CA ALA A 19 7.62 2.34 1.78
C ALA A 19 6.71 3.34 2.49
N LEU A 20 5.91 2.85 3.43
CA LEU A 20 4.99 3.69 4.19
C LEU A 20 5.71 4.35 5.36
N ALA A 21 6.73 3.66 5.86
CA ALA A 21 7.51 4.19 6.98
C ALA A 21 8.18 5.51 6.59
N GLY A 22 7.80 6.57 7.29
CA GLY A 22 8.36 7.87 7.00
C GLY A 22 7.32 8.98 7.02
N ALA A 23 6.11 8.66 6.55
CA ALA A 23 5.02 9.62 6.51
C ALA A 23 4.79 10.25 7.87
N ASP A 24 3.71 11.03 7.96
CA ASP A 24 3.32 11.66 9.21
C ASP A 24 3.02 10.55 10.23
N PHE A 25 1.80 10.48 10.75
CA PHE A 25 1.48 9.39 11.66
C PHE A 25 1.66 8.10 10.88
N PRO A 26 1.42 6.93 11.48
CA PRO A 26 1.58 5.68 10.76
C PRO A 26 0.57 5.53 9.62
N ILE A 27 0.68 6.39 8.58
CA ILE A 27 -0.19 6.36 7.38
C ILE A 27 -1.20 7.51 7.28
N ASN A 28 -0.71 8.74 7.19
CA ASN A 28 -1.58 9.92 7.05
C ASN A 28 -2.34 9.91 5.74
N SER A 29 -3.23 8.95 5.56
CA SER A 29 -3.99 8.84 4.33
C SER A 29 -3.03 8.72 3.16
N PRO A 30 -3.47 8.14 2.06
CA PRO A 30 -2.62 7.96 0.90
C PRO A 30 -1.89 9.24 0.51
N GLU A 31 -2.51 10.39 0.72
CA GLU A 31 -1.87 11.64 0.39
C GLU A 31 -0.48 11.72 1.04
N GLU A 32 -0.46 11.59 2.36
CA GLU A 32 0.77 11.67 3.12
C GLU A 32 1.60 10.40 3.03
N LEU A 33 1.02 9.27 3.42
CA LEU A 33 1.74 8.01 3.40
C LEU A 33 2.40 7.82 2.04
N MET A 34 1.66 8.17 0.98
CA MET A 34 2.19 8.10 -0.36
C MET A 34 3.30 9.14 -0.49
N ALA A 35 3.14 10.26 0.23
CA ALA A 35 4.14 11.31 0.20
C ALA A 35 5.45 10.83 0.83
N ALA A 36 5.32 9.92 1.80
CA ALA A 36 6.47 9.37 2.50
C ALA A 36 7.31 8.46 1.61
N LEU A 37 6.65 7.64 0.81
CA LEU A 37 7.34 6.68 -0.07
C LEU A 37 8.73 7.19 -0.48
N PRO A 38 9.76 6.35 -0.26
CA PRO A 38 11.17 6.69 -0.56
C PRO A 38 11.40 7.16 -1.99
N ASN A 39 10.60 6.67 -2.92
CA ASN A 39 10.76 7.02 -4.32
C ASN A 39 10.31 8.45 -4.63
N GLY A 40 9.38 8.96 -3.84
CA GLY A 40 8.88 10.31 -4.06
C GLY A 40 7.54 10.31 -4.79
N PRO A 41 7.53 10.05 -6.11
CA PRO A 41 6.29 10.00 -6.89
C PRO A 41 5.60 8.64 -6.76
N ASP A 42 5.39 8.23 -5.51
CA ASP A 42 4.75 6.97 -5.19
C ASP A 42 5.37 5.80 -5.92
N THR A 43 6.29 5.14 -5.23
CA THR A 43 6.99 3.97 -5.77
C THR A 43 6.00 2.86 -6.12
N THR A 44 6.20 2.24 -7.28
CA THR A 44 5.33 1.16 -7.71
C THR A 44 6.00 -0.19 -7.51
N CYS A 45 5.78 -0.79 -6.35
CA CYS A 45 6.37 -2.09 -6.02
C CYS A 45 5.74 -3.20 -6.86
N LYS A 46 5.82 -3.06 -8.18
CA LYS A 46 5.25 -4.04 -9.09
C LYS A 46 6.12 -5.29 -9.16
N SER A 47 5.48 -6.45 -9.00
CA SER A 47 6.18 -7.73 -9.04
C SER A 47 6.40 -8.20 -10.48
N GLY A 48 7.50 -7.77 -11.08
CA GLY A 48 7.82 -8.16 -12.44
C GLY A 48 6.87 -7.57 -13.47
N ASP A 49 5.58 -7.84 -13.31
CA ASP A 49 4.57 -7.33 -14.23
C ASP A 49 3.41 -6.70 -13.47
N VAL A 50 2.93 -7.40 -12.44
CA VAL A 50 1.84 -6.90 -11.63
C VAL A 50 2.28 -5.66 -10.83
N GLU A 51 1.48 -4.60 -10.89
CA GLU A 51 1.81 -3.37 -10.18
C GLU A 51 0.80 -3.07 -9.08
N LEU A 52 1.32 -2.72 -7.90
CA LEU A 52 0.48 -2.39 -6.75
C LEU A 52 1.11 -1.29 -5.92
N LYS A 53 0.30 -0.32 -5.51
CA LYS A 53 0.78 0.80 -4.71
C LYS A 53 -0.38 1.65 -4.21
N ALA A 54 -0.05 2.74 -3.52
CA ALA A 54 -1.06 3.64 -2.98
C ALA A 54 -1.84 4.36 -4.07
N SER A 55 -1.14 4.81 -5.10
CA SER A 55 -1.78 5.54 -6.20
C SER A 55 -2.77 4.67 -6.96
N ASP A 56 -2.31 3.53 -7.47
CA ASP A 56 -3.18 2.62 -8.22
C ASP A 56 -4.18 1.90 -7.33
N ALA A 57 -3.70 1.39 -6.19
CA ALA A 57 -4.57 0.64 -5.27
C ALA A 57 -5.22 1.54 -4.23
N GLY A 58 -4.42 2.38 -3.57
CA GLY A 58 -4.94 3.27 -2.54
C GLY A 58 -6.23 3.96 -2.95
N GLN A 59 -6.41 4.19 -4.25
CA GLN A 59 -7.60 4.85 -4.77
C GLN A 59 -8.87 4.36 -4.09
N VAL A 60 -8.88 3.07 -3.77
CA VAL A 60 -10.03 2.44 -3.14
C VAL A 60 -10.28 3.00 -1.74
N LEU A 61 -9.21 3.36 -1.04
CA LEU A 61 -9.34 3.90 0.31
C LEU A 61 -10.09 5.23 0.29
N THR A 62 -11.16 5.30 1.07
CA THR A 62 -11.98 6.51 1.14
C THR A 62 -11.30 7.60 1.96
N ALA A 63 -11.66 8.86 1.70
CA ALA A 63 -11.08 9.99 2.41
C ALA A 63 -11.15 9.79 3.92
N ASP A 64 -12.28 9.27 4.41
CA ASP A 64 -12.46 9.03 5.83
C ASP A 64 -11.37 8.11 6.37
N ASP A 65 -10.75 7.34 5.48
CA ASP A 65 -9.71 6.40 5.86
C ASP A 65 -8.42 7.09 6.32
N PHE A 66 -8.42 8.42 6.38
CA PHE A 66 -7.22 9.16 6.80
C PHE A 66 -6.53 8.47 7.98
N PRO A 67 -7.17 8.44 9.16
CA PRO A 67 -6.61 7.79 10.35
C PRO A 67 -6.56 6.28 10.21
N PHE A 68 -5.62 5.80 9.40
CA PHE A 68 -5.47 4.36 9.17
C PHE A 68 -4.78 3.69 10.36
N LYS A 69 -5.22 2.47 10.66
CA LYS A 69 -4.64 1.69 11.76
C LYS A 69 -3.21 1.28 11.42
N SER A 70 -2.32 2.27 11.41
CA SER A 70 -0.92 2.03 11.12
C SER A 70 -0.72 1.40 9.74
N ALA A 71 0.50 1.53 9.23
CA ALA A 71 0.87 0.99 7.92
C ALA A 71 0.49 -0.48 7.79
N GLU A 72 0.43 -1.18 8.91
CA GLU A 72 0.09 -2.60 8.90
C GLU A 72 -1.30 -2.82 8.29
N GLU A 73 -2.30 -2.05 8.73
CA GLU A 73 -3.65 -2.23 8.20
C GLU A 73 -3.75 -1.68 6.79
N VAL A 74 -3.05 -0.60 6.53
CA VAL A 74 -3.07 0.01 5.20
C VAL A 74 -2.50 -0.96 4.17
N ALA A 75 -1.49 -1.72 4.58
CA ALA A 75 -0.86 -2.68 3.69
C ALA A 75 -1.83 -3.80 3.32
N ASP A 76 -2.35 -4.49 4.33
CA ASP A 76 -3.28 -5.59 4.11
C ASP A 76 -4.58 -5.12 3.47
N THR A 77 -5.07 -3.99 3.95
CA THR A 77 -6.32 -3.42 3.44
C THR A 77 -6.27 -3.20 1.93
N ILE A 78 -5.20 -2.60 1.44
CA ILE A 78 -5.06 -2.33 0.02
C ILE A 78 -4.98 -3.61 -0.81
N VAL A 79 -4.10 -4.54 -0.42
CA VAL A 79 -3.97 -5.80 -1.15
C VAL A 79 -5.33 -6.48 -1.35
N ASN A 80 -6.19 -6.40 -0.33
CA ASN A 80 -7.51 -7.01 -0.41
C ASN A 80 -8.35 -6.35 -1.50
N LYS A 81 -8.44 -5.02 -1.45
CA LYS A 81 -9.23 -4.27 -2.42
C LYS A 81 -8.57 -4.28 -3.80
N ALA A 82 -7.26 -4.12 -3.83
CA ALA A 82 -6.51 -4.10 -5.08
C ALA A 82 -6.53 -5.45 -5.79
N GLY A 83 -6.61 -6.53 -5.02
CA GLY A 83 -6.64 -7.85 -5.61
C GLY A 83 -6.05 -8.92 -4.71
N LEU A 84 -4.83 -8.68 -4.26
CA LEU A 84 -4.13 -9.61 -3.39
C LEU A 84 -4.79 -9.69 -2.02
N GLY A 1 -4.47 -26.95 8.28
CA GLY A 1 -4.99 -25.79 7.51
C GLY A 1 -3.92 -24.75 7.22
N SER A 2 -3.88 -24.29 5.97
CA SER A 2 -2.90 -23.28 5.56
C SER A 2 -3.10 -22.89 4.11
N HIS A 3 -3.32 -23.88 3.25
CA HIS A 3 -3.52 -23.63 1.83
C HIS A 3 -4.73 -22.73 1.60
N MET A 4 -4.54 -21.69 0.79
CA MET A 4 -5.61 -20.75 0.48
C MET A 4 -5.10 -19.65 -0.45
N LYS A 5 -3.94 -19.11 -0.12
CA LYS A 5 -3.33 -18.05 -0.93
C LYS A 5 -1.99 -17.64 -0.34
N MET A 6 -0.93 -17.78 -1.13
CA MET A 6 0.42 -17.43 -0.69
C MET A 6 1.29 -17.02 -1.87
N GLY A 7 2.02 -15.94 -1.71
CA GLY A 7 2.89 -15.46 -2.76
C GLY A 7 3.49 -14.10 -2.45
N VAL A 8 3.57 -13.25 -3.47
CA VAL A 8 4.12 -11.91 -3.31
C VAL A 8 3.11 -10.97 -2.65
N LYS A 9 1.89 -11.44 -2.40
CA LYS A 9 0.89 -10.57 -1.80
C LYS A 9 1.54 -9.82 -0.63
N GLU A 10 2.15 -10.59 0.26
CA GLU A 10 2.86 -10.01 1.39
C GLU A 10 4.23 -9.46 0.98
N ASP A 11 4.80 -10.01 -0.10
CA ASP A 11 6.13 -9.58 -0.57
C ASP A 11 6.10 -8.14 -1.11
N ILE A 12 5.20 -7.88 -2.05
CA ILE A 12 5.03 -6.55 -2.62
C ILE A 12 4.56 -5.62 -1.51
N ARG A 13 3.60 -6.11 -0.73
CA ARG A 13 3.08 -5.36 0.39
C ARG A 13 4.22 -5.08 1.35
N GLY A 14 5.23 -5.94 1.34
CA GLY A 14 6.38 -5.75 2.18
C GLY A 14 7.08 -4.48 1.78
N GLN A 15 7.19 -4.29 0.47
CA GLN A 15 7.77 -3.10 -0.09
C GLN A 15 6.91 -1.89 0.27
N ILE A 16 5.62 -2.14 0.46
CA ILE A 16 4.66 -1.10 0.81
C ILE A 16 4.81 -0.66 2.26
N ILE A 17 4.94 -1.63 3.16
CA ILE A 17 5.09 -1.34 4.58
C ILE A 17 6.29 -0.44 4.82
N GLY A 18 7.45 -0.86 4.34
CA GLY A 18 8.65 -0.05 4.50
C GLY A 18 8.52 1.26 3.77
N ALA A 19 7.86 1.21 2.62
CA ALA A 19 7.63 2.38 1.79
C ALA A 19 6.72 3.39 2.49
N LEU A 20 5.91 2.90 3.42
CA LEU A 20 4.99 3.74 4.18
C LEU A 20 5.68 4.38 5.36
N ALA A 21 6.69 3.68 5.88
CA ALA A 21 7.43 4.19 7.03
C ALA A 21 8.04 5.55 6.73
N GLY A 22 7.74 6.53 7.56
CA GLY A 22 8.27 7.87 7.36
C GLY A 22 7.20 8.94 7.35
N ALA A 23 6.03 8.59 6.82
CA ALA A 23 4.91 9.54 6.74
C ALA A 23 4.60 10.17 8.08
N ASP A 24 3.53 10.96 8.12
CA ASP A 24 3.09 11.59 9.36
C ASP A 24 2.75 10.48 10.36
N PHE A 25 1.49 10.40 10.82
CA PHE A 25 1.14 9.30 11.70
C PHE A 25 1.41 8.02 10.92
N PRO A 26 1.18 6.84 11.49
CA PRO A 26 1.42 5.61 10.75
C PRO A 26 0.45 5.46 9.57
N ILE A 27 0.58 6.35 8.55
CA ILE A 27 -0.24 6.33 7.31
C ILE A 27 -1.27 7.47 7.19
N ASN A 28 -0.79 8.70 7.17
CA ASN A 28 -1.68 9.87 7.02
C ASN A 28 -2.42 9.87 5.69
N SER A 29 -3.29 8.90 5.49
CA SER A 29 -4.02 8.80 4.24
C SER A 29 -3.03 8.70 3.10
N PRO A 30 -3.43 8.13 1.97
CA PRO A 30 -2.53 7.97 0.84
C PRO A 30 -1.80 9.25 0.48
N GLU A 31 -2.44 10.39 0.67
CA GLU A 31 -1.80 11.67 0.36
C GLU A 31 -0.45 11.77 1.06
N GLU A 32 -0.47 11.65 2.38
CA GLU A 32 0.72 11.75 3.19
C GLU A 32 1.60 10.50 3.10
N LEU A 33 1.03 9.35 3.42
CA LEU A 33 1.80 8.11 3.40
C LEU A 33 2.54 8.01 2.06
N MET A 34 1.85 8.35 0.97
CA MET A 34 2.49 8.36 -0.34
C MET A 34 3.57 9.43 -0.34
N ALA A 35 3.32 10.51 0.41
CA ALA A 35 4.29 11.59 0.51
C ALA A 35 5.57 11.11 1.20
N ALA A 36 5.41 10.12 2.07
CA ALA A 36 6.53 9.57 2.83
C ALA A 36 7.44 8.68 1.98
N LEU A 37 6.83 7.90 1.09
CA LEU A 37 7.59 6.97 0.25
C LEU A 37 8.97 7.53 -0.12
N PRO A 38 10.02 6.69 0.05
CA PRO A 38 11.43 7.08 -0.20
C PRO A 38 11.70 7.67 -1.59
N ASN A 39 11.01 7.19 -2.60
CA ASN A 39 11.24 7.67 -3.96
C ASN A 39 10.72 9.09 -4.17
N GLY A 40 9.70 9.47 -3.41
CA GLY A 40 9.12 10.79 -3.54
C GLY A 40 7.78 10.77 -4.26
N PRO A 41 7.77 10.48 -5.58
CA PRO A 41 6.53 10.43 -6.37
C PRO A 41 5.77 9.10 -6.22
N ASP A 42 5.78 8.57 -5.00
CA ASP A 42 5.08 7.32 -4.69
C ASP A 42 5.64 6.14 -5.48
N THR A 43 6.57 5.42 -4.86
CA THR A 43 7.22 4.27 -5.47
C THR A 43 6.24 3.14 -5.76
N THR A 44 6.38 2.52 -6.92
CA THR A 44 5.53 1.41 -7.32
C THR A 44 6.16 0.08 -6.94
N CYS A 45 5.46 -0.73 -6.15
CA CYS A 45 5.97 -2.03 -5.74
C CYS A 45 5.54 -3.12 -6.72
N LYS A 46 5.69 -2.83 -8.02
CA LYS A 46 5.32 -3.77 -9.06
C LYS A 46 6.34 -4.89 -9.19
N SER A 47 5.90 -6.03 -9.70
CA SER A 47 6.78 -7.18 -9.87
C SER A 47 6.36 -8.05 -11.04
N GLY A 48 7.31 -8.35 -11.93
CA GLY A 48 7.02 -9.19 -13.10
C GLY A 48 6.13 -8.48 -14.11
N ASP A 49 4.98 -7.99 -13.65
CA ASP A 49 4.04 -7.31 -14.53
C ASP A 49 2.98 -6.58 -13.70
N VAL A 50 2.52 -7.25 -12.66
CA VAL A 50 1.52 -6.68 -11.76
C VAL A 50 2.09 -5.48 -11.00
N GLU A 51 1.37 -4.37 -11.00
CA GLU A 51 1.83 -3.17 -10.31
C GLU A 51 0.89 -2.80 -9.16
N LEU A 52 1.46 -2.53 -8.00
CA LEU A 52 0.68 -2.17 -6.81
C LEU A 52 1.33 -1.02 -6.06
N LYS A 53 0.51 -0.09 -5.58
CA LYS A 53 0.99 1.05 -4.83
C LYS A 53 -0.16 1.94 -4.38
N ALA A 54 0.08 2.72 -3.34
CA ALA A 54 -0.93 3.62 -2.79
C ALA A 54 -1.62 4.43 -3.88
N SER A 55 -0.91 4.68 -4.98
CA SER A 55 -1.48 5.45 -6.07
C SER A 55 -2.54 4.68 -6.84
N ASP A 56 -2.15 3.55 -7.43
CA ASP A 56 -3.07 2.72 -8.20
C ASP A 56 -4.06 1.97 -7.30
N ALA A 57 -3.54 1.23 -6.33
CA ALA A 57 -4.40 0.45 -5.43
C ALA A 57 -5.11 1.35 -4.43
N GLY A 58 -4.38 2.30 -3.86
CA GLY A 58 -4.97 3.20 -2.88
C GLY A 58 -6.30 3.79 -3.32
N GLN A 59 -6.53 3.83 -4.63
CA GLN A 59 -7.77 4.38 -5.19
C GLN A 59 -8.99 3.97 -4.37
N VAL A 60 -8.99 2.72 -3.94
CA VAL A 60 -10.10 2.17 -3.17
C VAL A 60 -10.24 2.83 -1.80
N LEU A 61 -9.12 3.27 -1.23
CA LEU A 61 -9.15 3.92 0.08
C LEU A 61 -9.76 5.31 -0.03
N THR A 62 -10.92 5.49 0.59
CA THR A 62 -11.61 6.77 0.57
C THR A 62 -11.02 7.75 1.58
N ALA A 63 -11.25 9.04 1.34
CA ALA A 63 -10.73 10.09 2.23
C ALA A 63 -10.99 9.74 3.69
N ASP A 64 -12.16 9.20 3.98
CA ASP A 64 -12.52 8.82 5.33
C ASP A 64 -11.46 7.91 5.94
N ASP A 65 -10.74 7.19 5.08
CA ASP A 65 -9.69 6.28 5.52
C ASP A 65 -8.46 7.03 6.03
N PHE A 66 -8.52 8.36 6.09
CA PHE A 66 -7.38 9.15 6.55
C PHE A 66 -6.67 8.47 7.72
N PRO A 67 -7.35 8.33 8.87
CA PRO A 67 -6.76 7.67 10.04
C PRO A 67 -6.64 6.17 9.83
N PHE A 68 -5.59 5.78 9.11
CA PHE A 68 -5.36 4.37 8.81
C PHE A 68 -4.77 3.64 10.01
N LYS A 69 -5.23 2.42 10.22
CA LYS A 69 -4.76 1.58 11.30
C LYS A 69 -3.30 1.17 11.11
N SER A 70 -2.42 2.16 11.09
CA SER A 70 -1.00 1.93 10.92
C SER A 70 -0.66 1.33 9.56
N ALA A 71 0.62 1.44 9.20
CA ALA A 71 1.12 0.93 7.92
C ALA A 71 0.74 -0.53 7.72
N GLU A 72 0.57 -1.27 8.81
CA GLU A 72 0.19 -2.67 8.72
C GLU A 72 -1.21 -2.78 8.14
N GLU A 73 -2.08 -1.86 8.55
CA GLU A 73 -3.43 -1.83 8.06
C GLU A 73 -3.45 -1.57 6.57
N VAL A 74 -2.63 -0.63 6.14
CA VAL A 74 -2.55 -0.28 4.73
C VAL A 74 -2.20 -1.50 3.89
N ALA A 75 -1.20 -2.24 4.33
CA ALA A 75 -0.76 -3.44 3.61
C ALA A 75 -1.92 -4.39 3.37
N ASP A 76 -2.60 -4.77 4.44
CA ASP A 76 -3.73 -5.69 4.34
C ASP A 76 -4.90 -5.08 3.57
N THR A 77 -5.20 -3.83 3.89
CA THR A 77 -6.31 -3.10 3.27
C THR A 77 -6.17 -3.05 1.75
N ILE A 78 -4.99 -2.71 1.27
CA ILE A 78 -4.75 -2.60 -0.16
C ILE A 78 -4.85 -3.96 -0.88
N VAL A 79 -4.12 -4.96 -0.39
CA VAL A 79 -4.15 -6.28 -1.02
C VAL A 79 -5.58 -6.85 -1.10
N ASN A 80 -6.35 -6.68 -0.03
CA ASN A 80 -7.72 -7.19 0.01
C ASN A 80 -8.61 -6.52 -1.04
N LYS A 81 -8.65 -5.19 -1.00
CA LYS A 81 -9.50 -4.42 -1.92
C LYS A 81 -8.91 -4.38 -3.33
N ALA A 82 -7.60 -4.20 -3.42
CA ALA A 82 -6.93 -4.10 -4.72
C ALA A 82 -6.98 -5.41 -5.51
N GLY A 83 -7.01 -6.54 -4.80
CA GLY A 83 -7.06 -7.81 -5.50
C GLY A 83 -6.45 -8.96 -4.71
N LEU A 84 -5.21 -8.74 -4.27
CA LEU A 84 -4.48 -9.74 -3.52
C LEU A 84 -5.14 -10.04 -2.18
N GLY A 1 -14.06 -23.18 -2.13
CA GLY A 1 -14.05 -22.68 -0.73
C GLY A 1 -13.28 -21.36 -0.58
N SER A 2 -12.13 -21.28 -1.22
CA SER A 2 -11.31 -20.08 -1.16
C SER A 2 -10.21 -20.12 -2.23
N HIS A 3 -9.99 -18.99 -2.89
CA HIS A 3 -8.97 -18.90 -3.93
C HIS A 3 -7.58 -19.22 -3.39
N MET A 4 -7.34 -18.90 -2.12
CA MET A 4 -6.04 -19.16 -1.49
C MET A 4 -4.94 -18.35 -2.19
N LYS A 5 -3.99 -17.88 -1.41
CA LYS A 5 -2.87 -17.09 -1.95
C LYS A 5 -1.75 -16.96 -0.93
N MET A 6 -0.51 -17.09 -1.40
CA MET A 6 0.65 -16.98 -0.54
C MET A 6 1.89 -16.67 -1.37
N GLY A 7 1.69 -15.91 -2.45
CA GLY A 7 2.79 -15.54 -3.31
C GLY A 7 3.43 -14.24 -2.86
N VAL A 8 3.46 -13.27 -3.76
CA VAL A 8 4.04 -11.96 -3.46
C VAL A 8 3.10 -11.12 -2.63
N LYS A 9 1.88 -11.59 -2.37
CA LYS A 9 0.94 -10.80 -1.59
C LYS A 9 1.67 -10.21 -0.38
N GLU A 10 2.41 -11.07 0.30
CA GLU A 10 3.20 -10.64 1.44
C GLU A 10 4.48 -9.94 0.99
N ASP A 11 5.03 -10.37 -0.15
CA ASP A 11 6.28 -9.78 -0.68
C ASP A 11 6.11 -8.30 -1.06
N ILE A 12 5.11 -8.00 -1.86
CA ILE A 12 4.83 -6.63 -2.26
C ILE A 12 4.40 -5.84 -1.05
N ARG A 13 3.47 -6.43 -0.27
CA ARG A 13 3.01 -5.79 0.95
C ARG A 13 4.20 -5.47 1.84
N GLY A 14 5.24 -6.29 1.71
CA GLY A 14 6.44 -6.08 2.48
C GLY A 14 7.07 -4.76 2.08
N GLN A 15 7.12 -4.54 0.78
CA GLN A 15 7.64 -3.32 0.22
C GLN A 15 6.71 -2.16 0.56
N ILE A 16 5.43 -2.47 0.73
CA ILE A 16 4.42 -1.46 1.07
C ILE A 16 4.62 -0.98 2.50
N ILE A 17 4.89 -1.92 3.41
CA ILE A 17 5.11 -1.58 4.80
C ILE A 17 6.29 -0.62 4.92
N GLY A 18 7.40 -0.96 4.26
CA GLY A 18 8.56 -0.09 4.27
C GLY A 18 8.27 1.21 3.56
N ALA A 19 7.52 1.11 2.47
CA ALA A 19 7.14 2.28 1.68
C ALA A 19 6.32 3.26 2.52
N LEU A 20 5.53 2.70 3.43
CA LEU A 20 4.69 3.49 4.32
C LEU A 20 5.47 3.97 5.53
N ALA A 21 6.48 3.19 5.91
CA ALA A 21 7.32 3.50 7.06
C ALA A 21 8.16 4.77 6.85
N GLY A 22 7.48 5.90 6.65
CA GLY A 22 8.19 7.15 6.45
C GLY A 22 7.26 8.33 6.22
N ALA A 23 6.07 8.27 6.82
CA ALA A 23 5.09 9.35 6.67
C ALA A 23 4.85 10.04 7.99
N ASP A 24 3.82 10.86 8.03
CA ASP A 24 3.43 11.57 9.25
C ASP A 24 3.13 10.53 10.32
N PHE A 25 1.90 10.48 10.85
CA PHE A 25 1.58 9.45 11.82
C PHE A 25 1.74 8.12 11.10
N PRO A 26 1.35 6.98 11.66
CA PRO A 26 1.49 5.73 10.94
C PRO A 26 0.49 5.62 9.76
N ILE A 27 0.64 6.53 8.75
CA ILE A 27 -0.21 6.53 7.53
C ILE A 27 -1.21 7.71 7.42
N ASN A 28 -0.72 8.94 7.29
CA ASN A 28 -1.60 10.11 7.14
C ASN A 28 -2.39 10.05 5.84
N SER A 29 -3.27 9.08 5.69
CA SER A 29 -4.04 8.95 4.47
C SER A 29 -3.09 8.80 3.29
N PRO A 30 -3.55 8.26 2.17
CA PRO A 30 -2.70 8.08 1.02
C PRO A 30 -1.93 9.34 0.64
N GLU A 31 -2.52 10.50 0.85
CA GLU A 31 -1.84 11.74 0.51
C GLU A 31 -0.44 11.77 1.14
N GLU A 32 -0.39 11.63 2.46
CA GLU A 32 0.88 11.65 3.18
C GLU A 32 1.67 10.38 3.04
N LEU A 33 1.09 9.25 3.43
CA LEU A 33 1.78 7.98 3.36
C LEU A 33 2.37 7.80 1.97
N MET A 34 1.60 8.21 0.97
CA MET A 34 2.06 8.16 -0.41
C MET A 34 3.25 9.08 -0.55
N ALA A 35 3.20 10.21 0.18
CA ALA A 35 4.31 11.16 0.14
C ALA A 35 5.55 10.55 0.77
N ALA A 36 5.33 9.68 1.76
CA ALA A 36 6.42 9.02 2.46
C ALA A 36 7.20 8.09 1.56
N LEU A 37 6.48 7.40 0.67
CA LEU A 37 7.09 6.46 -0.26
C LEU A 37 8.43 6.97 -0.82
N PRO A 38 9.46 6.12 -0.84
CA PRO A 38 10.81 6.48 -1.32
C PRO A 38 10.78 7.22 -2.66
N ASN A 39 9.77 6.92 -3.48
CA ASN A 39 9.64 7.56 -4.78
C ASN A 39 9.21 9.01 -4.62
N GLY A 40 8.53 9.32 -3.52
CA GLY A 40 8.09 10.68 -3.26
C GLY A 40 6.61 10.91 -3.51
N PRO A 41 6.13 10.78 -4.76
CA PRO A 41 4.73 11.01 -5.11
C PRO A 41 3.84 9.79 -4.88
N ASP A 42 4.37 8.61 -5.19
CA ASP A 42 3.61 7.38 -5.05
C ASP A 42 4.38 6.16 -5.59
N THR A 43 5.43 5.73 -4.90
CA THR A 43 6.20 4.57 -5.36
C THR A 43 5.30 3.34 -5.46
N THR A 44 5.49 2.53 -6.49
CA THR A 44 4.69 1.31 -6.64
C THR A 44 5.56 0.07 -6.52
N CYS A 45 5.18 -0.81 -5.60
CA CYS A 45 5.91 -2.06 -5.39
C CYS A 45 5.57 -3.04 -6.51
N LYS A 46 5.87 -2.64 -7.74
CA LYS A 46 5.58 -3.46 -8.90
C LYS A 46 6.57 -4.61 -9.04
N SER A 47 6.06 -5.76 -9.44
CA SER A 47 6.88 -6.95 -9.62
C SER A 47 6.55 -7.61 -10.96
N GLY A 48 7.58 -7.80 -11.78
CA GLY A 48 7.39 -8.40 -13.08
C GLY A 48 6.57 -7.54 -14.02
N ASP A 49 5.28 -7.40 -13.73
CA ASP A 49 4.39 -6.59 -14.57
C ASP A 49 3.39 -5.81 -13.72
N VAL A 50 2.78 -6.48 -12.74
CA VAL A 50 1.79 -5.84 -11.87
C VAL A 50 2.42 -4.77 -10.98
N GLU A 51 1.80 -3.58 -10.97
CA GLU A 51 2.28 -2.48 -10.16
C GLU A 51 1.27 -2.16 -9.06
N LEU A 52 1.76 -2.00 -7.84
CA LEU A 52 0.92 -1.68 -6.70
C LEU A 52 1.43 -0.46 -5.96
N LYS A 53 0.55 0.49 -5.70
CA LYS A 53 0.92 1.71 -5.01
C LYS A 53 -0.30 2.34 -4.35
N ALA A 54 -0.15 3.59 -3.93
CA ALA A 54 -1.24 4.32 -3.28
C ALA A 54 -2.25 4.83 -4.31
N SER A 55 -1.75 5.35 -5.41
CA SER A 55 -2.63 5.89 -6.46
C SER A 55 -3.44 4.78 -7.13
N ASP A 56 -2.75 3.78 -7.65
CA ASP A 56 -3.41 2.66 -8.32
C ASP A 56 -4.19 1.79 -7.34
N ALA A 57 -3.58 1.48 -6.20
CA ALA A 57 -4.22 0.63 -5.20
C ALA A 57 -4.98 1.44 -4.15
N GLY A 58 -4.31 2.41 -3.56
CA GLY A 58 -4.93 3.24 -2.52
C GLY A 58 -6.24 3.86 -2.96
N GLN A 59 -6.45 4.00 -4.27
CA GLN A 59 -7.68 4.60 -4.79
C GLN A 59 -8.90 4.09 -4.05
N VAL A 60 -8.83 2.84 -3.60
CA VAL A 60 -9.93 2.20 -2.89
C VAL A 60 -9.98 2.61 -1.41
N LEU A 61 -9.49 3.81 -1.09
CA LEU A 61 -9.51 4.30 0.28
C LEU A 61 -10.05 5.73 0.31
N THR A 62 -11.26 5.90 0.84
CA THR A 62 -11.89 7.22 0.92
C THR A 62 -11.17 8.12 1.91
N ALA A 63 -11.33 9.43 1.72
CA ALA A 63 -10.71 10.42 2.59
C ALA A 63 -10.93 10.09 4.06
N ASP A 64 -12.13 9.59 4.37
CA ASP A 64 -12.47 9.21 5.74
C ASP A 64 -11.42 8.27 6.31
N ASP A 65 -10.74 7.54 5.44
CA ASP A 65 -9.70 6.59 5.84
C ASP A 65 -8.43 7.29 6.33
N PHE A 66 -8.44 8.63 6.37
CA PHE A 66 -7.27 9.39 6.80
C PHE A 66 -6.55 8.69 7.95
N PRO A 67 -7.24 8.52 9.10
CA PRO A 67 -6.68 7.85 10.27
C PRO A 67 -6.59 6.34 10.08
N PHE A 68 -5.61 5.90 9.31
CA PHE A 68 -5.42 4.48 9.03
C PHE A 68 -4.79 3.77 10.22
N LYS A 69 -5.23 2.54 10.46
CA LYS A 69 -4.70 1.74 11.56
C LYS A 69 -3.25 1.34 11.27
N SER A 70 -2.38 2.34 11.26
CA SER A 70 -0.96 2.12 11.00
C SER A 70 -0.72 1.50 9.63
N ALA A 71 0.53 1.63 9.16
CA ALA A 71 0.93 1.10 7.87
C ALA A 71 0.55 -0.35 7.71
N GLU A 72 0.51 -1.07 8.82
CA GLU A 72 0.17 -2.49 8.80
C GLU A 72 -1.23 -2.71 8.22
N GLU A 73 -2.22 -1.91 8.65
CA GLU A 73 -3.57 -2.09 8.13
C GLU A 73 -3.62 -1.63 6.68
N VAL A 74 -2.86 -0.60 6.35
CA VAL A 74 -2.82 -0.11 4.98
C VAL A 74 -2.27 -1.17 4.05
N ALA A 75 -1.23 -1.86 4.49
CA ALA A 75 -0.61 -2.92 3.70
C ALA A 75 -1.64 -3.98 3.33
N ASP A 76 -2.37 -4.46 4.33
CA ASP A 76 -3.39 -5.48 4.10
C ASP A 76 -4.55 -4.91 3.28
N THR A 77 -5.02 -3.73 3.67
CA THR A 77 -6.13 -3.07 3.00
C THR A 77 -5.87 -2.89 1.51
N ILE A 78 -4.69 -2.38 1.17
CA ILE A 78 -4.32 -2.15 -0.21
C ILE A 78 -4.30 -3.45 -1.02
N VAL A 79 -3.52 -4.43 -0.55
CA VAL A 79 -3.42 -5.70 -1.23
C VAL A 79 -4.77 -6.41 -1.34
N ASN A 80 -5.58 -6.34 -0.29
CA ASN A 80 -6.89 -6.98 -0.29
C ASN A 80 -7.81 -6.38 -1.36
N LYS A 81 -7.98 -5.06 -1.29
CA LYS A 81 -8.85 -4.35 -2.23
C LYS A 81 -8.24 -4.25 -3.62
N ALA A 82 -6.93 -4.01 -3.68
CA ALA A 82 -6.25 -3.87 -4.96
C ALA A 82 -6.21 -5.17 -5.76
N GLY A 83 -6.20 -6.30 -5.07
CA GLY A 83 -6.16 -7.58 -5.77
C GLY A 83 -5.58 -8.71 -4.94
N LEU A 84 -4.37 -8.50 -4.48
CA LEU A 84 -3.65 -9.49 -3.70
C LEU A 84 -4.35 -9.74 -2.36
N GLY A 1 -8.85 -13.67 -3.74
CA GLY A 1 -10.12 -14.39 -3.44
C GLY A 1 -9.88 -15.85 -3.12
N SER A 2 -9.06 -16.51 -3.92
CA SER A 2 -8.77 -17.93 -3.72
C SER A 2 -8.11 -18.15 -2.36
N HIS A 3 -8.61 -19.14 -1.63
CA HIS A 3 -8.08 -19.46 -0.31
C HIS A 3 -6.66 -20.03 -0.42
N MET A 4 -5.80 -19.61 0.49
CA MET A 4 -4.41 -20.08 0.50
C MET A 4 -3.68 -19.67 -0.77
N LYS A 5 -3.84 -18.41 -1.16
CA LYS A 5 -3.19 -17.89 -2.35
C LYS A 5 -1.67 -17.98 -2.22
N MET A 6 -1.13 -17.25 -1.24
CA MET A 6 0.31 -17.25 -0.99
C MET A 6 1.10 -16.82 -2.21
N GLY A 7 2.05 -15.91 -1.99
CA GLY A 7 2.88 -15.43 -3.06
C GLY A 7 3.54 -14.11 -2.72
N VAL A 8 3.70 -13.26 -3.72
CA VAL A 8 4.30 -11.94 -3.52
C VAL A 8 3.33 -10.99 -2.87
N LYS A 9 2.08 -11.40 -2.70
CA LYS A 9 1.09 -10.50 -2.11
C LYS A 9 1.70 -9.82 -0.90
N GLU A 10 2.25 -10.62 0.00
CA GLU A 10 2.94 -10.10 1.17
C GLU A 10 4.33 -9.57 0.82
N ASP A 11 4.93 -10.09 -0.25
CA ASP A 11 6.28 -9.69 -0.65
C ASP A 11 6.31 -8.24 -1.16
N ILE A 12 5.44 -7.93 -2.12
CA ILE A 12 5.33 -6.58 -2.65
C ILE A 12 4.82 -5.67 -1.55
N ARG A 13 3.83 -6.17 -0.81
CA ARG A 13 3.29 -5.44 0.31
C ARG A 13 4.41 -5.18 1.30
N GLY A 14 5.38 -6.09 1.31
CA GLY A 14 6.52 -5.93 2.19
C GLY A 14 7.26 -4.67 1.84
N GLN A 15 7.43 -4.46 0.54
CA GLN A 15 8.08 -3.27 0.03
C GLN A 15 7.25 -2.05 0.38
N ILE A 16 5.94 -2.26 0.49
CA ILE A 16 4.99 -1.20 0.81
C ILE A 16 5.07 -0.80 2.29
N ILE A 17 5.10 -1.78 3.18
CA ILE A 17 5.18 -1.49 4.61
C ILE A 17 6.41 -0.64 4.91
N GLY A 18 7.56 -1.06 4.41
CA GLY A 18 8.78 -0.29 4.62
C GLY A 18 8.68 1.05 3.94
N ALA A 19 8.03 1.06 2.78
CA ALA A 19 7.84 2.27 1.99
C ALA A 19 6.96 3.27 2.74
N LEU A 20 6.09 2.75 3.59
CA LEU A 20 5.17 3.58 4.38
C LEU A 20 5.85 4.10 5.64
N ALA A 21 6.84 3.35 6.11
CA ALA A 21 7.58 3.71 7.32
C ALA A 21 8.35 5.03 7.17
N GLY A 22 7.61 6.12 6.94
CA GLY A 22 8.25 7.42 6.81
C GLY A 22 7.27 8.51 6.41
N ALA A 23 6.04 8.40 6.92
CA ALA A 23 4.99 9.37 6.61
C ALA A 23 4.73 10.28 7.80
N ASP A 24 3.73 11.16 7.68
CA ASP A 24 3.35 12.04 8.77
C ASP A 24 3.12 11.21 10.01
N PHE A 25 2.07 10.40 9.94
CA PHE A 25 1.75 9.46 11.01
C PHE A 25 1.87 8.08 10.38
N PRO A 26 1.53 6.98 11.08
CA PRO A 26 1.62 5.66 10.46
C PRO A 26 0.58 5.47 9.35
N ILE A 27 0.64 6.34 8.31
CA ILE A 27 -0.26 6.30 7.13
C ILE A 27 -1.26 7.46 7.04
N ASN A 28 -0.76 8.68 6.95
CA ASN A 28 -1.63 9.87 6.83
C ASN A 28 -2.42 9.84 5.52
N SER A 29 -3.31 8.88 5.37
CA SER A 29 -4.09 8.78 4.15
C SER A 29 -3.14 8.63 2.96
N PRO A 30 -3.56 7.96 1.90
CA PRO A 30 -2.70 7.76 0.74
C PRO A 30 -2.00 9.03 0.29
N GLU A 31 -2.64 10.16 0.48
CA GLU A 31 -2.03 11.43 0.09
C GLU A 31 -0.66 11.59 0.77
N GLU A 32 -0.67 11.53 2.08
CA GLU A 32 0.54 11.68 2.85
C GLU A 32 1.42 10.45 2.79
N LEU A 33 0.88 9.30 3.18
CA LEU A 33 1.66 8.07 3.19
C LEU A 33 2.35 7.92 1.83
N MET A 34 1.66 8.32 0.76
CA MET A 34 2.28 8.29 -0.56
C MET A 34 3.45 9.25 -0.56
N ALA A 35 3.28 10.39 0.12
CA ALA A 35 4.35 11.37 0.22
C ALA A 35 5.50 10.79 1.06
N ALA A 36 5.14 9.85 1.92
CA ALA A 36 6.07 9.20 2.83
C ALA A 36 7.13 8.40 2.09
N LEU A 37 6.69 7.55 1.17
CA LEU A 37 7.60 6.69 0.43
C LEU A 37 8.85 7.42 -0.05
N PRO A 38 10.02 6.76 0.05
CA PRO A 38 11.32 7.32 -0.34
C PRO A 38 11.30 7.98 -1.72
N ASN A 39 10.48 7.45 -2.61
CA ASN A 39 10.37 7.97 -3.97
C ASN A 39 9.64 9.31 -4.01
N GLY A 40 8.80 9.55 -3.01
CA GLY A 40 8.04 10.80 -2.96
C GLY A 40 6.58 10.60 -3.32
N PRO A 41 6.26 10.43 -4.62
CA PRO A 41 4.88 10.21 -5.05
C PRO A 41 4.47 8.75 -4.94
N ASP A 42 4.97 8.08 -3.91
CA ASP A 42 4.66 6.67 -3.66
C ASP A 42 5.23 5.77 -4.75
N THR A 43 6.37 5.16 -4.44
CA THR A 43 7.06 4.26 -5.35
C THR A 43 6.25 3.01 -5.65
N THR A 44 6.29 2.56 -6.89
CA THR A 44 5.57 1.36 -7.30
C THR A 44 6.38 0.11 -6.94
N CYS A 45 5.85 -0.71 -6.03
CA CYS A 45 6.53 -1.93 -5.64
C CYS A 45 6.11 -3.09 -6.55
N LYS A 46 6.20 -2.86 -7.85
CA LYS A 46 5.82 -3.87 -8.84
C LYS A 46 6.90 -4.94 -8.94
N SER A 47 6.47 -6.17 -9.24
CA SER A 47 7.39 -7.29 -9.36
C SER A 47 7.03 -8.17 -10.56
N GLY A 48 8.01 -8.42 -11.42
CA GLY A 48 7.79 -9.24 -12.59
C GLY A 48 6.89 -8.58 -13.62
N ASP A 49 5.67 -8.24 -13.21
CA ASP A 49 4.71 -7.60 -14.11
C ASP A 49 3.63 -6.87 -13.30
N VAL A 50 3.16 -7.51 -12.24
CA VAL A 50 2.13 -6.93 -11.39
C VAL A 50 2.66 -5.69 -10.67
N GLU A 51 1.86 -4.62 -10.65
CA GLU A 51 2.26 -3.38 -10.00
C GLU A 51 1.29 -3.03 -8.88
N LEU A 52 1.83 -2.66 -7.72
CA LEU A 52 1.01 -2.28 -6.58
C LEU A 52 1.56 -1.03 -5.92
N LYS A 53 0.65 -0.13 -5.55
CA LYS A 53 1.04 1.13 -4.92
C LYS A 53 -0.19 1.93 -4.51
N ALA A 54 -0.03 2.80 -3.52
CA ALA A 54 -1.13 3.62 -3.02
C ALA A 54 -1.91 4.28 -4.15
N SER A 55 -1.20 4.74 -5.17
CA SER A 55 -1.85 5.40 -6.30
C SER A 55 -2.78 4.46 -7.05
N ASP A 56 -2.27 3.27 -7.39
CA ASP A 56 -3.06 2.28 -8.13
C ASP A 56 -4.14 1.63 -7.25
N ALA A 57 -3.73 1.09 -6.11
CA ALA A 57 -4.66 0.42 -5.21
C ALA A 57 -5.21 1.36 -4.13
N GLY A 58 -4.34 2.15 -3.51
CA GLY A 58 -4.78 3.06 -2.47
C GLY A 58 -6.04 3.83 -2.85
N GLN A 59 -6.22 4.07 -4.14
CA GLN A 59 -7.39 4.79 -4.64
C GLN A 59 -8.68 4.30 -3.98
N VAL A 60 -8.70 3.03 -3.61
CA VAL A 60 -9.86 2.42 -2.99
C VAL A 60 -10.01 2.79 -1.52
N LEU A 61 -9.51 3.97 -1.12
CA LEU A 61 -9.62 4.42 0.26
C LEU A 61 -10.10 5.88 0.30
N THR A 62 -11.26 6.09 0.89
CA THR A 62 -11.85 7.43 0.98
C THR A 62 -11.14 8.30 2.02
N ALA A 63 -11.31 9.61 1.89
CA ALA A 63 -10.70 10.56 2.81
C ALA A 63 -10.99 10.19 4.26
N ASP A 64 -12.19 9.68 4.52
CA ASP A 64 -12.57 9.27 5.86
C ASP A 64 -11.52 8.33 6.45
N ASP A 65 -10.86 7.60 5.56
CA ASP A 65 -9.80 6.66 5.95
C ASP A 65 -8.54 7.40 6.37
N PHE A 66 -8.59 8.73 6.41
CA PHE A 66 -7.42 9.55 6.77
C PHE A 66 -6.64 8.92 7.92
N PRO A 67 -7.32 8.57 9.03
CA PRO A 67 -6.68 7.96 10.19
C PRO A 67 -6.61 6.44 10.08
N PHE A 68 -5.67 5.95 9.27
CA PHE A 68 -5.52 4.52 9.08
C PHE A 68 -4.81 3.85 10.25
N LYS A 69 -5.25 2.63 10.56
CA LYS A 69 -4.69 1.86 11.65
C LYS A 69 -3.25 1.43 11.33
N SER A 70 -2.36 2.40 11.33
CA SER A 70 -0.95 2.16 11.06
C SER A 70 -0.74 1.49 9.70
N ALA A 71 0.51 1.55 9.23
CA ALA A 71 0.89 0.97 7.94
C ALA A 71 0.45 -0.48 7.80
N GLU A 72 0.42 -1.20 8.91
CA GLU A 72 0.02 -2.60 8.90
C GLU A 72 -1.37 -2.79 8.30
N GLU A 73 -2.36 -2.02 8.76
CA GLU A 73 -3.71 -2.17 8.24
C GLU A 73 -3.81 -1.62 6.82
N VAL A 74 -3.08 -0.57 6.54
CA VAL A 74 -3.09 0.05 5.23
C VAL A 74 -2.51 -0.89 4.18
N ALA A 75 -1.49 -1.65 4.57
CA ALA A 75 -0.86 -2.58 3.66
C ALA A 75 -1.83 -3.70 3.27
N ASP A 76 -2.37 -4.39 4.29
CA ASP A 76 -3.31 -5.49 4.07
C ASP A 76 -4.62 -4.99 3.45
N THR A 77 -5.13 -3.90 3.99
CA THR A 77 -6.39 -3.31 3.52
C THR A 77 -6.36 -3.05 2.02
N ILE A 78 -5.29 -2.43 1.54
CA ILE A 78 -5.15 -2.11 0.13
C ILE A 78 -5.11 -3.37 -0.72
N VAL A 79 -4.21 -4.31 -0.40
CA VAL A 79 -4.11 -5.56 -1.16
C VAL A 79 -5.45 -6.28 -1.25
N ASN A 80 -6.22 -6.26 -0.16
CA ASN A 80 -7.52 -6.93 -0.14
C ASN A 80 -8.47 -6.35 -1.19
N LYS A 81 -8.62 -5.04 -1.18
CA LYS A 81 -9.51 -4.36 -2.12
C LYS A 81 -8.94 -4.29 -3.53
N ALA A 82 -7.65 -4.05 -3.64
CA ALA A 82 -7.00 -3.93 -4.95
C ALA A 82 -6.97 -5.24 -5.71
N GLY A 83 -6.94 -6.37 -5.00
CA GLY A 83 -6.92 -7.64 -5.68
C GLY A 83 -6.34 -8.76 -4.85
N LEU A 84 -5.12 -8.55 -4.38
CA LEU A 84 -4.41 -9.55 -3.59
C LEU A 84 -5.12 -9.78 -2.25
N GLY A 1 -11.76 -24.16 3.21
CA GLY A 1 -12.19 -22.79 3.59
C GLY A 1 -11.17 -22.09 4.48
N SER A 2 -9.90 -22.20 4.11
CA SER A 2 -8.82 -21.57 4.87
C SER A 2 -7.52 -21.57 4.07
N HIS A 3 -6.80 -20.45 4.11
CA HIS A 3 -5.55 -20.33 3.39
C HIS A 3 -5.78 -20.44 1.88
N MET A 4 -5.13 -21.41 1.22
CA MET A 4 -5.29 -21.58 -0.22
C MET A 4 -4.85 -20.34 -0.98
N LYS A 5 -3.71 -19.78 -0.58
CA LYS A 5 -3.17 -18.58 -1.22
C LYS A 5 -1.85 -18.18 -0.58
N MET A 6 -0.86 -17.86 -1.41
CA MET A 6 0.45 -17.45 -0.93
C MET A 6 1.37 -17.09 -2.08
N GLY A 7 2.06 -15.96 -1.93
CA GLY A 7 2.97 -15.51 -2.96
C GLY A 7 3.58 -14.16 -2.64
N VAL A 8 3.67 -13.29 -3.64
CA VAL A 8 4.24 -11.96 -3.44
C VAL A 8 3.26 -11.06 -2.72
N LYS A 9 2.04 -11.52 -2.46
CA LYS A 9 1.05 -10.66 -1.80
C LYS A 9 1.73 -9.97 -0.63
N GLU A 10 2.38 -10.76 0.21
CA GLU A 10 3.11 -10.22 1.35
C GLU A 10 4.45 -9.63 0.91
N ASP A 11 5.02 -10.14 -0.19
CA ASP A 11 6.31 -9.66 -0.69
C ASP A 11 6.24 -8.20 -1.17
N ILE A 12 5.28 -7.92 -2.05
CA ILE A 12 5.07 -6.58 -2.56
C ILE A 12 4.61 -5.70 -1.41
N ARG A 13 3.71 -6.24 -0.59
CA ARG A 13 3.23 -5.52 0.58
C ARG A 13 4.40 -5.23 1.49
N GLY A 14 5.44 -6.06 1.40
CA GLY A 14 6.62 -5.85 2.20
C GLY A 14 7.31 -4.57 1.79
N GLN A 15 7.43 -4.40 0.48
CA GLN A 15 8.02 -3.22 -0.10
C GLN A 15 7.16 -2.00 0.23
N ILE A 16 5.86 -2.23 0.34
CA ILE A 16 4.89 -1.19 0.64
C ILE A 16 4.96 -0.75 2.10
N ILE A 17 5.02 -1.71 3.01
CA ILE A 17 5.09 -1.39 4.44
C ILE A 17 6.28 -0.48 4.72
N GLY A 18 7.46 -0.89 4.27
CA GLY A 18 8.64 -0.07 4.46
C GLY A 18 8.48 1.26 3.75
N ALA A 19 7.78 1.21 2.61
CA ALA A 19 7.52 2.39 1.81
C ALA A 19 6.61 3.37 2.56
N LEU A 20 5.79 2.84 3.46
CA LEU A 20 4.86 3.64 4.24
C LEU A 20 5.60 4.31 5.41
N ALA A 21 6.64 3.64 5.88
CA ALA A 21 7.43 4.16 6.98
C ALA A 21 8.03 5.52 6.64
N GLY A 22 7.93 6.47 7.58
CA GLY A 22 8.46 7.80 7.35
C GLY A 22 7.38 8.86 7.29
N ALA A 23 6.21 8.49 6.79
CA ALA A 23 5.09 9.42 6.67
C ALA A 23 4.80 10.13 7.98
N ASP A 24 3.72 10.90 7.98
CA ASP A 24 3.28 11.60 9.17
C ASP A 24 2.98 10.58 10.26
N PHE A 25 1.76 10.51 10.78
CA PHE A 25 1.45 9.48 11.76
C PHE A 25 1.65 8.15 11.05
N PRO A 26 1.26 7.00 11.62
CA PRO A 26 1.43 5.75 10.92
C PRO A 26 0.46 5.61 9.72
N ILE A 27 0.58 6.53 8.73
CA ILE A 27 -0.25 6.51 7.49
C ILE A 27 -1.28 7.65 7.36
N ASN A 28 -0.82 8.90 7.24
CA ASN A 28 -1.74 10.04 7.07
C ASN A 28 -2.46 9.97 5.73
N SER A 29 -3.33 8.98 5.56
CA SER A 29 -4.05 8.83 4.31
C SER A 29 -3.05 8.65 3.18
N PRO A 30 -3.45 8.04 2.06
CA PRO A 30 -2.56 7.81 0.95
C PRO A 30 -1.81 9.07 0.54
N GLU A 31 -2.43 10.23 0.67
CA GLU A 31 -1.78 11.47 0.31
C GLU A 31 -0.43 11.60 1.02
N GLU A 32 -0.46 11.49 2.34
CA GLU A 32 0.75 11.60 3.14
C GLU A 32 1.62 10.37 3.08
N LEU A 33 1.07 9.22 3.44
CA LEU A 33 1.84 7.98 3.44
C LEU A 33 2.54 7.84 2.09
N MET A 34 1.84 8.20 1.02
CA MET A 34 2.44 8.18 -0.30
C MET A 34 3.53 9.24 -0.36
N ALA A 35 3.32 10.35 0.36
CA ALA A 35 4.31 11.41 0.39
C ALA A 35 5.59 10.93 1.08
N ALA A 36 5.42 9.99 1.99
CA ALA A 36 6.53 9.43 2.76
C ALA A 36 7.45 8.56 1.92
N LEU A 37 6.87 7.67 1.13
CA LEU A 37 7.66 6.75 0.30
C LEU A 37 8.96 7.39 -0.19
N PRO A 38 10.05 6.60 -0.18
CA PRO A 38 11.40 7.05 -0.58
C PRO A 38 11.44 7.81 -1.90
N ASN A 39 10.72 7.34 -2.90
CA ASN A 39 10.71 7.98 -4.22
C ASN A 39 9.95 9.30 -4.21
N GLY A 40 8.98 9.42 -3.31
CA GLY A 40 8.17 10.62 -3.25
C GLY A 40 6.78 10.41 -3.85
N PRO A 41 6.66 10.25 -5.18
CA PRO A 41 5.37 10.03 -5.84
C PRO A 41 4.90 8.58 -5.75
N ASP A 42 4.93 8.04 -4.54
CA ASP A 42 4.53 6.67 -4.25
C ASP A 42 5.14 5.64 -5.19
N THR A 43 6.30 5.12 -4.77
CA THR A 43 7.02 4.12 -5.53
C THR A 43 6.15 2.89 -5.80
N THR A 44 6.17 2.42 -7.03
CA THR A 44 5.37 1.26 -7.41
C THR A 44 6.08 -0.04 -7.03
N CYS A 45 5.44 -0.82 -6.16
CA CYS A 45 6.01 -2.10 -5.75
C CYS A 45 5.48 -3.21 -6.64
N LYS A 46 5.47 -2.93 -7.94
CA LYS A 46 4.98 -3.87 -8.94
C LYS A 46 5.97 -4.99 -9.20
N SER A 47 5.44 -6.18 -9.43
CA SER A 47 6.27 -7.35 -9.72
C SER A 47 5.68 -8.10 -10.92
N GLY A 48 6.48 -8.27 -11.96
CA GLY A 48 6.01 -8.95 -13.14
C GLY A 48 4.94 -8.16 -13.87
N ASP A 49 3.85 -8.85 -14.23
CA ASP A 49 2.75 -8.21 -14.94
C ASP A 49 1.84 -7.41 -13.99
N VAL A 50 1.81 -7.81 -12.73
CA VAL A 50 0.97 -7.15 -11.74
C VAL A 50 1.65 -5.93 -11.11
N GLU A 51 0.89 -4.86 -10.93
CA GLU A 51 1.42 -3.63 -10.34
C GLU A 51 0.53 -3.20 -9.16
N LEU A 52 1.17 -2.82 -8.04
CA LEU A 52 0.43 -2.39 -6.86
C LEU A 52 1.12 -1.22 -6.18
N LYS A 53 0.32 -0.27 -5.70
CA LYS A 53 0.83 0.91 -5.02
C LYS A 53 -0.32 1.78 -4.54
N ALA A 54 -0.08 2.54 -3.47
CA ALA A 54 -1.11 3.41 -2.90
C ALA A 54 -1.81 4.25 -3.98
N SER A 55 -1.09 4.58 -5.04
CA SER A 55 -1.66 5.38 -6.11
C SER A 55 -2.71 4.60 -6.90
N ASP A 56 -2.32 3.44 -7.43
CA ASP A 56 -3.22 2.61 -8.22
C ASP A 56 -4.28 1.92 -7.36
N ALA A 57 -3.83 1.25 -6.31
CA ALA A 57 -4.73 0.52 -5.42
C ALA A 57 -5.32 1.42 -4.33
N GLY A 58 -4.47 2.24 -3.70
CA GLY A 58 -4.93 3.12 -2.64
C GLY A 58 -6.23 3.85 -2.98
N GLN A 59 -6.45 4.09 -4.28
CA GLN A 59 -7.65 4.77 -4.74
C GLN A 59 -8.90 4.26 -4.03
N VAL A 60 -8.87 2.99 -3.67
CA VAL A 60 -9.98 2.35 -2.99
C VAL A 60 -10.06 2.71 -1.51
N LEU A 61 -9.56 3.89 -1.15
CA LEU A 61 -9.59 4.35 0.24
C LEU A 61 -10.11 5.79 0.30
N THR A 62 -11.33 5.95 0.80
CA THR A 62 -11.95 7.27 0.90
C THR A 62 -11.24 8.16 1.91
N ALA A 63 -11.37 9.47 1.73
CA ALA A 63 -10.75 10.43 2.63
C ALA A 63 -10.99 10.08 4.10
N ASP A 64 -12.18 9.58 4.39
CA ASP A 64 -12.53 9.19 5.75
C ASP A 64 -11.48 8.23 6.32
N ASP A 65 -10.82 7.51 5.42
CA ASP A 65 -9.79 6.55 5.82
C ASP A 65 -8.50 7.23 6.29
N PHE A 66 -8.49 8.57 6.34
CA PHE A 66 -7.30 9.30 6.77
C PHE A 66 -6.62 8.62 7.96
N PRO A 67 -7.31 8.51 9.10
CA PRO A 67 -6.77 7.86 10.29
C PRO A 67 -6.69 6.35 10.12
N PHE A 68 -5.73 5.90 9.34
CA PHE A 68 -5.54 4.48 9.08
C PHE A 68 -4.86 3.78 10.25
N LYS A 69 -5.31 2.56 10.54
CA LYS A 69 -4.74 1.78 11.63
C LYS A 69 -3.30 1.37 11.32
N SER A 70 -2.43 2.37 11.32
CA SER A 70 -1.01 2.14 11.04
C SER A 70 -0.80 1.51 9.66
N ALA A 71 0.45 1.64 9.18
CA ALA A 71 0.82 1.10 7.87
C ALA A 71 0.43 -0.37 7.73
N GLU A 72 0.40 -1.08 8.84
CA GLU A 72 0.04 -2.49 8.82
C GLU A 72 -1.36 -2.70 8.23
N GLU A 73 -2.34 -1.91 8.67
CA GLU A 73 -3.69 -2.08 8.15
C GLU A 73 -3.80 -1.55 6.72
N VAL A 74 -3.08 -0.47 6.43
CA VAL A 74 -3.10 0.10 5.09
C VAL A 74 -2.56 -0.89 4.08
N ALA A 75 -1.49 -1.60 4.46
CA ALA A 75 -0.88 -2.57 3.59
C ALA A 75 -1.86 -3.70 3.25
N ASP A 76 -2.39 -4.34 4.28
CA ASP A 76 -3.34 -5.44 4.09
C ASP A 76 -4.63 -4.96 3.42
N THR A 77 -5.13 -3.82 3.86
CA THR A 77 -6.35 -3.25 3.33
C THR A 77 -6.29 -3.08 1.81
N ILE A 78 -5.18 -2.53 1.31
CA ILE A 78 -5.01 -2.31 -0.12
C ILE A 78 -4.96 -3.64 -0.89
N VAL A 79 -4.14 -4.57 -0.44
CA VAL A 79 -4.03 -5.87 -1.11
C VAL A 79 -5.40 -6.55 -1.20
N ASN A 80 -6.20 -6.42 -0.15
CA ASN A 80 -7.53 -7.02 -0.13
C ASN A 80 -8.43 -6.44 -1.22
N LYS A 81 -8.52 -5.12 -1.24
CA LYS A 81 -9.36 -4.41 -2.21
C LYS A 81 -8.76 -4.45 -3.61
N ALA A 82 -7.45 -4.26 -3.70
CA ALA A 82 -6.76 -4.23 -4.98
C ALA A 82 -6.77 -5.60 -5.67
N GLY A 83 -6.78 -6.66 -4.88
CA GLY A 83 -6.79 -8.00 -5.44
C GLY A 83 -6.19 -9.03 -4.54
N LEU A 84 -4.96 -8.77 -4.11
CA LEU A 84 -4.23 -9.68 -3.24
C LEU A 84 -4.88 -9.78 -1.86
N GLY A 1 -1.39 -14.16 -18.86
CA GLY A 1 -0.63 -14.09 -17.57
C GLY A 1 -1.32 -13.22 -16.54
N SER A 2 -0.55 -12.37 -15.87
CA SER A 2 -1.10 -11.48 -14.86
C SER A 2 -1.74 -12.27 -13.72
N HIS A 3 -0.97 -13.19 -13.14
CA HIS A 3 -1.47 -14.02 -12.05
C HIS A 3 -2.09 -13.17 -10.95
N MET A 4 -3.30 -13.55 -10.54
CA MET A 4 -4.03 -12.84 -9.50
C MET A 4 -3.33 -12.98 -8.15
N LYS A 5 -2.72 -14.14 -7.93
CA LYS A 5 -2.02 -14.41 -6.68
C LYS A 5 -0.77 -15.26 -6.94
N MET A 6 0.31 -14.96 -6.21
CA MET A 6 1.55 -15.71 -6.39
C MET A 6 2.47 -15.54 -5.17
N GLY A 7 1.87 -15.54 -3.98
CA GLY A 7 2.65 -15.42 -2.76
C GLY A 7 3.20 -14.02 -2.50
N VAL A 8 3.64 -13.32 -3.54
CA VAL A 8 4.20 -11.98 -3.39
C VAL A 8 3.21 -11.01 -2.75
N LYS A 9 1.97 -11.42 -2.52
CA LYS A 9 1.01 -10.50 -1.93
C LYS A 9 1.67 -9.81 -0.75
N GLU A 10 2.26 -10.59 0.13
CA GLU A 10 2.96 -10.06 1.29
C GLU A 10 4.34 -9.53 0.88
N ASP A 11 4.92 -10.07 -0.20
CA ASP A 11 6.25 -9.64 -0.66
C ASP A 11 6.25 -8.21 -1.19
N ILE A 12 5.34 -7.93 -2.12
CA ILE A 12 5.19 -6.59 -2.68
C ILE A 12 4.71 -5.68 -1.57
N ARG A 13 3.76 -6.18 -0.79
CA ARG A 13 3.22 -5.44 0.33
C ARG A 13 4.36 -5.15 1.29
N GLY A 14 5.38 -6.01 1.28
CA GLY A 14 6.52 -5.82 2.13
C GLY A 14 7.23 -4.55 1.74
N GLN A 15 7.38 -4.39 0.42
CA GLN A 15 7.99 -3.20 -0.13
C GLN A 15 7.13 -1.97 0.19
N ILE A 16 5.83 -2.22 0.35
CA ILE A 16 4.86 -1.18 0.65
C ILE A 16 4.97 -0.71 2.10
N ILE A 17 4.96 -1.65 3.05
CA ILE A 17 5.06 -1.30 4.46
C ILE A 17 6.28 -0.42 4.69
N GLY A 18 7.43 -0.87 4.18
CA GLY A 18 8.64 -0.08 4.31
C GLY A 18 8.50 1.25 3.61
N ALA A 19 7.82 1.22 2.48
CA ALA A 19 7.56 2.40 1.67
C ALA A 19 6.71 3.41 2.45
N LEU A 20 5.90 2.89 3.36
CA LEU A 20 5.02 3.72 4.18
C LEU A 20 5.79 4.36 5.31
N ALA A 21 6.84 3.66 5.75
CA ALA A 21 7.67 4.16 6.84
C ALA A 21 8.20 5.57 6.53
N GLY A 22 8.16 6.44 7.54
CA GLY A 22 8.63 7.80 7.36
C GLY A 22 7.49 8.82 7.31
N ALA A 23 6.36 8.39 6.76
CA ALA A 23 5.18 9.26 6.64
C ALA A 23 4.85 9.92 7.97
N ASP A 24 3.79 10.73 7.96
CA ASP A 24 3.30 11.40 9.16
C ASP A 24 2.98 10.34 10.21
N PHE A 25 1.74 10.30 10.70
CA PHE A 25 1.38 9.28 11.66
C PHE A 25 1.52 7.95 10.95
N PRO A 26 1.16 6.82 11.55
CA PRO A 26 1.30 5.55 10.86
C PRO A 26 0.35 5.43 9.65
N ILE A 27 0.53 6.33 8.64
CA ILE A 27 -0.27 6.32 7.38
C ILE A 27 -1.28 7.47 7.25
N ASN A 28 -0.79 8.70 7.19
CA ASN A 28 -1.67 9.87 7.04
C ASN A 28 -2.40 9.83 5.70
N SER A 29 -3.27 8.86 5.52
CA SER A 29 -4.00 8.74 4.26
C SER A 29 -3.01 8.58 3.12
N PRO A 30 -3.40 7.92 2.04
CA PRO A 30 -2.51 7.70 0.92
C PRO A 30 -1.79 8.96 0.50
N GLU A 31 -2.41 10.11 0.70
CA GLU A 31 -1.78 11.38 0.35
C GLU A 31 -0.41 11.51 1.02
N GLU A 32 -0.41 11.41 2.34
CA GLU A 32 0.80 11.52 3.13
C GLU A 32 1.70 10.32 3.01
N LEU A 33 1.17 9.14 3.35
CA LEU A 33 1.96 7.92 3.30
C LEU A 33 2.62 7.81 1.94
N MET A 34 1.91 8.21 0.89
CA MET A 34 2.48 8.23 -0.43
C MET A 34 3.57 9.29 -0.48
N ALA A 35 3.39 10.36 0.30
CA ALA A 35 4.39 11.42 0.33
C ALA A 35 5.66 10.93 1.01
N ALA A 36 5.51 9.99 1.94
CA ALA A 36 6.63 9.44 2.68
C ALA A 36 7.52 8.55 1.82
N LEU A 37 6.89 7.76 0.94
CA LEU A 37 7.62 6.83 0.08
C LEU A 37 8.95 7.43 -0.42
N PRO A 38 9.99 6.58 -0.54
CA PRO A 38 11.34 6.98 -0.95
C PRO A 38 11.37 7.86 -2.20
N ASN A 39 10.54 7.56 -3.18
CA ASN A 39 10.53 8.34 -4.42
C ASN A 39 9.90 9.72 -4.22
N GLY A 40 9.19 9.91 -3.11
CA GLY A 40 8.57 11.19 -2.84
C GLY A 40 7.06 11.19 -2.99
N PRO A 41 6.55 11.02 -4.23
CA PRO A 41 5.10 11.01 -4.48
C PRO A 41 4.45 9.67 -4.10
N ASP A 42 4.98 8.59 -4.64
CA ASP A 42 4.49 7.25 -4.37
C ASP A 42 5.21 6.22 -5.25
N THR A 43 6.24 5.58 -4.70
CA THR A 43 7.01 4.60 -5.44
C THR A 43 6.21 3.32 -5.67
N THR A 44 6.26 2.80 -6.89
CA THR A 44 5.54 1.59 -7.24
C THR A 44 6.30 0.34 -6.82
N CYS A 45 5.65 -0.53 -6.05
CA CYS A 45 6.27 -1.77 -5.61
C CYS A 45 5.94 -2.90 -6.58
N LYS A 46 6.10 -2.63 -7.86
CA LYS A 46 5.82 -3.62 -8.90
C LYS A 46 6.91 -4.68 -8.97
N SER A 47 6.50 -5.91 -9.28
CA SER A 47 7.44 -7.02 -9.38
C SER A 47 7.15 -7.88 -10.60
N GLY A 48 8.16 -8.12 -11.42
CA GLY A 48 7.99 -8.93 -12.61
C GLY A 48 7.13 -8.26 -13.67
N ASP A 49 5.89 -7.95 -13.30
CA ASP A 49 4.95 -7.30 -14.22
C ASP A 49 3.84 -6.60 -13.44
N VAL A 50 3.33 -7.26 -12.41
CA VAL A 50 2.26 -6.70 -11.60
C VAL A 50 2.75 -5.48 -10.82
N GLU A 51 1.96 -4.41 -10.84
CA GLU A 51 2.33 -3.19 -10.14
C GLU A 51 1.33 -2.87 -9.03
N LEU A 52 1.85 -2.51 -7.85
CA LEU A 52 1.00 -2.19 -6.71
C LEU A 52 1.53 -0.98 -5.96
N LYS A 53 0.61 -0.09 -5.57
CA LYS A 53 0.97 1.11 -4.84
C LYS A 53 -0.28 1.92 -4.48
N ALA A 54 -0.15 2.76 -3.46
CA ALA A 54 -1.26 3.58 -2.98
C ALA A 54 -1.98 4.28 -4.14
N SER A 55 -1.22 4.74 -5.12
CA SER A 55 -1.80 5.44 -6.26
C SER A 55 -2.77 4.53 -7.03
N ASP A 56 -2.30 3.35 -7.40
CA ASP A 56 -3.13 2.40 -8.15
C ASP A 56 -4.22 1.77 -7.29
N ALA A 57 -3.82 1.18 -6.17
CA ALA A 57 -4.77 0.51 -5.28
C ALA A 57 -5.31 1.45 -4.19
N GLY A 58 -4.42 2.23 -3.57
CA GLY A 58 -4.84 3.14 -2.52
C GLY A 58 -6.10 3.91 -2.86
N GLN A 59 -6.32 4.13 -4.16
CA GLN A 59 -7.51 4.85 -4.63
C GLN A 59 -8.76 4.37 -3.90
N VAL A 60 -8.75 3.08 -3.54
CA VAL A 60 -9.88 2.47 -2.84
C VAL A 60 -9.92 2.85 -1.36
N LEU A 61 -9.39 4.03 -1.03
CA LEU A 61 -9.39 4.50 0.36
C LEU A 61 -9.83 5.96 0.42
N THR A 62 -11.14 6.17 0.62
CA THR A 62 -11.70 7.51 0.69
C THR A 62 -11.03 8.36 1.77
N ALA A 63 -11.10 9.68 1.60
CA ALA A 63 -10.49 10.61 2.55
C ALA A 63 -10.85 10.25 3.99
N ASP A 64 -12.07 9.77 4.19
CA ASP A 64 -12.54 9.38 5.52
C ASP A 64 -11.53 8.43 6.17
N ASP A 65 -10.84 7.66 5.33
CA ASP A 65 -9.84 6.70 5.80
C ASP A 65 -8.57 7.41 6.28
N PHE A 66 -8.58 8.75 6.29
CA PHE A 66 -7.42 9.54 6.71
C PHE A 66 -6.70 8.88 7.89
N PRO A 67 -7.43 8.55 8.96
CA PRO A 67 -6.86 7.91 10.14
C PRO A 67 -6.82 6.39 9.99
N PHE A 68 -5.84 5.91 9.24
CA PHE A 68 -5.69 4.47 9.01
C PHE A 68 -5.11 3.76 10.23
N LYS A 69 -5.59 2.55 10.48
CA LYS A 69 -5.12 1.74 11.60
C LYS A 69 -3.66 1.32 11.38
N SER A 70 -2.77 2.28 11.47
CA SER A 70 -1.36 2.03 11.29
C SER A 70 -1.06 1.44 9.91
N ALA A 71 0.20 1.58 9.49
CA ALA A 71 0.64 1.08 8.19
C ALA A 71 0.28 -0.39 7.99
N GLU A 72 0.17 -1.13 9.09
CA GLU A 72 -0.17 -2.54 9.00
C GLU A 72 -1.53 -2.75 8.34
N GLU A 73 -2.55 -1.99 8.76
CA GLU A 73 -3.87 -2.16 8.16
C GLU A 73 -3.89 -1.60 6.74
N VAL A 74 -3.19 -0.51 6.54
CA VAL A 74 -3.12 0.12 5.22
C VAL A 74 -2.54 -0.84 4.19
N ALA A 75 -1.58 -1.64 4.63
CA ALA A 75 -0.94 -2.60 3.75
C ALA A 75 -1.91 -3.72 3.33
N ASP A 76 -2.45 -4.43 4.34
CA ASP A 76 -3.38 -5.53 4.07
C ASP A 76 -4.67 -5.03 3.41
N THR A 77 -5.18 -3.91 3.89
CA THR A 77 -6.40 -3.32 3.36
C THR A 77 -6.33 -3.11 1.85
N ILE A 78 -5.28 -2.45 1.40
CA ILE A 78 -5.10 -2.17 -0.02
C ILE A 78 -5.02 -3.46 -0.84
N VAL A 79 -4.16 -4.40 -0.42
CA VAL A 79 -4.04 -5.67 -1.14
C VAL A 79 -5.37 -6.40 -1.20
N ASN A 80 -6.13 -6.37 -0.10
CA ASN A 80 -7.42 -7.04 -0.05
C ASN A 80 -8.30 -6.62 -1.22
N LYS A 81 -8.53 -5.31 -1.36
CA LYS A 81 -9.35 -4.78 -2.43
C LYS A 81 -8.59 -4.81 -3.76
N ALA A 82 -7.30 -4.50 -3.69
CA ALA A 82 -6.44 -4.47 -4.87
C ALA A 82 -6.17 -5.86 -5.47
N GLY A 83 -7.14 -6.77 -5.38
CA GLY A 83 -6.95 -8.09 -5.94
C GLY A 83 -6.32 -9.07 -4.98
N LEU A 84 -5.18 -8.70 -4.44
CA LEU A 84 -4.45 -9.56 -3.52
C LEU A 84 -5.20 -9.72 -2.20
N GLY A 1 -10.15 -23.43 -12.41
CA GLY A 1 -10.16 -23.26 -10.93
C GLY A 1 -9.36 -22.06 -10.47
N SER A 2 -8.17 -21.89 -11.05
CA SER A 2 -7.29 -20.78 -10.70
C SER A 2 -7.08 -20.70 -9.19
N HIS A 3 -6.91 -21.85 -8.56
CA HIS A 3 -6.69 -21.92 -7.12
C HIS A 3 -5.35 -21.31 -6.73
N MET A 4 -4.48 -21.11 -7.72
CA MET A 4 -3.16 -20.54 -7.47
C MET A 4 -3.26 -19.17 -6.81
N LYS A 5 -2.42 -18.94 -5.80
CA LYS A 5 -2.42 -17.68 -5.08
C LYS A 5 -1.02 -17.05 -5.12
N MET A 6 -0.97 -15.76 -5.45
CA MET A 6 0.30 -15.05 -5.54
C MET A 6 0.98 -14.99 -4.17
N GLY A 7 2.22 -15.45 -4.11
CA GLY A 7 2.97 -15.44 -2.87
C GLY A 7 3.47 -14.05 -2.52
N VAL A 8 3.81 -13.27 -3.54
CA VAL A 8 4.32 -11.92 -3.35
C VAL A 8 3.26 -11.00 -2.75
N LYS A 9 2.03 -11.47 -2.57
CA LYS A 9 0.99 -10.60 -2.01
C LYS A 9 1.57 -9.84 -0.82
N GLU A 10 2.16 -10.60 0.10
CA GLU A 10 2.80 -10.00 1.26
C GLU A 10 4.17 -9.42 0.91
N ASP A 11 4.81 -9.97 -0.13
CA ASP A 11 6.15 -9.49 -0.54
C ASP A 11 6.10 -8.07 -1.10
N ILE A 12 5.23 -7.84 -2.08
CA ILE A 12 5.04 -6.52 -2.67
C ILE A 12 4.54 -5.60 -1.59
N ARG A 13 3.58 -6.10 -0.81
CA ARG A 13 3.03 -5.33 0.29
C ARG A 13 4.15 -5.01 1.27
N GLY A 14 5.18 -5.87 1.27
CA GLY A 14 6.31 -5.64 2.13
C GLY A 14 7.00 -4.36 1.71
N GLN A 15 7.10 -4.19 0.41
CA GLN A 15 7.69 -2.99 -0.17
C GLN A 15 6.81 -1.79 0.17
N ILE A 16 5.51 -2.06 0.35
CA ILE A 16 4.54 -1.02 0.69
C ILE A 16 4.68 -0.59 2.14
N ILE A 17 4.79 -1.55 3.05
CA ILE A 17 4.93 -1.25 4.47
C ILE A 17 6.13 -0.36 4.71
N GLY A 18 7.29 -0.79 4.23
CA GLY A 18 8.50 0.01 4.38
C GLY A 18 8.35 1.35 3.68
N ALA A 19 7.65 1.31 2.54
CA ALA A 19 7.39 2.50 1.75
C ALA A 19 6.51 3.49 2.52
N LEU A 20 5.70 2.94 3.43
CA LEU A 20 4.81 3.75 4.24
C LEU A 20 5.56 4.38 5.40
N ALA A 21 6.61 3.71 5.84
CA ALA A 21 7.44 4.19 6.94
C ALA A 21 8.01 5.58 6.61
N GLY A 22 7.97 6.47 7.59
CA GLY A 22 8.49 7.82 7.39
C GLY A 22 7.39 8.87 7.33
N ALA A 23 6.23 8.48 6.80
CA ALA A 23 5.09 9.40 6.67
C ALA A 23 4.79 10.09 7.99
N ASP A 24 3.76 10.94 7.97
CA ASP A 24 3.33 11.63 9.18
C ASP A 24 2.93 10.59 10.21
N PHE A 25 1.69 10.59 10.70
CA PHE A 25 1.28 9.56 11.63
C PHE A 25 1.47 8.24 10.90
N PRO A 26 1.22 7.08 11.55
CA PRO A 26 1.37 5.81 10.86
C PRO A 26 0.39 5.65 9.70
N ILE A 27 0.57 6.46 8.63
CA ILE A 27 -0.26 6.42 7.41
C ILE A 27 -1.26 7.58 7.26
N ASN A 28 -0.76 8.80 7.18
CA ASN A 28 -1.61 9.99 7.02
C ASN A 28 -2.35 9.97 5.69
N SER A 29 -3.25 9.02 5.51
CA SER A 29 -3.99 8.93 4.26
C SER A 29 -3.00 8.78 3.11
N PRO A 30 -3.43 8.22 1.99
CA PRO A 30 -2.55 8.03 0.85
C PRO A 30 -1.80 9.29 0.47
N GLU A 31 -2.41 10.44 0.66
CA GLU A 31 -1.74 11.70 0.34
C GLU A 31 -0.38 11.77 1.02
N GLU A 32 -0.39 11.65 2.34
CA GLU A 32 0.82 11.72 3.14
C GLU A 32 1.64 10.45 3.07
N LEU A 33 1.05 9.32 3.45
CA LEU A 33 1.77 8.06 3.44
C LEU A 33 2.45 7.85 2.09
N MET A 34 1.71 8.15 1.03
CA MET A 34 2.27 8.05 -0.31
C MET A 34 3.38 9.09 -0.45
N ALA A 35 3.22 10.21 0.27
CA ALA A 35 4.23 11.26 0.23
C ALA A 35 5.50 10.80 0.94
N ALA A 36 5.35 9.93 1.93
CA ALA A 36 6.47 9.41 2.70
C ALA A 36 7.37 8.53 1.87
N LEU A 37 6.76 7.69 1.01
CA LEU A 37 7.51 6.76 0.16
C LEU A 37 8.94 7.26 -0.11
N PRO A 38 9.93 6.35 -0.01
CA PRO A 38 11.35 6.67 -0.20
C PRO A 38 11.76 7.05 -1.63
N ASN A 39 10.82 7.57 -2.43
CA ASN A 39 11.16 7.94 -3.81
C ASN A 39 10.70 9.37 -4.14
N GLY A 40 9.66 9.83 -3.45
CA GLY A 40 9.14 11.16 -3.69
C GLY A 40 7.86 11.17 -4.52
N PRO A 41 7.93 10.84 -5.83
CA PRO A 41 6.75 10.82 -6.70
C PRO A 41 5.96 9.50 -6.63
N ASP A 42 5.81 8.97 -5.42
CA ASP A 42 5.06 7.74 -5.22
C ASP A 42 5.69 6.55 -5.95
N THR A 43 6.51 5.79 -5.22
CA THR A 43 7.19 4.63 -5.78
C THR A 43 6.23 3.48 -6.06
N THR A 44 6.45 2.78 -7.16
CA THR A 44 5.60 1.65 -7.53
C THR A 44 6.27 0.33 -7.17
N CYS A 45 5.59 -0.47 -6.34
CA CYS A 45 6.12 -1.77 -5.94
C CYS A 45 5.61 -2.86 -6.89
N LYS A 46 5.69 -2.58 -8.18
CA LYS A 46 5.22 -3.52 -9.20
C LYS A 46 6.20 -4.68 -9.38
N SER A 47 5.66 -5.89 -9.27
CA SER A 47 6.46 -7.09 -9.46
C SER A 47 6.06 -7.75 -10.78
N GLY A 48 7.02 -7.88 -11.69
CA GLY A 48 6.73 -8.47 -12.97
C GLY A 48 5.74 -7.63 -13.76
N ASP A 49 4.66 -8.26 -14.22
CA ASP A 49 3.63 -7.55 -14.98
C ASP A 49 2.69 -6.78 -14.06
N VAL A 50 2.33 -7.38 -12.93
CA VAL A 50 1.42 -6.76 -11.98
C VAL A 50 2.06 -5.55 -11.30
N GLU A 51 1.26 -4.51 -11.08
CA GLU A 51 1.74 -3.29 -10.43
C GLU A 51 0.87 -2.94 -9.23
N LEU A 52 1.52 -2.59 -8.12
CA LEU A 52 0.80 -2.23 -6.90
C LEU A 52 1.46 -1.04 -6.21
N LYS A 53 0.63 -0.13 -5.72
CA LYS A 53 1.12 1.07 -5.04
C LYS A 53 -0.04 1.90 -4.52
N ALA A 54 0.20 2.66 -3.47
CA ALA A 54 -0.83 3.50 -2.87
C ALA A 54 -1.60 4.29 -3.92
N SER A 55 -0.94 4.61 -5.02
CA SER A 55 -1.59 5.39 -6.09
C SER A 55 -2.62 4.54 -6.84
N ASP A 56 -2.20 3.40 -7.37
CA ASP A 56 -3.10 2.51 -8.11
C ASP A 56 -4.08 1.79 -7.19
N ALA A 57 -3.55 1.11 -6.18
CA ALA A 57 -4.38 0.37 -5.24
C ALA A 57 -5.02 1.29 -4.20
N GLY A 58 -4.22 2.18 -3.60
CA GLY A 58 -4.75 3.09 -2.60
C GLY A 58 -6.02 3.78 -3.06
N GLN A 59 -6.16 3.93 -4.38
CA GLN A 59 -7.34 4.56 -4.97
C GLN A 59 -8.61 4.15 -4.26
N VAL A 60 -8.62 2.89 -3.83
CA VAL A 60 -9.75 2.29 -3.16
C VAL A 60 -9.85 2.68 -1.68
N LEU A 61 -9.34 3.86 -1.34
CA LEU A 61 -9.39 4.34 0.04
C LEU A 61 -9.94 5.78 0.07
N THR A 62 -11.16 5.92 0.59
CA THR A 62 -11.80 7.22 0.68
C THR A 62 -11.15 8.12 1.72
N ALA A 63 -11.33 9.43 1.56
CA ALA A 63 -10.77 10.41 2.50
C ALA A 63 -11.05 10.00 3.93
N ASP A 64 -12.24 9.45 4.17
CA ASP A 64 -12.63 9.00 5.50
C ASP A 64 -11.54 8.10 6.09
N ASP A 65 -10.83 7.41 5.21
CA ASP A 65 -9.74 6.52 5.63
C ASP A 65 -8.53 7.30 6.11
N PHE A 66 -8.64 8.63 6.15
CA PHE A 66 -7.52 9.48 6.57
C PHE A 66 -6.75 8.84 7.71
N PRO A 67 -7.44 8.43 8.80
CA PRO A 67 -6.82 7.79 9.95
C PRO A 67 -6.71 6.28 9.78
N PHE A 68 -5.69 5.84 9.06
CA PHE A 68 -5.48 4.41 8.83
C PHE A 68 -4.88 3.75 10.06
N LYS A 69 -5.33 2.53 10.32
CA LYS A 69 -4.83 1.76 11.47
C LYS A 69 -3.37 1.35 11.24
N SER A 70 -2.50 2.35 11.21
CA SER A 70 -1.08 2.13 11.01
C SER A 70 -0.79 1.48 9.65
N ALA A 71 0.47 1.60 9.23
CA ALA A 71 0.93 1.05 7.96
C ALA A 71 0.57 -0.41 7.82
N GLU A 72 0.52 -1.12 8.93
CA GLU A 72 0.18 -2.54 8.90
C GLU A 72 -1.20 -2.77 8.31
N GLU A 73 -2.20 -2.00 8.75
CA GLU A 73 -3.54 -2.19 8.22
C GLU A 73 -3.59 -1.77 6.76
N VAL A 74 -2.80 -0.77 6.39
CA VAL A 74 -2.76 -0.31 5.02
C VAL A 74 -2.35 -1.45 4.09
N ALA A 75 -1.30 -2.17 4.47
CA ALA A 75 -0.80 -3.28 3.67
C ALA A 75 -1.89 -4.32 3.44
N ASP A 76 -2.48 -4.81 4.52
CA ASP A 76 -3.53 -5.83 4.41
C ASP A 76 -4.77 -5.27 3.70
N THR A 77 -5.07 -4.01 3.94
CA THR A 77 -6.23 -3.35 3.35
C THR A 77 -6.10 -3.22 1.83
N ILE A 78 -4.95 -2.72 1.38
CA ILE A 78 -4.72 -2.53 -0.05
C ILE A 78 -4.80 -3.84 -0.82
N VAL A 79 -4.11 -4.87 -0.35
CA VAL A 79 -4.14 -6.17 -1.03
C VAL A 79 -5.57 -6.71 -1.15
N ASN A 80 -6.34 -6.53 -0.08
CA ASN A 80 -7.73 -7.00 -0.07
C ASN A 80 -8.58 -6.30 -1.13
N LYS A 81 -8.59 -4.97 -1.10
CA LYS A 81 -9.38 -4.18 -2.03
C LYS A 81 -8.77 -4.17 -3.44
N ALA A 82 -7.45 -4.07 -3.51
CA ALA A 82 -6.76 -4.00 -4.78
C ALA A 82 -6.87 -5.31 -5.57
N GLY A 83 -6.97 -6.43 -4.87
CA GLY A 83 -7.07 -7.71 -5.56
C GLY A 83 -6.51 -8.86 -4.77
N LEU A 84 -5.29 -8.68 -4.30
CA LEU A 84 -4.58 -9.70 -3.54
C LEU A 84 -5.29 -9.99 -2.22
N GLY A 1 6.16 -20.11 -3.22
CA GLY A 1 5.27 -21.08 -2.51
C GLY A 1 4.62 -22.06 -3.46
N SER A 2 4.09 -21.55 -4.57
CA SER A 2 3.43 -22.39 -5.57
C SER A 2 2.23 -23.10 -4.96
N HIS A 3 1.41 -22.36 -4.23
CA HIS A 3 0.22 -22.93 -3.59
C HIS A 3 -0.59 -21.85 -2.90
N MET A 4 0.09 -20.97 -2.17
CA MET A 4 -0.56 -19.88 -1.44
C MET A 4 -0.92 -18.73 -2.38
N LYS A 5 -1.57 -19.05 -3.49
CA LYS A 5 -1.96 -18.03 -4.47
C LYS A 5 -0.72 -17.48 -5.16
N MET A 6 -0.48 -16.17 -5.06
CA MET A 6 0.69 -15.59 -5.68
C MET A 6 1.90 -15.65 -4.74
N GLY A 7 1.64 -15.51 -3.45
CA GLY A 7 2.71 -15.55 -2.46
C GLY A 7 3.30 -14.18 -2.17
N VAL A 8 3.53 -13.39 -3.22
CA VAL A 8 4.10 -12.06 -3.06
C VAL A 8 3.10 -11.11 -2.40
N LYS A 9 1.87 -11.54 -2.19
CA LYS A 9 0.88 -10.65 -1.57
C LYS A 9 1.53 -9.95 -0.38
N GLU A 10 2.17 -10.73 0.46
CA GLU A 10 2.88 -10.20 1.62
C GLU A 10 4.23 -9.59 1.21
N ASP A 11 4.84 -10.13 0.14
CA ASP A 11 6.13 -9.65 -0.34
C ASP A 11 6.06 -8.23 -0.88
N ILE A 12 5.13 -7.99 -1.81
CA ILE A 12 4.93 -6.68 -2.39
C ILE A 12 4.51 -5.72 -1.29
N ARG A 13 3.49 -6.10 -0.51
CA ARG A 13 3.06 -5.26 0.60
C ARG A 13 4.23 -5.05 1.53
N GLY A 14 5.17 -5.99 1.52
CA GLY A 14 6.35 -5.83 2.33
C GLY A 14 7.08 -4.58 1.91
N GLN A 15 7.08 -4.37 0.59
CA GLN A 15 7.68 -3.20 -0.01
C GLN A 15 6.90 -1.93 0.35
N ILE A 16 5.57 -2.06 0.45
CA ILE A 16 4.73 -0.92 0.79
C ILE A 16 4.94 -0.52 2.25
N ILE A 17 4.99 -1.52 3.13
CA ILE A 17 5.20 -1.27 4.54
C ILE A 17 6.45 -0.44 4.77
N GLY A 18 7.57 -0.88 4.21
CA GLY A 18 8.80 -0.13 4.35
C GLY A 18 8.70 1.22 3.67
N ALA A 19 7.99 1.24 2.54
CA ALA A 19 7.78 2.45 1.77
C ALA A 19 6.95 3.46 2.55
N LEU A 20 6.14 2.96 3.49
CA LEU A 20 5.28 3.79 4.31
C LEU A 20 6.02 4.32 5.53
N ALA A 21 7.00 3.56 5.98
CA ALA A 21 7.80 3.93 7.15
C ALA A 21 8.52 5.26 6.93
N GLY A 22 7.80 6.36 7.13
CA GLY A 22 8.39 7.68 6.95
C GLY A 22 7.38 8.81 7.05
N ALA A 23 6.17 8.55 6.55
CA ALA A 23 5.10 9.55 6.56
C ALA A 23 4.86 10.11 7.95
N ASP A 24 3.81 10.91 8.06
CA ASP A 24 3.41 11.50 9.34
C ASP A 24 3.11 10.37 10.32
N PHE A 25 1.89 10.30 10.85
CA PHE A 25 1.56 9.19 11.73
C PHE A 25 1.75 7.91 10.94
N PRO A 26 1.52 6.73 11.52
CA PRO A 26 1.67 5.50 10.77
C PRO A 26 0.67 5.36 9.63
N ILE A 27 0.78 6.26 8.62
CA ILE A 27 -0.07 6.26 7.40
C ILE A 27 -1.11 7.38 7.33
N ASN A 28 -0.65 8.63 7.29
CA ASN A 28 -1.53 9.80 7.18
C ASN A 28 -2.29 9.82 5.88
N SER A 29 -3.16 8.84 5.66
CA SER A 29 -3.93 8.78 4.43
C SER A 29 -2.97 8.69 3.25
N PRO A 30 -3.40 8.10 2.14
CA PRO A 30 -2.54 7.97 0.97
C PRO A 30 -1.85 9.27 0.60
N GLU A 31 -2.50 10.39 0.88
CA GLU A 31 -1.90 11.68 0.57
C GLU A 31 -0.51 11.79 1.23
N GLU A 32 -0.49 11.63 2.53
CA GLU A 32 0.74 11.72 3.30
C GLU A 32 1.61 10.48 3.16
N LEU A 33 1.06 9.33 3.52
CA LEU A 33 1.82 8.08 3.45
C LEU A 33 2.48 7.95 2.08
N MET A 34 1.70 8.23 1.03
CA MET A 34 2.24 8.18 -0.32
C MET A 34 3.27 9.28 -0.46
N ALA A 35 3.08 10.38 0.29
CA ALA A 35 4.01 11.50 0.24
C ALA A 35 5.35 11.12 0.86
N ALA A 36 5.30 10.21 1.83
CA ALA A 36 6.50 9.77 2.53
C ALA A 36 7.38 8.88 1.66
N LEU A 37 6.75 8.00 0.89
CA LEU A 37 7.49 7.07 0.03
C LEU A 37 8.86 7.63 -0.39
N PRO A 38 9.93 6.85 -0.19
CA PRO A 38 11.31 7.25 -0.49
C PRO A 38 11.53 7.63 -1.96
N ASN A 39 10.71 7.09 -2.85
CA ASN A 39 10.85 7.37 -4.28
C ASN A 39 10.43 8.79 -4.62
N GLY A 40 9.52 9.36 -3.84
CA GLY A 40 9.06 10.71 -4.10
C GLY A 40 7.71 10.76 -4.81
N PRO A 41 7.66 10.45 -6.12
CA PRO A 41 6.42 10.45 -6.89
C PRO A 41 5.64 9.15 -6.76
N ASP A 42 5.49 8.68 -5.54
CA ASP A 42 4.76 7.45 -5.26
C ASP A 42 5.46 6.24 -5.87
N THR A 43 6.26 5.56 -5.07
CA THR A 43 6.99 4.37 -5.52
C THR A 43 6.03 3.24 -5.87
N THR A 44 6.34 2.52 -6.94
CA THR A 44 5.51 1.40 -7.36
C THR A 44 6.18 0.07 -7.02
N CYS A 45 5.55 -0.70 -6.15
CA CYS A 45 6.07 -2.01 -5.75
C CYS A 45 5.54 -3.09 -6.69
N LYS A 46 5.55 -2.79 -7.99
CA LYS A 46 5.05 -3.73 -8.99
C LYS A 46 6.07 -4.81 -9.32
N SER A 47 5.65 -6.06 -9.17
CA SER A 47 6.49 -7.20 -9.49
C SER A 47 6.09 -7.76 -10.84
N GLY A 48 7.04 -7.81 -11.77
CA GLY A 48 6.73 -8.30 -13.10
C GLY A 48 5.73 -7.42 -13.81
N ASP A 49 4.67 -8.04 -14.35
CA ASP A 49 3.63 -7.30 -15.06
C ASP A 49 2.66 -6.61 -14.11
N VAL A 50 2.32 -7.30 -13.01
CA VAL A 50 1.39 -6.76 -12.03
C VAL A 50 1.97 -5.56 -11.30
N GLU A 51 1.12 -4.57 -11.01
CA GLU A 51 1.55 -3.37 -10.32
C GLU A 51 0.55 -2.95 -9.24
N LEU A 52 1.04 -2.79 -8.01
CA LEU A 52 0.20 -2.39 -6.89
C LEU A 52 0.91 -1.35 -6.05
N LYS A 53 0.17 -0.37 -5.57
CA LYS A 53 0.73 0.69 -4.74
C LYS A 53 -0.35 1.60 -4.19
N ALA A 54 0.06 2.72 -3.61
CA ALA A 54 -0.89 3.67 -3.03
C ALA A 54 -1.77 4.30 -4.11
N SER A 55 -1.17 4.73 -5.21
CA SER A 55 -1.93 5.35 -6.28
C SER A 55 -2.81 4.33 -7.02
N ASP A 56 -2.23 3.16 -7.32
CA ASP A 56 -2.96 2.11 -8.02
C ASP A 56 -4.09 1.54 -7.18
N ALA A 57 -3.76 1.11 -5.96
CA ALA A 57 -4.74 0.51 -5.07
C ALA A 57 -5.33 1.51 -4.08
N GLY A 58 -4.48 2.33 -3.48
CA GLY A 58 -4.93 3.31 -2.50
C GLY A 58 -6.19 4.04 -2.92
N GLN A 59 -6.37 4.24 -4.22
CA GLN A 59 -7.56 4.93 -4.74
C GLN A 59 -8.83 4.39 -4.10
N VAL A 60 -8.82 3.11 -3.80
CA VAL A 60 -9.96 2.45 -3.19
C VAL A 60 -10.22 2.97 -1.78
N LEU A 61 -9.16 3.38 -1.09
CA LEU A 61 -9.29 3.90 0.27
C LEU A 61 -10.04 5.23 0.26
N THR A 62 -11.11 5.29 1.06
CA THR A 62 -11.93 6.51 1.14
C THR A 62 -11.23 7.59 1.97
N ALA A 63 -11.58 8.84 1.73
CA ALA A 63 -10.99 9.97 2.45
C ALA A 63 -11.06 9.75 3.96
N ASP A 64 -12.19 9.25 4.43
CA ASP A 64 -12.38 8.99 5.86
C ASP A 64 -11.28 8.08 6.40
N ASP A 65 -10.68 7.31 5.50
CA ASP A 65 -9.61 6.37 5.87
C ASP A 65 -8.34 7.08 6.33
N PHE A 66 -8.36 8.41 6.39
CA PHE A 66 -7.17 9.16 6.80
C PHE A 66 -6.45 8.49 7.96
N PRO A 67 -7.14 8.23 9.09
CA PRO A 67 -6.54 7.58 10.25
C PRO A 67 -6.48 6.06 10.08
N PHE A 68 -5.52 5.61 9.29
CA PHE A 68 -5.35 4.18 9.04
C PHE A 68 -4.68 3.48 10.22
N LYS A 69 -5.13 2.26 10.51
CA LYS A 69 -4.58 1.46 11.60
C LYS A 69 -3.14 1.05 11.27
N SER A 70 -2.25 2.03 11.29
CA SER A 70 -0.85 1.81 11.01
C SER A 70 -0.62 1.21 9.62
N ALA A 71 0.61 1.33 9.15
CA ALA A 71 1.00 0.83 7.84
C ALA A 71 0.61 -0.63 7.65
N GLU A 72 0.52 -1.37 8.76
CA GLU A 72 0.15 -2.77 8.70
C GLU A 72 -1.21 -2.97 8.05
N GLU A 73 -2.24 -2.24 8.51
CA GLU A 73 -3.57 -2.41 7.93
C GLU A 73 -3.63 -1.81 6.54
N VAL A 74 -2.87 -0.74 6.32
CA VAL A 74 -2.86 -0.09 5.03
C VAL A 74 -2.35 -1.03 3.94
N ALA A 75 -1.32 -1.80 4.28
CA ALA A 75 -0.75 -2.75 3.33
C ALA A 75 -1.75 -3.84 2.98
N ASP A 76 -2.32 -4.48 4.02
CA ASP A 76 -3.30 -5.55 3.80
C ASP A 76 -4.55 -5.01 3.14
N THR A 77 -4.96 -3.81 3.51
CA THR A 77 -6.14 -3.19 2.95
C THR A 77 -6.02 -3.06 1.43
N ILE A 78 -4.83 -2.68 0.98
CA ILE A 78 -4.55 -2.53 -0.44
C ILE A 78 -4.71 -3.87 -1.18
N VAL A 79 -4.02 -4.89 -0.70
CA VAL A 79 -4.09 -6.21 -1.33
C VAL A 79 -5.52 -6.74 -1.40
N ASN A 80 -6.28 -6.59 -0.32
CA ASN A 80 -7.66 -7.07 -0.29
C ASN A 80 -8.53 -6.37 -1.33
N LYS A 81 -8.55 -5.04 -1.29
CA LYS A 81 -9.36 -4.27 -2.22
C LYS A 81 -8.79 -4.25 -3.64
N ALA A 82 -7.47 -4.10 -3.73
CA ALA A 82 -6.80 -4.05 -5.03
C ALA A 82 -6.86 -5.38 -5.77
N GLY A 83 -6.89 -6.49 -5.04
CA GLY A 83 -6.95 -7.78 -5.68
C GLY A 83 -6.37 -8.90 -4.83
N LEU A 84 -5.13 -8.72 -4.42
CA LEU A 84 -4.42 -9.69 -3.61
C LEU A 84 -5.10 -9.90 -2.26
N GLY A 1 -11.66 -18.03 -14.24
CA GLY A 1 -10.72 -16.88 -14.27
C GLY A 1 -9.98 -16.70 -12.96
N SER A 2 -9.91 -15.46 -12.49
CA SER A 2 -9.22 -15.15 -11.24
C SER A 2 -9.88 -15.87 -10.06
N HIS A 3 -9.05 -16.44 -9.20
CA HIS A 3 -9.55 -17.16 -8.02
C HIS A 3 -8.39 -17.61 -7.14
N MET A 4 -7.49 -18.40 -7.71
CA MET A 4 -6.34 -18.89 -6.98
C MET A 4 -5.20 -17.88 -7.02
N LYS A 5 -4.56 -17.65 -5.87
CA LYS A 5 -3.46 -16.70 -5.78
C LYS A 5 -2.83 -16.71 -4.40
N MET A 6 -1.50 -16.73 -4.37
CA MET A 6 -0.76 -16.75 -3.12
C MET A 6 0.74 -16.69 -3.40
N GLY A 7 1.42 -15.71 -2.81
CA GLY A 7 2.85 -15.57 -3.02
C GLY A 7 3.38 -14.22 -2.59
N VAL A 8 3.86 -13.45 -3.55
CA VAL A 8 4.42 -12.12 -3.28
C VAL A 8 3.39 -11.17 -2.68
N LYS A 9 2.13 -11.58 -2.57
CA LYS A 9 1.11 -10.67 -2.04
C LYS A 9 1.67 -9.98 -0.80
N GLU A 10 2.18 -10.78 0.11
CA GLU A 10 2.80 -10.25 1.32
C GLU A 10 4.21 -9.70 1.03
N ASP A 11 4.88 -10.29 0.04
CA ASP A 11 6.25 -9.86 -0.32
C ASP A 11 6.28 -8.42 -0.83
N ILE A 12 5.44 -8.13 -1.82
CA ILE A 12 5.33 -6.79 -2.37
C ILE A 12 4.83 -5.86 -1.28
N ARG A 13 3.80 -6.31 -0.57
CA ARG A 13 3.25 -5.56 0.53
C ARG A 13 4.35 -5.29 1.55
N GLY A 14 5.36 -6.16 1.57
CA GLY A 14 6.47 -5.99 2.47
C GLY A 14 7.23 -4.74 2.11
N GLN A 15 7.53 -4.62 0.83
CA GLN A 15 8.21 -3.45 0.32
C GLN A 15 7.34 -2.22 0.53
N ILE A 16 6.02 -2.44 0.54
CA ILE A 16 5.06 -1.36 0.74
C ILE A 16 5.10 -0.87 2.18
N ILE A 17 5.13 -1.79 3.14
CA ILE A 17 5.20 -1.41 4.55
C ILE A 17 6.38 -0.47 4.78
N GLY A 18 7.55 -0.86 4.26
CA GLY A 18 8.72 -0.02 4.38
C GLY A 18 8.52 1.29 3.65
N ALA A 19 7.87 1.20 2.49
CA ALA A 19 7.58 2.36 1.67
C ALA A 19 6.69 3.37 2.39
N LEU A 20 5.88 2.85 3.32
CA LEU A 20 4.98 3.67 4.10
C LEU A 20 5.72 4.32 5.26
N ALA A 21 6.75 3.64 5.73
CA ALA A 21 7.56 4.15 6.83
C ALA A 21 8.13 5.53 6.51
N GLY A 22 8.06 6.43 7.47
CA GLY A 22 8.58 7.78 7.25
C GLY A 22 7.48 8.83 7.24
N ALA A 23 6.31 8.45 6.74
CA ALA A 23 5.17 9.37 6.66
C ALA A 23 4.89 10.02 8.01
N ASP A 24 3.82 10.81 8.04
CA ASP A 24 3.39 11.47 9.27
C ASP A 24 3.09 10.39 10.32
N PHE A 25 1.87 10.34 10.86
CA PHE A 25 1.57 9.27 11.80
C PHE A 25 1.76 7.96 11.04
N PRO A 26 1.42 6.80 11.60
CA PRO A 26 1.59 5.56 10.85
C PRO A 26 0.61 5.44 9.67
N ILE A 27 0.70 6.39 8.69
CA ILE A 27 -0.14 6.39 7.47
C ILE A 27 -1.18 7.54 7.37
N ASN A 28 -0.71 8.78 7.28
CA ASN A 28 -1.60 9.94 7.13
C ASN A 28 -2.38 9.89 5.83
N SER A 29 -3.25 8.91 5.67
CA SER A 29 -4.02 8.79 4.44
C SER A 29 -3.05 8.62 3.27
N PRO A 30 -3.48 8.01 2.19
CA PRO A 30 -2.61 7.81 1.04
C PRO A 30 -1.88 9.08 0.62
N GLU A 31 -2.53 10.22 0.77
CA GLU A 31 -1.91 11.49 0.40
C GLU A 31 -0.53 11.62 1.08
N GLU A 32 -0.53 11.54 2.40
CA GLU A 32 0.70 11.67 3.17
C GLU A 32 1.60 10.45 3.07
N LEU A 33 1.07 9.29 3.46
CA LEU A 33 1.86 8.07 3.42
C LEU A 33 2.53 7.94 2.07
N MET A 34 1.79 8.30 1.01
CA MET A 34 2.33 8.28 -0.34
C MET A 34 3.45 9.31 -0.42
N ALA A 35 3.28 10.43 0.29
CA ALA A 35 4.29 11.47 0.28
C ALA A 35 5.56 11.00 0.98
N ALA A 36 5.39 10.06 1.91
CA ALA A 36 6.50 9.52 2.68
C ALA A 36 7.41 8.63 1.85
N LEU A 37 6.81 7.77 1.03
CA LEU A 37 7.58 6.83 0.20
C LEU A 37 8.88 7.47 -0.33
N PRO A 38 9.97 6.68 -0.32
CA PRO A 38 11.30 7.13 -0.78
C PRO A 38 11.28 7.84 -2.13
N ASN A 39 10.35 7.44 -2.98
CA ASN A 39 10.24 8.04 -4.31
C ASN A 39 9.67 9.45 -4.25
N GLY A 40 8.92 9.74 -3.20
CA GLY A 40 8.34 11.06 -3.04
C GLY A 40 6.84 11.06 -3.18
N PRO A 41 6.31 10.90 -4.42
CA PRO A 41 4.87 10.88 -4.64
C PRO A 41 4.24 9.58 -4.16
N ASP A 42 4.77 8.46 -4.66
CA ASP A 42 4.29 7.15 -4.29
C ASP A 42 4.92 6.06 -5.16
N THR A 43 5.95 5.40 -4.64
CA THR A 43 6.62 4.33 -5.38
C THR A 43 5.84 3.03 -5.27
N THR A 44 5.65 2.36 -6.41
CA THR A 44 4.93 1.10 -6.42
C THR A 44 5.90 -0.08 -6.42
N CYS A 45 5.74 -0.95 -5.42
CA CYS A 45 6.58 -2.13 -5.30
C CYS A 45 6.20 -3.14 -6.38
N LYS A 46 6.42 -2.76 -7.64
CA LYS A 46 6.08 -3.60 -8.76
C LYS A 46 7.08 -4.74 -8.93
N SER A 47 6.59 -5.86 -9.44
CA SER A 47 7.42 -7.05 -9.66
C SER A 47 6.80 -7.92 -10.75
N GLY A 48 7.62 -8.30 -11.73
CA GLY A 48 7.13 -9.13 -12.81
C GLY A 48 6.01 -8.46 -13.59
N ASP A 49 6.24 -7.20 -13.97
CA ASP A 49 5.26 -6.42 -14.73
C ASP A 49 4.15 -5.85 -13.83
N VAL A 50 3.71 -6.64 -12.85
CA VAL A 50 2.66 -6.20 -11.94
C VAL A 50 3.14 -5.04 -11.05
N GLU A 51 2.30 -4.02 -10.92
CA GLU A 51 2.63 -2.85 -10.10
C GLU A 51 1.52 -2.58 -9.10
N LEU A 52 1.89 -2.36 -7.85
CA LEU A 52 0.92 -2.07 -6.80
C LEU A 52 1.41 -0.95 -5.88
N LYS A 53 0.51 -0.02 -5.59
CA LYS A 53 0.81 1.10 -4.74
C LYS A 53 -0.47 1.78 -4.25
N ALA A 54 -0.35 2.99 -3.73
CA ALA A 54 -1.50 3.73 -3.23
C ALA A 54 -2.31 4.33 -4.37
N SER A 55 -1.61 4.88 -5.36
CA SER A 55 -2.28 5.49 -6.49
C SER A 55 -3.08 4.44 -7.27
N ASP A 56 -2.47 3.30 -7.52
CA ASP A 56 -3.12 2.21 -8.26
C ASP A 56 -4.19 1.54 -7.40
N ALA A 57 -3.81 1.12 -6.20
CA ALA A 57 -4.73 0.43 -5.30
C ALA A 57 -5.36 1.37 -4.28
N GLY A 58 -4.53 2.18 -3.63
CA GLY A 58 -5.02 3.11 -2.61
C GLY A 58 -6.28 3.86 -3.03
N GLN A 59 -6.45 4.07 -4.33
CA GLN A 59 -7.62 4.79 -4.84
C GLN A 59 -8.91 4.33 -4.15
N VAL A 60 -8.94 3.06 -3.79
CA VAL A 60 -10.10 2.48 -3.14
C VAL A 60 -10.34 3.08 -1.75
N LEU A 61 -9.27 3.45 -1.06
CA LEU A 61 -9.38 4.06 0.26
C LEU A 61 -9.97 5.47 0.16
N THR A 62 -11.07 5.71 0.87
CA THR A 62 -11.72 7.02 0.85
C THR A 62 -11.02 8.02 1.76
N ALA A 63 -11.58 9.21 1.86
CA ALA A 63 -11.01 10.27 2.70
C ALA A 63 -11.11 9.93 4.19
N ASP A 64 -12.26 9.41 4.60
CA ASP A 64 -12.47 9.05 5.99
C ASP A 64 -11.38 8.11 6.51
N ASP A 65 -10.74 7.40 5.58
CA ASP A 65 -9.68 6.45 5.93
C ASP A 65 -8.40 7.15 6.40
N PHE A 66 -8.41 8.48 6.49
CA PHE A 66 -7.21 9.21 6.91
C PHE A 66 -6.51 8.52 8.08
N PRO A 67 -7.17 8.44 9.25
CA PRO A 67 -6.60 7.78 10.43
C PRO A 67 -6.53 6.26 10.26
N PHE A 68 -5.59 5.81 9.46
CA PHE A 68 -5.41 4.39 9.20
C PHE A 68 -4.73 3.68 10.35
N LYS A 69 -5.19 2.46 10.63
CA LYS A 69 -4.62 1.64 11.71
C LYS A 69 -3.19 1.23 11.38
N SER A 70 -2.29 2.20 11.41
CA SER A 70 -0.89 1.96 11.14
C SER A 70 -0.67 1.36 9.75
N ALA A 71 0.57 1.45 9.28
CA ALA A 71 0.95 0.93 7.97
C ALA A 71 0.52 -0.52 7.79
N GLU A 72 0.48 -1.26 8.88
CA GLU A 72 0.10 -2.66 8.83
C GLU A 72 -1.28 -2.83 8.21
N GLU A 73 -2.27 -2.06 8.67
CA GLU A 73 -3.62 -2.20 8.12
C GLU A 73 -3.69 -1.62 6.71
N VAL A 74 -2.98 -0.53 6.48
CA VAL A 74 -2.96 0.10 5.17
C VAL A 74 -2.40 -0.84 4.12
N ALA A 75 -1.44 -1.66 4.52
CA ALA A 75 -0.82 -2.61 3.62
C ALA A 75 -1.81 -3.72 3.22
N ASP A 76 -2.32 -4.44 4.21
CA ASP A 76 -3.26 -5.53 3.96
C ASP A 76 -4.57 -5.01 3.36
N THR A 77 -5.05 -3.90 3.88
CA THR A 77 -6.29 -3.30 3.40
C THR A 77 -6.25 -3.02 1.90
N ILE A 78 -5.17 -2.42 1.44
CA ILE A 78 -5.02 -2.10 0.02
C ILE A 78 -5.00 -3.35 -0.85
N VAL A 79 -4.14 -4.31 -0.51
CA VAL A 79 -4.05 -5.55 -1.28
C VAL A 79 -5.41 -6.22 -1.44
N ASN A 80 -6.16 -6.28 -0.34
CA ASN A 80 -7.47 -6.92 -0.37
C ASN A 80 -8.40 -6.27 -1.40
N LYS A 81 -8.47 -4.95 -1.37
CA LYS A 81 -9.31 -4.20 -2.31
C LYS A 81 -8.72 -4.18 -3.71
N ALA A 82 -7.41 -4.00 -3.80
CA ALA A 82 -6.73 -3.93 -5.09
C ALA A 82 -6.75 -5.25 -5.84
N GLY A 83 -6.76 -6.37 -5.12
CA GLY A 83 -6.79 -7.66 -5.78
C GLY A 83 -6.18 -8.77 -4.95
N LEU A 84 -4.96 -8.56 -4.52
CA LEU A 84 -4.23 -9.54 -3.73
C LEU A 84 -4.93 -9.82 -2.41
#